data_5J1U
# 
_entry.id   5J1U 
# 
_audit_conform.dict_name       mmcif_pdbx.dic 
_audit_conform.dict_version    5.383 
_audit_conform.dict_location   http://mmcif.pdb.org/dictionaries/ascii/mmcif_pdbx.dic 
# 
loop_
_database_2.database_id 
_database_2.database_code 
_database_2.pdbx_database_accession 
_database_2.pdbx_DOI 
PDB   5J1U         pdb_00005j1u 10.2210/pdb5j1u/pdb 
WWPDB D_1000219824 ?            ?                   
# 
loop_
_pdbx_audit_revision_history.ordinal 
_pdbx_audit_revision_history.data_content_type 
_pdbx_audit_revision_history.major_revision 
_pdbx_audit_revision_history.minor_revision 
_pdbx_audit_revision_history.revision_date 
1 'Structure model' 1 0 2017-04-05 
2 'Structure model' 1 1 2017-04-19 
3 'Structure model' 1 2 2017-05-31 
4 'Structure model' 1 3 2017-09-13 
5 'Structure model' 1 4 2024-01-10 
# 
_pdbx_audit_revision_details.ordinal             1 
_pdbx_audit_revision_details.revision_ordinal    1 
_pdbx_audit_revision_details.data_content_type   'Structure model' 
_pdbx_audit_revision_details.provider            repository 
_pdbx_audit_revision_details.type                'Initial release' 
_pdbx_audit_revision_details.description         ? 
_pdbx_audit_revision_details.details             ? 
# 
loop_
_pdbx_audit_revision_group.ordinal 
_pdbx_audit_revision_group.revision_ordinal 
_pdbx_audit_revision_group.data_content_type 
_pdbx_audit_revision_group.group 
1 2 'Structure model' 'Database references'        
2 3 'Structure model' 'Database references'        
3 4 'Structure model' 'Author supporting evidence' 
4 5 'Structure model' 'Data collection'            
5 5 'Structure model' 'Database references'        
6 5 'Structure model' 'Refinement description'     
# 
loop_
_pdbx_audit_revision_category.ordinal 
_pdbx_audit_revision_category.revision_ordinal 
_pdbx_audit_revision_category.data_content_type 
_pdbx_audit_revision_category.category 
1 4 'Structure model' pdbx_audit_support            
2 5 'Structure model' chem_comp_atom                
3 5 'Structure model' chem_comp_bond                
4 5 'Structure model' database_2                    
5 5 'Structure model' pdbx_initial_refinement_model 
# 
loop_
_pdbx_audit_revision_item.ordinal 
_pdbx_audit_revision_item.revision_ordinal 
_pdbx_audit_revision_item.data_content_type 
_pdbx_audit_revision_item.item 
1 4 'Structure model' '_pdbx_audit_support.funding_organization' 
2 5 'Structure model' '_database_2.pdbx_DOI'                     
3 5 'Structure model' '_database_2.pdbx_database_accession'      
# 
_pdbx_database_status.status_code                     REL 
_pdbx_database_status.status_code_sf                  REL 
_pdbx_database_status.status_code_mr                  ? 
_pdbx_database_status.entry_id                        5J1U 
_pdbx_database_status.recvd_initial_deposition_date   2016-03-29 
_pdbx_database_status.SG_entry                        N 
_pdbx_database_status.deposit_site                    RCSB 
_pdbx_database_status.process_site                    PDBE 
_pdbx_database_status.status_code_cs                  ? 
_pdbx_database_status.methods_development_category    ? 
_pdbx_database_status.pdb_format_compatible           Y 
_pdbx_database_status.status_code_nmr_data            ? 
# 
loop_
_audit_author.name 
_audit_author.pdbx_ordinal 
'Blaszczyk, M.'   1 
'Surade, S.'      2 
'Nikiforov, P.O.' 3 
'Abell, C.'       4 
'Blundell, T.L.'  5 
# 
_citation.abstract                  ? 
_citation.abstract_id_CAS           ? 
_citation.book_id_ISBN              ? 
_citation.book_publisher            ? 
_citation.book_publisher_city       ? 
_citation.book_title                ? 
_citation.coordinate_linkage        ? 
_citation.country                   US 
_citation.database_id_Medline       ? 
_citation.details                   ? 
_citation.id                        primary 
_citation.journal_abbrev            'ACS Chem. Biol.' 
_citation.journal_id_ASTM           ? 
_citation.journal_id_CSD            ? 
_citation.journal_id_ISSN           1554-8937 
_citation.journal_full              ? 
_citation.journal_issue             ? 
_citation.journal_volume            12 
_citation.language                  ? 
_citation.page_first                1390 
_citation.page_last                 1396 
_citation.title                     
;Fragment-Sized EthR Inhibitors Exhibit Exceptionally Strong Ethionamide Boosting Effect in Whole-Cell Mycobacterium tuberculosis Assays.
;
_citation.year                      2017 
_citation.database_id_CSD           ? 
_citation.pdbx_database_id_DOI      10.1021/acschembio.7b00091 
_citation.pdbx_database_id_PubMed   28314097 
_citation.unpublished_flag          ? 
# 
loop_
_citation_author.citation_id 
_citation_author.name 
_citation_author.ordinal 
_citation_author.identifier_ORCID 
primary 'Nikiforov, P.O.' 1  ? 
primary 'Blaszczyk, M.'   2  ? 
primary 'Surade, S.'      3  ? 
primary 'Boshoff, H.I.'   4  ? 
primary 'Sajid, A.'       5  ? 
primary 'Delorme, V.'     6  ? 
primary 'Deboosere, N.'   7  ? 
primary 'Brodin, P.'      8  ? 
primary 'Baulard, A.R.'   9  ? 
primary 'Barry, C.E.'     10 ? 
primary 'Blundell, T.L.'  11 ? 
primary 'Abell, C.'       12 ? 
# 
loop_
_entity.id 
_entity.type 
_entity.src_method 
_entity.pdbx_description 
_entity.formula_weight 
_entity.pdbx_number_of_molecules 
_entity.pdbx_ec 
_entity.pdbx_mutation 
_entity.pdbx_fragment 
_entity.details 
1 polymer     man EthR                                              23781.705 1  ? ? ? ? 
2 non-polymer syn 'N-[(furan-3-yl)methyl]pyrrolidine-1-carboxamide' 194.230   1  ? ? ? ? 
3 water       nat water                                             18.015    35 ? ? ? ? 
# 
_entity_name_com.entity_id   1 
_entity_name_com.name        'Mutant monooxygenase EthR,TetR family transcriptional regulator' 
# 
_entity_poly.entity_id                      1 
_entity_poly.type                           'polypeptide(L)' 
_entity_poly.nstd_linkage                   no 
_entity_poly.nstd_monomer                   no 
_entity_poly.pdbx_seq_one_letter_code       
;MTTSAASQASLPRGRRTARPSGDDRELAILATAENLLEDRPLADISVDDLAKGAGISRPTFYFYFPSKEAVLLTLLDRVV
NQADMALQTLAENPADTDRENMWRTGINVFFETFGSHKAVTRAGQAARATSVEVAELWSTFMQKWIAYTAAVIDAERDRG
AAPRTLPAHELATALNLMNERTLFASFAGEQPSVPEARVLDTLVHIWVTSIYGENR
;
_entity_poly.pdbx_seq_one_letter_code_can   
;MTTSAASQASLPRGRRTARPSGDDRELAILATAENLLEDRPLADISVDDLAKGAGISRPTFYFYFPSKEAVLLTLLDRVV
NQADMALQTLAENPADTDRENMWRTGINVFFETFGSHKAVTRAGQAARATSVEVAELWSTFMQKWIAYTAAVIDAERDRG
AAPRTLPAHELATALNLMNERTLFASFAGEQPSVPEARVLDTLVHIWVTSIYGENR
;
_entity_poly.pdbx_strand_id                 A 
_entity_poly.pdbx_target_identifier         ? 
# 
loop_
_pdbx_entity_nonpoly.entity_id 
_pdbx_entity_nonpoly.name 
_pdbx_entity_nonpoly.comp_id 
2 'N-[(furan-3-yl)methyl]pyrrolidine-1-carboxamide' P93 
3 water                                             HOH 
# 
loop_
_entity_poly_seq.entity_id 
_entity_poly_seq.num 
_entity_poly_seq.mon_id 
_entity_poly_seq.hetero 
1 1   MET n 
1 2   THR n 
1 3   THR n 
1 4   SER n 
1 5   ALA n 
1 6   ALA n 
1 7   SER n 
1 8   GLN n 
1 9   ALA n 
1 10  SER n 
1 11  LEU n 
1 12  PRO n 
1 13  ARG n 
1 14  GLY n 
1 15  ARG n 
1 16  ARG n 
1 17  THR n 
1 18  ALA n 
1 19  ARG n 
1 20  PRO n 
1 21  SER n 
1 22  GLY n 
1 23  ASP n 
1 24  ASP n 
1 25  ARG n 
1 26  GLU n 
1 27  LEU n 
1 28  ALA n 
1 29  ILE n 
1 30  LEU n 
1 31  ALA n 
1 32  THR n 
1 33  ALA n 
1 34  GLU n 
1 35  ASN n 
1 36  LEU n 
1 37  LEU n 
1 38  GLU n 
1 39  ASP n 
1 40  ARG n 
1 41  PRO n 
1 42  LEU n 
1 43  ALA n 
1 44  ASP n 
1 45  ILE n 
1 46  SER n 
1 47  VAL n 
1 48  ASP n 
1 49  ASP n 
1 50  LEU n 
1 51  ALA n 
1 52  LYS n 
1 53  GLY n 
1 54  ALA n 
1 55  GLY n 
1 56  ILE n 
1 57  SER n 
1 58  ARG n 
1 59  PRO n 
1 60  THR n 
1 61  PHE n 
1 62  TYR n 
1 63  PHE n 
1 64  TYR n 
1 65  PHE n 
1 66  PRO n 
1 67  SER n 
1 68  LYS n 
1 69  GLU n 
1 70  ALA n 
1 71  VAL n 
1 72  LEU n 
1 73  LEU n 
1 74  THR n 
1 75  LEU n 
1 76  LEU n 
1 77  ASP n 
1 78  ARG n 
1 79  VAL n 
1 80  VAL n 
1 81  ASN n 
1 82  GLN n 
1 83  ALA n 
1 84  ASP n 
1 85  MET n 
1 86  ALA n 
1 87  LEU n 
1 88  GLN n 
1 89  THR n 
1 90  LEU n 
1 91  ALA n 
1 92  GLU n 
1 93  ASN n 
1 94  PRO n 
1 95  ALA n 
1 96  ASP n 
1 97  THR n 
1 98  ASP n 
1 99  ARG n 
1 100 GLU n 
1 101 ASN n 
1 102 MET n 
1 103 TRP n 
1 104 ARG n 
1 105 THR n 
1 106 GLY n 
1 107 ILE n 
1 108 ASN n 
1 109 VAL n 
1 110 PHE n 
1 111 PHE n 
1 112 GLU n 
1 113 THR n 
1 114 PHE n 
1 115 GLY n 
1 116 SER n 
1 117 HIS n 
1 118 LYS n 
1 119 ALA n 
1 120 VAL n 
1 121 THR n 
1 122 ARG n 
1 123 ALA n 
1 124 GLY n 
1 125 GLN n 
1 126 ALA n 
1 127 ALA n 
1 128 ARG n 
1 129 ALA n 
1 130 THR n 
1 131 SER n 
1 132 VAL n 
1 133 GLU n 
1 134 VAL n 
1 135 ALA n 
1 136 GLU n 
1 137 LEU n 
1 138 TRP n 
1 139 SER n 
1 140 THR n 
1 141 PHE n 
1 142 MET n 
1 143 GLN n 
1 144 LYS n 
1 145 TRP n 
1 146 ILE n 
1 147 ALA n 
1 148 TYR n 
1 149 THR n 
1 150 ALA n 
1 151 ALA n 
1 152 VAL n 
1 153 ILE n 
1 154 ASP n 
1 155 ALA n 
1 156 GLU n 
1 157 ARG n 
1 158 ASP n 
1 159 ARG n 
1 160 GLY n 
1 161 ALA n 
1 162 ALA n 
1 163 PRO n 
1 164 ARG n 
1 165 THR n 
1 166 LEU n 
1 167 PRO n 
1 168 ALA n 
1 169 HIS n 
1 170 GLU n 
1 171 LEU n 
1 172 ALA n 
1 173 THR n 
1 174 ALA n 
1 175 LEU n 
1 176 ASN n 
1 177 LEU n 
1 178 MET n 
1 179 ASN n 
1 180 GLU n 
1 181 ARG n 
1 182 THR n 
1 183 LEU n 
1 184 PHE n 
1 185 ALA n 
1 186 SER n 
1 187 PHE n 
1 188 ALA n 
1 189 GLY n 
1 190 GLU n 
1 191 GLN n 
1 192 PRO n 
1 193 SER n 
1 194 VAL n 
1 195 PRO n 
1 196 GLU n 
1 197 ALA n 
1 198 ARG n 
1 199 VAL n 
1 200 LEU n 
1 201 ASP n 
1 202 THR n 
1 203 LEU n 
1 204 VAL n 
1 205 HIS n 
1 206 ILE n 
1 207 TRP n 
1 208 VAL n 
1 209 THR n 
1 210 SER n 
1 211 ILE n 
1 212 TYR n 
1 213 GLY n 
1 214 GLU n 
1 215 ASN n 
1 216 ARG n 
# 
_entity_src_gen.entity_id                          1 
_entity_src_gen.pdbx_src_id                        1 
_entity_src_gen.pdbx_alt_source_flag               sample 
_entity_src_gen.pdbx_seq_type                      'Biological sequence' 
_entity_src_gen.pdbx_beg_seq_num                   1 
_entity_src_gen.pdbx_end_seq_num                   216 
_entity_src_gen.gene_src_common_name               ? 
_entity_src_gen.gene_src_genus                     ? 
_entity_src_gen.pdbx_gene_src_gene                 
;ethR_2, ethR, ethR_1, AFL40_4013, BN1213_00375, BN1303_02839, ERS007657_00006, ERS007665_03402, ERS007670_00101, ERS007672_00126, ERS007679_01009, ERS007681_01169, ERS007688_00760, ERS007703_00420, ERS007722_01164, ERS007741_02569, ERS013447_02283, ERS013471_02551, ERS023446_02032, ERS024213_01441, ERS024276_01130, ERS027644_00684, ERS027646_02322, ERS027654_00374, ERS027656_00876, ERS031537_01716, ERS075357_02728, ERS075361_00362, ERS075387_01097, ERS124361_02860, IQ38_20160, IQ40_19545, IQ45_19480, IQ47_19420, IU13_19735, IU16_19625
;
_entity_src_gen.gene_src_species                   ? 
_entity_src_gen.gene_src_strain                    ? 
_entity_src_gen.gene_src_tissue                    ? 
_entity_src_gen.gene_src_tissue_fraction           ? 
_entity_src_gen.gene_src_details                   ? 
_entity_src_gen.pdbx_gene_src_fragment             ? 
_entity_src_gen.pdbx_gene_src_scientific_name      'Mycobacterium tuberculosis' 
_entity_src_gen.pdbx_gene_src_ncbi_taxonomy_id     1773 
_entity_src_gen.pdbx_gene_src_variant              ? 
_entity_src_gen.pdbx_gene_src_cell_line            ? 
_entity_src_gen.pdbx_gene_src_atcc                 ? 
_entity_src_gen.pdbx_gene_src_organ                ? 
_entity_src_gen.pdbx_gene_src_organelle            ? 
_entity_src_gen.pdbx_gene_src_cell                 ? 
_entity_src_gen.pdbx_gene_src_cellular_location    ? 
_entity_src_gen.host_org_common_name               ? 
_entity_src_gen.pdbx_host_org_scientific_name      'Escherichia coli' 
_entity_src_gen.pdbx_host_org_ncbi_taxonomy_id     562 
_entity_src_gen.host_org_genus                     ? 
_entity_src_gen.pdbx_host_org_gene                 ? 
_entity_src_gen.pdbx_host_org_organ                ? 
_entity_src_gen.host_org_species                   ? 
_entity_src_gen.pdbx_host_org_tissue               ? 
_entity_src_gen.pdbx_host_org_tissue_fraction      ? 
_entity_src_gen.pdbx_host_org_strain               ? 
_entity_src_gen.pdbx_host_org_variant              ? 
_entity_src_gen.pdbx_host_org_cell_line            ? 
_entity_src_gen.pdbx_host_org_atcc                 ? 
_entity_src_gen.pdbx_host_org_culture_collection   ? 
_entity_src_gen.pdbx_host_org_cell                 ? 
_entity_src_gen.pdbx_host_org_organelle            ? 
_entity_src_gen.pdbx_host_org_cellular_location    ? 
_entity_src_gen.pdbx_host_org_vector_type          ? 
_entity_src_gen.pdbx_host_org_vector               ? 
_entity_src_gen.host_org_details                   ? 
_entity_src_gen.expression_system_id               ? 
_entity_src_gen.plasmid_name                       ? 
_entity_src_gen.plasmid_details                    ? 
_entity_src_gen.pdbx_description                   ? 
# 
loop_
_chem_comp.id 
_chem_comp.type 
_chem_comp.mon_nstd_flag 
_chem_comp.name 
_chem_comp.pdbx_synonyms 
_chem_comp.formula 
_chem_comp.formula_weight 
ALA 'L-peptide linking' y ALANINE                                           ? 'C3 H7 N O2'     89.093  
ARG 'L-peptide linking' y ARGININE                                          ? 'C6 H15 N4 O2 1' 175.209 
ASN 'L-peptide linking' y ASPARAGINE                                        ? 'C4 H8 N2 O3'    132.118 
ASP 'L-peptide linking' y 'ASPARTIC ACID'                                   ? 'C4 H7 N O4'     133.103 
GLN 'L-peptide linking' y GLUTAMINE                                         ? 'C5 H10 N2 O3'   146.144 
GLU 'L-peptide linking' y 'GLUTAMIC ACID'                                   ? 'C5 H9 N O4'     147.129 
GLY 'peptide linking'   y GLYCINE                                           ? 'C2 H5 N O2'     75.067  
HIS 'L-peptide linking' y HISTIDINE                                         ? 'C6 H10 N3 O2 1' 156.162 
HOH non-polymer         . WATER                                             ? 'H2 O'           18.015  
ILE 'L-peptide linking' y ISOLEUCINE                                        ? 'C6 H13 N O2'    131.173 
LEU 'L-peptide linking' y LEUCINE                                           ? 'C6 H13 N O2'    131.173 
LYS 'L-peptide linking' y LYSINE                                            ? 'C6 H15 N2 O2 1' 147.195 
MET 'L-peptide linking' y METHIONINE                                        ? 'C5 H11 N O2 S'  149.211 
P93 non-polymer         . 'N-[(furan-3-yl)methyl]pyrrolidine-1-carboxamide' ? 'C10 H14 N2 O2'  194.230 
PHE 'L-peptide linking' y PHENYLALANINE                                     ? 'C9 H11 N O2'    165.189 
PRO 'L-peptide linking' y PROLINE                                           ? 'C5 H9 N O2'     115.130 
SER 'L-peptide linking' y SERINE                                            ? 'C3 H7 N O3'     105.093 
THR 'L-peptide linking' y THREONINE                                         ? 'C4 H9 N O3'     119.119 
TRP 'L-peptide linking' y TRYPTOPHAN                                        ? 'C11 H12 N2 O2'  204.225 
TYR 'L-peptide linking' y TYROSINE                                          ? 'C9 H11 N O3'    181.189 
VAL 'L-peptide linking' y VALINE                                            ? 'C5 H11 N O2'    117.146 
# 
loop_
_pdbx_poly_seq_scheme.asym_id 
_pdbx_poly_seq_scheme.entity_id 
_pdbx_poly_seq_scheme.seq_id 
_pdbx_poly_seq_scheme.mon_id 
_pdbx_poly_seq_scheme.ndb_seq_num 
_pdbx_poly_seq_scheme.pdb_seq_num 
_pdbx_poly_seq_scheme.auth_seq_num 
_pdbx_poly_seq_scheme.pdb_mon_id 
_pdbx_poly_seq_scheme.auth_mon_id 
_pdbx_poly_seq_scheme.pdb_strand_id 
_pdbx_poly_seq_scheme.pdb_ins_code 
_pdbx_poly_seq_scheme.hetero 
A 1 1   MET 1   1   ?   ?   ?   A . n 
A 1 2   THR 2   2   ?   ?   ?   A . n 
A 1 3   THR 3   3   ?   ?   ?   A . n 
A 1 4   SER 4   4   ?   ?   ?   A . n 
A 1 5   ALA 5   5   ?   ?   ?   A . n 
A 1 6   ALA 6   6   ?   ?   ?   A . n 
A 1 7   SER 7   7   ?   ?   ?   A . n 
A 1 8   GLN 8   8   ?   ?   ?   A . n 
A 1 9   ALA 9   9   ?   ?   ?   A . n 
A 1 10  SER 10  10  ?   ?   ?   A . n 
A 1 11  LEU 11  11  ?   ?   ?   A . n 
A 1 12  PRO 12  12  ?   ?   ?   A . n 
A 1 13  ARG 13  13  ?   ?   ?   A . n 
A 1 14  GLY 14  14  ?   ?   ?   A . n 
A 1 15  ARG 15  15  ?   ?   ?   A . n 
A 1 16  ARG 16  16  ?   ?   ?   A . n 
A 1 17  THR 17  17  ?   ?   ?   A . n 
A 1 18  ALA 18  18  ?   ?   ?   A . n 
A 1 19  ARG 19  19  ?   ?   ?   A . n 
A 1 20  PRO 20  20  ?   ?   ?   A . n 
A 1 21  SER 21  21  ?   ?   ?   A . n 
A 1 22  GLY 22  22  22  GLY GLY A . n 
A 1 23  ASP 23  23  23  ASP ASP A . n 
A 1 24  ASP 24  24  24  ASP ASP A . n 
A 1 25  ARG 25  25  25  ARG ARG A . n 
A 1 26  GLU 26  26  26  GLU GLU A . n 
A 1 27  LEU 27  27  27  LEU LEU A . n 
A 1 28  ALA 28  28  28  ALA ALA A . n 
A 1 29  ILE 29  29  29  ILE ILE A . n 
A 1 30  LEU 30  30  30  LEU LEU A . n 
A 1 31  ALA 31  31  31  ALA ALA A . n 
A 1 32  THR 32  32  32  THR THR A . n 
A 1 33  ALA 33  33  33  ALA ALA A . n 
A 1 34  GLU 34  34  34  GLU GLU A . n 
A 1 35  ASN 35  35  35  ASN ASN A . n 
A 1 36  LEU 36  36  36  LEU LEU A . n 
A 1 37  LEU 37  37  37  LEU LEU A . n 
A 1 38  GLU 38  38  38  GLU GLU A . n 
A 1 39  ASP 39  39  39  ASP ASP A . n 
A 1 40  ARG 40  40  40  ARG ARG A . n 
A 1 41  PRO 41  41  41  PRO PRO A . n 
A 1 42  LEU 42  42  42  LEU LEU A . n 
A 1 43  ALA 43  43  43  ALA ALA A . n 
A 1 44  ASP 44  44  44  ASP ASP A . n 
A 1 45  ILE 45  45  45  ILE ILE A . n 
A 1 46  SER 46  46  46  SER SER A . n 
A 1 47  VAL 47  47  47  VAL VAL A . n 
A 1 48  ASP 48  48  48  ASP ASP A . n 
A 1 49  ASP 49  49  49  ASP ASP A . n 
A 1 50  LEU 50  50  50  LEU LEU A . n 
A 1 51  ALA 51  51  51  ALA ALA A . n 
A 1 52  LYS 52  52  52  LYS LYS A . n 
A 1 53  GLY 53  53  53  GLY GLY A . n 
A 1 54  ALA 54  54  54  ALA ALA A . n 
A 1 55  GLY 55  55  55  GLY GLY A . n 
A 1 56  ILE 56  56  56  ILE ILE A . n 
A 1 57  SER 57  57  57  SER SER A . n 
A 1 58  ARG 58  58  58  ARG ARG A . n 
A 1 59  PRO 59  59  59  PRO PRO A . n 
A 1 60  THR 60  60  60  THR THR A . n 
A 1 61  PHE 61  61  61  PHE PHE A . n 
A 1 62  TYR 62  62  62  TYR TYR A . n 
A 1 63  PHE 63  63  63  PHE PHE A . n 
A 1 64  TYR 64  64  64  TYR TYR A . n 
A 1 65  PHE 65  65  65  PHE PHE A . n 
A 1 66  PRO 66  66  66  PRO PRO A . n 
A 1 67  SER 67  67  67  SER SER A . n 
A 1 68  LYS 68  68  68  LYS LYS A . n 
A 1 69  GLU 69  69  69  GLU GLU A . n 
A 1 70  ALA 70  70  70  ALA ALA A . n 
A 1 71  VAL 71  71  71  VAL VAL A . n 
A 1 72  LEU 72  72  72  LEU LEU A . n 
A 1 73  LEU 73  73  73  LEU LEU A . n 
A 1 74  THR 74  74  74  THR THR A . n 
A 1 75  LEU 75  75  75  LEU LEU A . n 
A 1 76  LEU 76  76  76  LEU LEU A . n 
A 1 77  ASP 77  77  77  ASP ASP A . n 
A 1 78  ARG 78  78  78  ARG ARG A . n 
A 1 79  VAL 79  79  79  VAL VAL A . n 
A 1 80  VAL 80  80  80  VAL VAL A . n 
A 1 81  ASN 81  81  81  ASN ASN A . n 
A 1 82  GLN 82  82  82  GLN GLN A . n 
A 1 83  ALA 83  83  83  ALA ALA A . n 
A 1 84  ASP 84  84  84  ASP ASP A . n 
A 1 85  MET 85  85  85  MET MET A . n 
A 1 86  ALA 86  86  86  ALA ALA A . n 
A 1 87  LEU 87  87  87  LEU LEU A . n 
A 1 88  GLN 88  88  88  GLN GLN A . n 
A 1 89  THR 89  89  89  THR THR A . n 
A 1 90  LEU 90  90  90  LEU LEU A . n 
A 1 91  ALA 91  91  91  ALA ALA A . n 
A 1 92  GLU 92  92  92  GLU GLU A . n 
A 1 93  ASN 93  93  93  ASN ASN A . n 
A 1 94  PRO 94  94  94  PRO PRO A . n 
A 1 95  ALA 95  95  95  ALA ALA A . n 
A 1 96  ASP 96  96  96  ASP ASP A . n 
A 1 97  THR 97  97  97  THR THR A . n 
A 1 98  ASP 98  98  98  ASP ASP A . n 
A 1 99  ARG 99  99  99  ARG ARG A . n 
A 1 100 GLU 100 100 100 GLU GLU A . n 
A 1 101 ASN 101 101 101 ASN ASN A . n 
A 1 102 MET 102 102 102 MET MET A . n 
A 1 103 TRP 103 103 103 TRP TRP A . n 
A 1 104 ARG 104 104 104 ARG ARG A . n 
A 1 105 THR 105 105 105 THR THR A . n 
A 1 106 GLY 106 106 106 GLY GLY A . n 
A 1 107 ILE 107 107 107 ILE ILE A . n 
A 1 108 ASN 108 108 108 ASN ASN A . n 
A 1 109 VAL 109 109 109 VAL VAL A . n 
A 1 110 PHE 110 110 110 PHE PHE A . n 
A 1 111 PHE 111 111 111 PHE PHE A . n 
A 1 112 GLU 112 112 112 GLU GLU A . n 
A 1 113 THR 113 113 113 THR THR A . n 
A 1 114 PHE 114 114 114 PHE PHE A . n 
A 1 115 GLY 115 115 115 GLY GLY A . n 
A 1 116 SER 116 116 116 SER SER A . n 
A 1 117 HIS 117 117 117 HIS HIS A . n 
A 1 118 LYS 118 118 118 LYS LYS A . n 
A 1 119 ALA 119 119 119 ALA ALA A . n 
A 1 120 VAL 120 120 120 VAL VAL A . n 
A 1 121 THR 121 121 121 THR THR A . n 
A 1 122 ARG 122 122 122 ARG ARG A . n 
A 1 123 ALA 123 123 123 ALA ALA A . n 
A 1 124 GLY 124 124 124 GLY GLY A . n 
A 1 125 GLN 125 125 125 GLN GLN A . n 
A 1 126 ALA 126 126 126 ALA ALA A . n 
A 1 127 ALA 127 127 127 ALA ALA A . n 
A 1 128 ARG 128 128 128 ARG ARG A . n 
A 1 129 ALA 129 129 129 ALA ALA A . n 
A 1 130 THR 130 130 130 THR THR A . n 
A 1 131 SER 131 131 131 SER SER A . n 
A 1 132 VAL 132 132 132 VAL VAL A . n 
A 1 133 GLU 133 133 133 GLU GLU A . n 
A 1 134 VAL 134 134 134 VAL VAL A . n 
A 1 135 ALA 135 135 135 ALA ALA A . n 
A 1 136 GLU 136 136 136 GLU GLU A . n 
A 1 137 LEU 137 137 137 LEU LEU A . n 
A 1 138 TRP 138 138 138 TRP TRP A . n 
A 1 139 SER 139 139 139 SER SER A . n 
A 1 140 THR 140 140 140 THR THR A . n 
A 1 141 PHE 141 141 141 PHE PHE A . n 
A 1 142 MET 142 142 142 MET MET A . n 
A 1 143 GLN 143 143 143 GLN GLN A . n 
A 1 144 LYS 144 144 144 LYS LYS A . n 
A 1 145 TRP 145 145 145 TRP TRP A . n 
A 1 146 ILE 146 146 146 ILE ILE A . n 
A 1 147 ALA 147 147 147 ALA ALA A . n 
A 1 148 TYR 148 148 148 TYR TYR A . n 
A 1 149 THR 149 149 149 THR THR A . n 
A 1 150 ALA 150 150 150 ALA ALA A . n 
A 1 151 ALA 151 151 151 ALA ALA A . n 
A 1 152 VAL 152 152 152 VAL VAL A . n 
A 1 153 ILE 153 153 153 ILE ILE A . n 
A 1 154 ASP 154 154 154 ASP ASP A . n 
A 1 155 ALA 155 155 155 ALA ALA A . n 
A 1 156 GLU 156 156 156 GLU GLU A . n 
A 1 157 ARG 157 157 157 ARG ARG A . n 
A 1 158 ASP 158 158 158 ASP ASP A . n 
A 1 159 ARG 159 159 159 ARG ARG A . n 
A 1 160 GLY 160 160 160 GLY GLY A . n 
A 1 161 ALA 161 161 161 ALA ALA A . n 
A 1 162 ALA 162 162 162 ALA ALA A . n 
A 1 163 PRO 163 163 163 PRO PRO A . n 
A 1 164 ARG 164 164 164 ARG ARG A . n 
A 1 165 THR 165 165 165 THR THR A . n 
A 1 166 LEU 166 166 166 LEU LEU A . n 
A 1 167 PRO 167 167 167 PRO PRO A . n 
A 1 168 ALA 168 168 168 ALA ALA A . n 
A 1 169 HIS 169 169 169 HIS HIS A . n 
A 1 170 GLU 170 170 170 GLU GLU A . n 
A 1 171 LEU 171 171 171 LEU LEU A . n 
A 1 172 ALA 172 172 172 ALA ALA A . n 
A 1 173 THR 173 173 173 THR THR A . n 
A 1 174 ALA 174 174 174 ALA ALA A . n 
A 1 175 LEU 175 175 175 LEU LEU A . n 
A 1 176 ASN 176 176 176 ASN ASN A . n 
A 1 177 LEU 177 177 177 LEU LEU A . n 
A 1 178 MET 178 178 178 MET MET A . n 
A 1 179 ASN 179 179 179 ASN ASN A . n 
A 1 180 GLU 180 180 180 GLU GLU A . n 
A 1 181 ARG 181 181 181 ARG ARG A . n 
A 1 182 THR 182 182 182 THR THR A . n 
A 1 183 LEU 183 183 183 LEU LEU A . n 
A 1 184 PHE 184 184 184 PHE PHE A . n 
A 1 185 ALA 185 185 185 ALA ALA A . n 
A 1 186 SER 186 186 186 SER SER A . n 
A 1 187 PHE 187 187 187 PHE PHE A . n 
A 1 188 ALA 188 188 188 ALA ALA A . n 
A 1 189 GLY 189 189 189 GLY GLY A . n 
A 1 190 GLU 190 190 190 GLU GLU A . n 
A 1 191 GLN 191 191 191 GLN GLN A . n 
A 1 192 PRO 192 192 192 PRO PRO A . n 
A 1 193 SER 193 193 193 SER SER A . n 
A 1 194 VAL 194 194 194 VAL VAL A . n 
A 1 195 PRO 195 195 195 PRO PRO A . n 
A 1 196 GLU 196 196 196 GLU GLU A . n 
A 1 197 ALA 197 197 197 ALA ALA A . n 
A 1 198 ARG 198 198 198 ARG ARG A . n 
A 1 199 VAL 199 199 199 VAL VAL A . n 
A 1 200 LEU 200 200 200 LEU LEU A . n 
A 1 201 ASP 201 201 201 ASP ASP A . n 
A 1 202 THR 202 202 202 THR THR A . n 
A 1 203 LEU 203 203 203 LEU LEU A . n 
A 1 204 VAL 204 204 204 VAL VAL A . n 
A 1 205 HIS 205 205 205 HIS HIS A . n 
A 1 206 ILE 206 206 206 ILE ILE A . n 
A 1 207 TRP 207 207 207 TRP TRP A . n 
A 1 208 VAL 208 208 208 VAL VAL A . n 
A 1 209 THR 209 209 209 THR THR A . n 
A 1 210 SER 210 210 210 SER SER A . n 
A 1 211 ILE 211 211 211 ILE ILE A . n 
A 1 212 TYR 212 212 212 TYR TYR A . n 
A 1 213 GLY 213 213 213 GLY GLY A . n 
A 1 214 GLU 214 214 214 GLU GLU A . n 
A 1 215 ASN 215 215 ?   ?   ?   A . n 
A 1 216 ARG 216 216 ?   ?   ?   A . n 
# 
loop_
_pdbx_nonpoly_scheme.asym_id 
_pdbx_nonpoly_scheme.entity_id 
_pdbx_nonpoly_scheme.mon_id 
_pdbx_nonpoly_scheme.ndb_seq_num 
_pdbx_nonpoly_scheme.pdb_seq_num 
_pdbx_nonpoly_scheme.auth_seq_num 
_pdbx_nonpoly_scheme.pdb_mon_id 
_pdbx_nonpoly_scheme.auth_mon_id 
_pdbx_nonpoly_scheme.pdb_strand_id 
_pdbx_nonpoly_scheme.pdb_ins_code 
B 2 P93 1  301 1  P93 p93 A . 
C 3 HOH 1  401 24 HOH HOH A . 
C 3 HOH 2  402 6  HOH HOH A . 
C 3 HOH 3  403 9  HOH HOH A . 
C 3 HOH 4  404 27 HOH HOH A . 
C 3 HOH 5  405 13 HOH HOH A . 
C 3 HOH 6  406 1  HOH HOH A . 
C 3 HOH 7  407 21 HOH HOH A . 
C 3 HOH 8  408 30 HOH HOH A . 
C 3 HOH 9  409 22 HOH HOH A . 
C 3 HOH 10 410 19 HOH HOH A . 
C 3 HOH 11 411 14 HOH HOH A . 
C 3 HOH 12 412 32 HOH HOH A . 
C 3 HOH 13 413 10 HOH HOH A . 
C 3 HOH 14 414 28 HOH HOH A . 
C 3 HOH 15 415 5  HOH HOH A . 
C 3 HOH 16 416 20 HOH HOH A . 
C 3 HOH 17 417 16 HOH HOH A . 
C 3 HOH 18 418 35 HOH HOH A . 
C 3 HOH 19 419 23 HOH HOH A . 
C 3 HOH 20 420 15 HOH HOH A . 
C 3 HOH 21 421 4  HOH HOH A . 
C 3 HOH 22 422 26 HOH HOH A . 
C 3 HOH 23 423 31 HOH HOH A . 
C 3 HOH 24 424 33 HOH HOH A . 
C 3 HOH 25 425 2  HOH HOH A . 
C 3 HOH 26 426 17 HOH HOH A . 
C 3 HOH 27 427 7  HOH HOH A . 
C 3 HOH 28 428 12 HOH HOH A . 
C 3 HOH 29 429 3  HOH HOH A . 
C 3 HOH 30 430 8  HOH HOH A . 
C 3 HOH 31 431 11 HOH HOH A . 
C 3 HOH 32 432 29 HOH HOH A . 
C 3 HOH 33 433 25 HOH HOH A . 
C 3 HOH 34 434 34 HOH HOH A . 
C 3 HOH 35 435 18 HOH HOH A . 
# 
loop_
_pdbx_unobs_or_zero_occ_atoms.id 
_pdbx_unobs_or_zero_occ_atoms.PDB_model_num 
_pdbx_unobs_or_zero_occ_atoms.polymer_flag 
_pdbx_unobs_or_zero_occ_atoms.occupancy_flag 
_pdbx_unobs_or_zero_occ_atoms.auth_asym_id 
_pdbx_unobs_or_zero_occ_atoms.auth_comp_id 
_pdbx_unobs_or_zero_occ_atoms.auth_seq_id 
_pdbx_unobs_or_zero_occ_atoms.PDB_ins_code 
_pdbx_unobs_or_zero_occ_atoms.auth_atom_id 
_pdbx_unobs_or_zero_occ_atoms.label_alt_id 
_pdbx_unobs_or_zero_occ_atoms.label_asym_id 
_pdbx_unobs_or_zero_occ_atoms.label_comp_id 
_pdbx_unobs_or_zero_occ_atoms.label_seq_id 
_pdbx_unobs_or_zero_occ_atoms.label_atom_id 
1  1 Y 1 A ASP 23  ? CG  ? A ASP 23  CG  
2  1 Y 1 A ASP 23  ? OD1 ? A ASP 23  OD1 
3  1 Y 1 A ASP 23  ? OD2 ? A ASP 23  OD2 
4  1 Y 1 A ARG 25  ? CD  ? A ARG 25  CD  
5  1 Y 1 A ARG 25  ? NE  ? A ARG 25  NE  
6  1 Y 1 A ARG 25  ? CZ  ? A ARG 25  CZ  
7  1 Y 1 A ARG 25  ? NH1 ? A ARG 25  NH1 
8  1 Y 1 A ARG 25  ? NH2 ? A ARG 25  NH2 
9  1 Y 1 A LYS 52  ? CG  ? A LYS 52  CG  
10 1 Y 1 A LYS 52  ? CD  ? A LYS 52  CD  
11 1 Y 1 A LYS 52  ? CE  ? A LYS 52  CE  
12 1 Y 1 A LYS 52  ? NZ  ? A LYS 52  NZ  
13 1 Y 1 A GLU 214 ? CD  ? A GLU 214 CD  
14 1 Y 1 A GLU 214 ? OE1 ? A GLU 214 OE1 
15 1 Y 1 A GLU 214 ? OE2 ? A GLU 214 OE2 
# 
loop_
_software.citation_id 
_software.classification 
_software.compiler_name 
_software.compiler_version 
_software.contact_author 
_software.contact_author_email 
_software.date 
_software.description 
_software.dependencies 
_software.hardware 
_software.language 
_software.location 
_software.mods 
_software.name 
_software.os 
_software.os_version 
_software.type 
_software.version 
_software.pdbx_ordinal 
? 'data scaling'    ? ? ? ? ? ? ? ? ? ? ? Aimless     ? ? ? 0.1.27   1 
? phasing           ? ? ? ? ? ? ? ? ? ? ? PHASER      ? ? ? .        2 
? refinement        ? ? ? ? ? ? ? ? ? ? ? REFMAC      ? ? ? 5.6.0117 3 
? 'data extraction' ? ? ? ? ? ? ? ? ? ? ? PDB_EXTRACT ? ? ? 3.20     4 
? 'data reduction'  ? ? ? ? ? ? ? ? ? ? ? xia2        ? ? ? .        5 
? phasing           ? ? ? ? ? ? ? ? ? ? ? PHASER      ? ? ? .        6 
# 
_cell.angle_alpha                  90.000 
_cell.angle_alpha_esd              ? 
_cell.angle_beta                   90.000 
_cell.angle_beta_esd               ? 
_cell.angle_gamma                  90.000 
_cell.angle_gamma_esd              ? 
_cell.entry_id                     5J1U 
_cell.details                      ? 
_cell.formula_units_Z              ? 
_cell.length_a                     121.376 
_cell.length_a_esd                 ? 
_cell.length_b                     121.376 
_cell.length_b_esd                 ? 
_cell.length_c                     33.718 
_cell.length_c_esd                 ? 
_cell.volume                       ? 
_cell.volume_esd                   ? 
_cell.Z_PDB                        8 
_cell.reciprocal_angle_alpha       ? 
_cell.reciprocal_angle_beta        ? 
_cell.reciprocal_angle_gamma       ? 
_cell.reciprocal_angle_alpha_esd   ? 
_cell.reciprocal_angle_beta_esd    ? 
_cell.reciprocal_angle_gamma_esd   ? 
_cell.reciprocal_length_a          ? 
_cell.reciprocal_length_b          ? 
_cell.reciprocal_length_c          ? 
_cell.reciprocal_length_a_esd      ? 
_cell.reciprocal_length_b_esd      ? 
_cell.reciprocal_length_c_esd      ? 
_cell.pdbx_unique_axis             ? 
# 
_symmetry.entry_id                         5J1U 
_symmetry.cell_setting                     ? 
_symmetry.Int_Tables_number                92 
_symmetry.space_group_name_Hall            ? 
_symmetry.space_group_name_H-M             'P 41 21 2' 
_symmetry.pdbx_full_space_group_name_H-M   ? 
# 
_exptl.absorpt_coefficient_mu     ? 
_exptl.absorpt_correction_T_max   ? 
_exptl.absorpt_correction_T_min   ? 
_exptl.absorpt_correction_type    ? 
_exptl.absorpt_process_details    ? 
_exptl.entry_id                   5J1U 
_exptl.crystals_number            1 
_exptl.details                    ? 
_exptl.method                     'X-RAY DIFFRACTION' 
_exptl.method_details             ? 
# 
_exptl_crystal.colour                      ? 
_exptl_crystal.density_diffrn              ? 
_exptl_crystal.density_Matthews            2.61 
_exptl_crystal.density_method              ? 
_exptl_crystal.density_percent_sol         52.89 
_exptl_crystal.description                 ? 
_exptl_crystal.F_000                       ? 
_exptl_crystal.id                          1 
_exptl_crystal.preparation                 ? 
_exptl_crystal.size_max                    ? 
_exptl_crystal.size_mid                    ? 
_exptl_crystal.size_min                    ? 
_exptl_crystal.size_rad                    ? 
_exptl_crystal.colour_lustre               ? 
_exptl_crystal.colour_modifier             ? 
_exptl_crystal.colour_primary              ? 
_exptl_crystal.density_meas                ? 
_exptl_crystal.density_meas_esd            ? 
_exptl_crystal.density_meas_gt             ? 
_exptl_crystal.density_meas_lt             ? 
_exptl_crystal.density_meas_temp           ? 
_exptl_crystal.density_meas_temp_esd       ? 
_exptl_crystal.density_meas_temp_gt        ? 
_exptl_crystal.density_meas_temp_lt        ? 
_exptl_crystal.pdbx_crystal_image_url      ? 
_exptl_crystal.pdbx_crystal_image_format   ? 
_exptl_crystal.pdbx_mosaicity              ? 
_exptl_crystal.pdbx_mosaicity_esd          ? 
# 
_exptl_crystal_grow.apparatus       ? 
_exptl_crystal_grow.atmosphere      ? 
_exptl_crystal_grow.crystal_id      1 
_exptl_crystal_grow.details         ? 
_exptl_crystal_grow.method          'VAPOR DIFFUSION, SITTING DROP' 
_exptl_crystal_grow.method_ref      ? 
_exptl_crystal_grow.pH              6.5 
_exptl_crystal_grow.pressure        ? 
_exptl_crystal_grow.pressure_esd    ? 
_exptl_crystal_grow.seeding         ? 
_exptl_crystal_grow.seeding_ref     ? 
_exptl_crystal_grow.temp            298 
_exptl_crystal_grow.temp_details    ? 
_exptl_crystal_grow.temp_esd        ? 
_exptl_crystal_grow.time            ? 
_exptl_crystal_grow.pdbx_details    'Ammonium sulphate, Glycerol, MES' 
_exptl_crystal_grow.pdbx_pH_range   '6.3 - 6.5' 
# 
_diffrn.ambient_environment    ? 
_diffrn.ambient_temp           100 
_diffrn.ambient_temp_details   ? 
_diffrn.ambient_temp_esd       ? 
_diffrn.crystal_id             1 
_diffrn.crystal_support        ? 
_diffrn.crystal_treatment      ? 
_diffrn.details                ? 
_diffrn.id                     1 
_diffrn.ambient_pressure       ? 
_diffrn.ambient_pressure_esd   ? 
_diffrn.ambient_pressure_gt    ? 
_diffrn.ambient_pressure_lt    ? 
_diffrn.ambient_temp_gt        ? 
_diffrn.ambient_temp_lt        ? 
# 
_diffrn_detector.details                      ? 
_diffrn_detector.detector                     CCD 
_diffrn_detector.diffrn_id                    1 
_diffrn_detector.type                         'ADSC QUANTUM 315' 
_diffrn_detector.area_resol_mean              ? 
_diffrn_detector.dtime                        ? 
_diffrn_detector.pdbx_frames_total            ? 
_diffrn_detector.pdbx_collection_time_total   ? 
_diffrn_detector.pdbx_collection_date         2013-02-09 
# 
_diffrn_radiation.collimation                      ? 
_diffrn_radiation.diffrn_id                        1 
_diffrn_radiation.filter_edge                      ? 
_diffrn_radiation.inhomogeneity                    ? 
_diffrn_radiation.monochromator                    ? 
_diffrn_radiation.polarisn_norm                    ? 
_diffrn_radiation.polarisn_ratio                   ? 
_diffrn_radiation.probe                            ? 
_diffrn_radiation.type                             ? 
_diffrn_radiation.xray_symbol                      ? 
_diffrn_radiation.wavelength_id                    1 
_diffrn_radiation.pdbx_monochromatic_or_laue_m_l   M 
_diffrn_radiation.pdbx_wavelength_list             ? 
_diffrn_radiation.pdbx_wavelength                  ? 
_diffrn_radiation.pdbx_diffrn_protocol             'SINGLE WAVELENGTH' 
_diffrn_radiation.pdbx_analyzer                    ? 
_diffrn_radiation.pdbx_scattering_type             x-ray 
# 
_diffrn_radiation_wavelength.id           1 
_diffrn_radiation_wavelength.wavelength   0.9830 
_diffrn_radiation_wavelength.wt           1.0 
# 
_diffrn_source.current                     ? 
_diffrn_source.details                     ? 
_diffrn_source.diffrn_id                   1 
_diffrn_source.power                       ? 
_diffrn_source.size                        ? 
_diffrn_source.source                      SYNCHROTRON 
_diffrn_source.target                      ? 
_diffrn_source.type                        'DIAMOND BEAMLINE I03' 
_diffrn_source.voltage                     ? 
_diffrn_source.take-off_angle              ? 
_diffrn_source.pdbx_wavelength_list        0.9830 
_diffrn_source.pdbx_wavelength             ? 
_diffrn_source.pdbx_synchrotron_beamline   I03 
_diffrn_source.pdbx_synchrotron_site       Diamond 
# 
_reflns.B_iso_Wilson_estimate            ? 
_reflns.entry_id                         5J1U 
_reflns.data_reduction_details           ? 
_reflns.data_reduction_method            ? 
_reflns.d_resolution_high                1.790 
_reflns.d_resolution_low                 85.840 
_reflns.details                          ? 
_reflns.limit_h_max                      ? 
_reflns.limit_h_min                      ? 
_reflns.limit_k_max                      ? 
_reflns.limit_k_min                      ? 
_reflns.limit_l_max                      ? 
_reflns.limit_l_min                      ? 
_reflns.number_all                       ? 
_reflns.number_obs                       24439 
_reflns.observed_criterion               ? 
_reflns.observed_criterion_F_max         ? 
_reflns.observed_criterion_F_min         ? 
_reflns.observed_criterion_I_max         ? 
_reflns.observed_criterion_I_min         ? 
_reflns.observed_criterion_sigma_F       ? 
_reflns.observed_criterion_sigma_I       ? 
_reflns.percent_possible_obs             99.900 
_reflns.R_free_details                   ? 
_reflns.Rmerge_F_all                     ? 
_reflns.Rmerge_F_obs                     ? 
_reflns.Friedel_coverage                 ? 
_reflns.number_gt                        ? 
_reflns.threshold_expression             ? 
_reflns.pdbx_redundancy                  12.600 
_reflns.pdbx_Rmerge_I_obs                0.069 
_reflns.pdbx_Rmerge_I_all                ? 
_reflns.pdbx_Rsym_value                  ? 
_reflns.pdbx_netI_over_av_sigmaI         ? 
_reflns.pdbx_netI_over_sigmaI            22.500 
_reflns.pdbx_res_netI_over_av_sigmaI_2   ? 
_reflns.pdbx_res_netI_over_sigmaI_2      ? 
_reflns.pdbx_chi_squared                 ? 
_reflns.pdbx_scaling_rejects             2 
_reflns.pdbx_d_res_high_opt              ? 
_reflns.pdbx_d_res_low_opt               ? 
_reflns.pdbx_d_res_opt_method            ? 
_reflns.phase_calculation_details        ? 
_reflns.pdbx_Rrim_I_all                  0.072 
_reflns.pdbx_Rpim_I_all                  0.020 
_reflns.pdbx_d_opt                       ? 
_reflns.pdbx_number_measured_all         307350 
_reflns.pdbx_diffrn_id                   1 
_reflns.pdbx_ordinal                     1 
_reflns.pdbx_CC_half                     0.999 
_reflns.pdbx_R_split                     ? 
# 
loop_
_reflns_shell.d_res_high 
_reflns_shell.d_res_low 
_reflns_shell.meanI_over_sigI_all 
_reflns_shell.meanI_over_sigI_obs 
_reflns_shell.number_measured_all 
_reflns_shell.number_measured_obs 
_reflns_shell.number_possible 
_reflns_shell.number_unique_all 
_reflns_shell.number_unique_obs 
_reflns_shell.percent_possible_all 
_reflns_shell.percent_possible_obs 
_reflns_shell.Rmerge_F_all 
_reflns_shell.Rmerge_F_obs 
_reflns_shell.Rmerge_I_all 
_reflns_shell.Rmerge_I_obs 
_reflns_shell.meanI_over_sigI_gt 
_reflns_shell.meanI_over_uI_all 
_reflns_shell.meanI_over_uI_gt 
_reflns_shell.number_measured_gt 
_reflns_shell.number_unique_gt 
_reflns_shell.percent_possible_gt 
_reflns_shell.Rmerge_F_gt 
_reflns_shell.Rmerge_I_gt 
_reflns_shell.pdbx_redundancy 
_reflns_shell.pdbx_Rsym_value 
_reflns_shell.pdbx_chi_squared 
_reflns_shell.pdbx_netI_over_sigmaI_all 
_reflns_shell.pdbx_netI_over_sigmaI_obs 
_reflns_shell.pdbx_Rrim_I_all 
_reflns_shell.pdbx_Rpim_I_all 
_reflns_shell.pdbx_rejects 
_reflns_shell.pdbx_ordinal 
_reflns_shell.pdbx_diffrn_id 
_reflns_shell.pdbx_CC_half 
_reflns_shell.pdbx_R_split 
1.790 1.840  ? ? ? ? ? ? ? 99.900 ? ? ? ? 0.814 ? ? ? ? ? ? ? ? 12.600 ? ? ? ? ? ? ? 1 1 ? ? 
8.010 85.840 ? ? ? ? ? ? ? 99.600 ? ? ? ? 0.025 ? ? ? ? ? ? ? ? 9.800  ? ? ? ? ? ? ? 2 1 ? ? 
# 
_refine.aniso_B[1][1]                            -0.0200 
_refine.aniso_B[1][2]                            0.0000 
_refine.aniso_B[1][3]                            0.0000 
_refine.aniso_B[2][2]                            -0.0200 
_refine.aniso_B[2][3]                            0.0000 
_refine.aniso_B[3][3]                            0.0500 
_refine.B_iso_max                                86.680 
_refine.B_iso_mean                               29.0470 
_refine.B_iso_min                                12.810 
_refine.correlation_coeff_Fo_to_Fc               0.9540 
_refine.correlation_coeff_Fo_to_Fc_free          0.9410 
_refine.details                                  
'HYDROGENS HAVE BEEN USED IF PRESENT IN THE INPUT U VALUES      : REFINED INDIVIDUALLY' 
_refine.diff_density_max                         ? 
_refine.diff_density_max_esd                     ? 
_refine.diff_density_min                         ? 
_refine.diff_density_min_esd                     ? 
_refine.diff_density_rms                         ? 
_refine.diff_density_rms_esd                     ? 
_refine.entry_id                                 5J1U 
_refine.pdbx_refine_id                           'X-RAY DIFFRACTION' 
_refine.ls_abs_structure_details                 ? 
_refine.ls_abs_structure_Flack                   ? 
_refine.ls_abs_structure_Flack_esd               ? 
_refine.ls_abs_structure_Rogers                  ? 
_refine.ls_abs_structure_Rogers_esd              ? 
_refine.ls_d_res_high                            1.8000 
_refine.ls_d_res_low                             26.5100 
_refine.ls_extinction_coef                       ? 
_refine.ls_extinction_coef_esd                   ? 
_refine.ls_extinction_expression                 ? 
_refine.ls_extinction_method                     ? 
_refine.ls_goodness_of_fit_all                   ? 
_refine.ls_goodness_of_fit_all_esd               ? 
_refine.ls_goodness_of_fit_obs                   ? 
_refine.ls_goodness_of_fit_obs_esd               ? 
_refine.ls_hydrogen_treatment                    ? 
_refine.ls_matrix_type                           ? 
_refine.ls_number_constraints                    ? 
_refine.ls_number_parameters                     ? 
_refine.ls_number_reflns_all                     ? 
_refine.ls_number_reflns_obs                     22819 
_refine.ls_number_reflns_R_free                  1228 
_refine.ls_number_reflns_R_work                  ? 
_refine.ls_number_restraints                     ? 
_refine.ls_percent_reflns_obs                    99.6600 
_refine.ls_percent_reflns_R_free                 5.1000 
_refine.ls_R_factor_all                          ? 
_refine.ls_R_factor_obs                          0.1995 
_refine.ls_R_factor_R_free                       0.2337 
_refine.ls_R_factor_R_free_error                 ? 
_refine.ls_R_factor_R_free_error_details         ? 
_refine.ls_R_factor_R_work                       0.1977 
_refine.ls_R_Fsqd_factor_obs                     ? 
_refine.ls_R_I_factor_obs                        ? 
_refine.ls_redundancy_reflns_all                 ? 
_refine.ls_redundancy_reflns_obs                 ? 
_refine.ls_restrained_S_all                      ? 
_refine.ls_restrained_S_obs                      ? 
_refine.ls_shift_over_esd_max                    ? 
_refine.ls_shift_over_esd_mean                   ? 
_refine.ls_structure_factor_coef                 ? 
_refine.ls_weighting_details                     ? 
_refine.ls_weighting_scheme                      ? 
_refine.ls_wR_factor_all                         ? 
_refine.ls_wR_factor_obs                         ? 
_refine.ls_wR_factor_R_free                      ? 
_refine.ls_wR_factor_R_work                      ? 
_refine.occupancy_max                            ? 
_refine.occupancy_min                            ? 
_refine.solvent_model_details                    ? 
_refine.solvent_model_param_bsol                 ? 
_refine.solvent_model_param_ksol                 ? 
_refine.ls_R_factor_gt                           ? 
_refine.ls_goodness_of_fit_gt                    ? 
_refine.ls_goodness_of_fit_ref                   ? 
_refine.ls_shift_over_su_max                     ? 
_refine.ls_shift_over_su_max_lt                  ? 
_refine.ls_shift_over_su_mean                    ? 
_refine.ls_shift_over_su_mean_lt                 ? 
_refine.pdbx_ls_sigma_I                          ? 
_refine.pdbx_ls_sigma_F                          0.000 
_refine.pdbx_ls_sigma_Fsqd                       ? 
_refine.pdbx_data_cutoff_high_absF               ? 
_refine.pdbx_data_cutoff_high_rms_absF           ? 
_refine.pdbx_data_cutoff_low_absF                ? 
_refine.pdbx_isotropic_thermal_model             ? 
_refine.pdbx_ls_cross_valid_method               THROUGHOUT 
_refine.pdbx_method_to_determine_struct          'MOLECULAR REPLACEMENT' 
_refine.pdbx_starting_model                      1T56 
_refine.pdbx_stereochemistry_target_values       ? 
_refine.pdbx_R_Free_selection_details            RANDOM 
_refine.pdbx_stereochem_target_val_spec_case     ? 
_refine.pdbx_overall_ESU_R                       0.1100 
_refine.pdbx_overall_ESU_R_Free                  0.1110 
_refine.pdbx_solvent_vdw_probe_radii             1.2000 
_refine.pdbx_solvent_ion_probe_radii             0.8000 
_refine.pdbx_solvent_shrinkage_radii             0.8000 
_refine.pdbx_real_space_R                        ? 
_refine.pdbx_density_correlation                 ? 
_refine.pdbx_pd_number_of_powder_patterns        ? 
_refine.pdbx_pd_number_of_points                 ? 
_refine.pdbx_pd_meas_number_of_points            ? 
_refine.pdbx_pd_proc_ls_prof_R_factor            ? 
_refine.pdbx_pd_proc_ls_prof_wR_factor           ? 
_refine.pdbx_pd_Marquardt_correlation_coeff      ? 
_refine.pdbx_pd_Fsqrd_R_factor                   ? 
_refine.pdbx_pd_ls_matrix_band_width             ? 
_refine.pdbx_overall_phase_error                 ? 
_refine.pdbx_overall_SU_R_free_Cruickshank_DPI   ? 
_refine.pdbx_overall_SU_R_free_Blow_DPI          ? 
_refine.pdbx_overall_SU_R_Blow_DPI               ? 
_refine.pdbx_TLS_residual_ADP_flag               ? 
_refine.pdbx_diffrn_id                           1 
_refine.overall_SU_B                             2.1580 
_refine.overall_SU_ML                            0.0690 
_refine.overall_SU_R_Cruickshank_DPI             0.1099 
_refine.overall_SU_R_free                        ? 
_refine.overall_FOM_free_R_set                   ? 
_refine.overall_FOM_work_R_set                   ? 
_refine.pdbx_average_fsc_overall                 ? 
_refine.pdbx_average_fsc_work                    ? 
_refine.pdbx_average_fsc_free                    ? 
# 
_refine_hist.cycle_id                         final 
_refine_hist.pdbx_refine_id                   'X-RAY DIFFRACTION' 
_refine_hist.d_res_high                       1.8000 
_refine_hist.d_res_low                        26.5100 
_refine_hist.pdbx_number_atoms_ligand         14 
_refine_hist.number_atoms_solvent             35 
_refine_hist.number_atoms_total               1536 
_refine_hist.pdbx_number_residues_total       193 
_refine_hist.pdbx_B_iso_mean_ligand           25.98 
_refine_hist.pdbx_B_iso_mean_solvent          30.28 
_refine_hist.pdbx_number_atoms_protein        1487 
_refine_hist.pdbx_number_atoms_nucleic_acid   0 
# 
loop_
_refine_ls_restr.pdbx_refine_id 
_refine_ls_restr.criterion 
_refine_ls_restr.dev_ideal 
_refine_ls_restr.dev_ideal_target 
_refine_ls_restr.number 
_refine_ls_restr.rejects 
_refine_ls_restr.type 
_refine_ls_restr.weight 
_refine_ls_restr.pdbx_restraint_function 
'X-RAY DIFFRACTION' ? 0.021  0.020  1533 ? r_bond_refined_d       ? ? 
'X-RAY DIFFRACTION' ? 1.925  1.955  2091 ? r_angle_refined_deg    ? ? 
'X-RAY DIFFRACTION' ? 4.836  5.000  192  ? r_dihedral_angle_1_deg ? ? 
'X-RAY DIFFRACTION' ? 38.859 23.714 70   ? r_dihedral_angle_2_deg ? ? 
'X-RAY DIFFRACTION' ? 13.297 15.000 233  ? r_dihedral_angle_3_deg ? ? 
'X-RAY DIFFRACTION' ? 16.434 15.000 12   ? r_dihedral_angle_4_deg ? ? 
'X-RAY DIFFRACTION' ? 0.148  0.200  241  ? r_chiral_restr         ? ? 
'X-RAY DIFFRACTION' ? 0.011  0.021  1179 ? r_gen_planes_refined   ? ? 
# 
_refine_ls_shell.pdbx_refine_id                   'X-RAY DIFFRACTION' 
_refine_ls_shell.d_res_high                       1.7970 
_refine_ls_shell.d_res_low                        1.8440 
_refine_ls_shell.number_reflns_all                1508 
_refine_ls_shell.number_reflns_obs                ? 
_refine_ls_shell.number_reflns_R_free             78 
_refine_ls_shell.number_reflns_R_work             1430 
_refine_ls_shell.percent_reflns_obs               95.6900 
_refine_ls_shell.percent_reflns_R_free            ? 
_refine_ls_shell.R_factor_all                     ? 
_refine_ls_shell.R_factor_obs                     ? 
_refine_ls_shell.R_factor_R_free                  0.3880 
_refine_ls_shell.R_factor_R_free_error            ? 
_refine_ls_shell.R_factor_R_work                  0.2920 
_refine_ls_shell.redundancy_reflns_all            ? 
_refine_ls_shell.redundancy_reflns_obs            ? 
_refine_ls_shell.wR_factor_all                    ? 
_refine_ls_shell.wR_factor_obs                    ? 
_refine_ls_shell.wR_factor_R_free                 ? 
_refine_ls_shell.wR_factor_R_work                 ? 
_refine_ls_shell.pdbx_total_number_of_bins_used   20 
_refine_ls_shell.pdbx_phase_error                 ? 
_refine_ls_shell.pdbx_fsc_work                    ? 
_refine_ls_shell.pdbx_fsc_free                    ? 
# 
_struct.entry_id                     5J1U 
_struct.title                        
;Structure of Transcriptional Regulatory Repressor Protein - EthR from Mycobacterium Tuberculosis in complex with N-(furan-3-ylmethyl)pyrrolidine-1-carboxamide at 1.80A resolution
;
_struct.pdbx_model_details           ? 
_struct.pdbx_formula_weight          ? 
_struct.pdbx_formula_weight_method   ? 
_struct.pdbx_model_type_details      ? 
_struct.pdbx_CASP_flag               ? 
# 
_struct_keywords.entry_id        5J1U 
_struct_keywords.text            'EthR, transcription, represor, boosting effect' 
_struct_keywords.pdbx_keywords   TRANSCRIPTION 
# 
loop_
_struct_asym.id 
_struct_asym.pdbx_blank_PDB_chainid_flag 
_struct_asym.pdbx_modified 
_struct_asym.entity_id 
_struct_asym.details 
A N N 1 ? 
B N N 2 ? 
C N N 3 ? 
# 
_struct_ref.id                         1 
_struct_ref.db_name                    UNP 
_struct_ref.db_code                    A0A045KCS8_MYCTX 
_struct_ref.pdbx_db_accession          A0A045KCS8 
_struct_ref.pdbx_db_isoform            ? 
_struct_ref.entity_id                  1 
_struct_ref.pdbx_seq_one_letter_code   
;MTTSAASQASLPRGRRTARPSGDDRELAILATAENLLEDRPLADISVDDLAKGAGISRPTFYFYFPSKEAVLLTLLDRVV
NQADMALQTLAENPADTDRENMWRTGINVFFETFGSHKAVTRAGQAARATSVEVAELWSTFMQKWIAYTAAVIDAERDRG
AAPRTLPAHELATALNLMNERTLFASFAGEQPSVPEARVLDTLVHIWVTSIYGENR
;
_struct_ref.pdbx_align_begin           1 
# 
_struct_ref_seq.align_id                      1 
_struct_ref_seq.ref_id                        1 
_struct_ref_seq.pdbx_PDB_id_code              5J1U 
_struct_ref_seq.pdbx_strand_id                A 
_struct_ref_seq.seq_align_beg                 1 
_struct_ref_seq.pdbx_seq_align_beg_ins_code   ? 
_struct_ref_seq.seq_align_end                 216 
_struct_ref_seq.pdbx_seq_align_end_ins_code   ? 
_struct_ref_seq.pdbx_db_accession             A0A045KCS8 
_struct_ref_seq.db_align_beg                  1 
_struct_ref_seq.pdbx_db_align_beg_ins_code    ? 
_struct_ref_seq.db_align_end                  216 
_struct_ref_seq.pdbx_db_align_end_ins_code    ? 
_struct_ref_seq.pdbx_auth_seq_align_beg       1 
_struct_ref_seq.pdbx_auth_seq_align_end       216 
# 
_pdbx_struct_assembly.id                   1 
_pdbx_struct_assembly.details              software_defined_assembly 
_pdbx_struct_assembly.method_details       PISA 
_pdbx_struct_assembly.oligomeric_details   dimeric 
_pdbx_struct_assembly.oligomeric_count     2 
# 
loop_
_pdbx_struct_assembly_prop.biol_id 
_pdbx_struct_assembly_prop.type 
_pdbx_struct_assembly_prop.value 
_pdbx_struct_assembly_prop.details 
1 'ABSA (A^2)' 2740  ? 
1 MORE         -23   ? 
1 'SSA (A^2)'  17310 ? 
# 
_pdbx_struct_assembly_gen.assembly_id       1 
_pdbx_struct_assembly_gen.oper_expression   1,2 
_pdbx_struct_assembly_gen.asym_id_list      A,B,C 
# 
loop_
_pdbx_struct_oper_list.id 
_pdbx_struct_oper_list.type 
_pdbx_struct_oper_list.name 
_pdbx_struct_oper_list.symmetry_operation 
_pdbx_struct_oper_list.matrix[1][1] 
_pdbx_struct_oper_list.matrix[1][2] 
_pdbx_struct_oper_list.matrix[1][3] 
_pdbx_struct_oper_list.vector[1] 
_pdbx_struct_oper_list.matrix[2][1] 
_pdbx_struct_oper_list.matrix[2][2] 
_pdbx_struct_oper_list.matrix[2][3] 
_pdbx_struct_oper_list.vector[2] 
_pdbx_struct_oper_list.matrix[3][1] 
_pdbx_struct_oper_list.matrix[3][2] 
_pdbx_struct_oper_list.matrix[3][3] 
_pdbx_struct_oper_list.vector[3] 
1 'identity operation'         1_555 x,y,z    1.0000000000  0.0000000000 0.0000000000 0.0000000000  0.0000000000 1.0000000000  0.0000000000 0.0000000000  0.0000000000 0.0000000000 1.0000000000  0.0000000000  
2 'crystal symmetry operation' 7_556 y,x,-z+1 -0.8348929745 0.3813202021 0.3969239531 23.2539809586 0.3813202021 -0.1193282289 0.9167091563 -9.7466191475 0.3969239531 0.9167091563 -0.0457787966 -0.3094115189 
# 
loop_
_struct_conf.conf_type_id 
_struct_conf.id 
_struct_conf.pdbx_PDB_helix_id 
_struct_conf.beg_label_comp_id 
_struct_conf.beg_label_asym_id 
_struct_conf.beg_label_seq_id 
_struct_conf.pdbx_beg_PDB_ins_code 
_struct_conf.end_label_comp_id 
_struct_conf.end_label_asym_id 
_struct_conf.end_label_seq_id 
_struct_conf.pdbx_end_PDB_ins_code 
_struct_conf.beg_auth_comp_id 
_struct_conf.beg_auth_asym_id 
_struct_conf.beg_auth_seq_id 
_struct_conf.end_auth_comp_id 
_struct_conf.end_auth_asym_id 
_struct_conf.end_auth_seq_id 
_struct_conf.pdbx_PDB_helix_class 
_struct_conf.details 
_struct_conf.pdbx_PDB_helix_length 
HELX_P HELX_P1  AA1 GLY A 22  ? ARG A 40  ? GLY A 22  ARG A 40  1 ? 19 
HELX_P HELX_P2  AA2 PRO A 41  ? ILE A 45  ? PRO A 41  ILE A 45  5 ? 5  
HELX_P HELX_P3  AA3 SER A 46  ? GLY A 55  ? SER A 46  GLY A 55  1 ? 10 
HELX_P HELX_P4  AA4 SER A 57  ? PHE A 65  ? SER A 57  PHE A 65  1 ? 9  
HELX_P HELX_P5  AA5 SER A 67  ? ASN A 93  ? SER A 67  ASN A 93  1 ? 27 
HELX_P HELX_P6  AA6 ASP A 98  ? SER A 116 ? ASP A 98  SER A 116 1 ? 19 
HELX_P HELX_P7  AA7 HIS A 117 ? ARG A 128 ? HIS A 117 ARG A 128 1 ? 12 
HELX_P HELX_P8  AA8 SER A 131 ? ARG A 159 ? SER A 131 ARG A 159 1 ? 29 
HELX_P HELX_P9  AA9 PRO A 167 ? GLY A 189 ? PRO A 167 GLY A 189 1 ? 23 
HELX_P HELX_P10 AB1 PRO A 195 ? GLY A 213 ? PRO A 195 GLY A 213 1 ? 19 
# 
_struct_conf_type.id          HELX_P 
_struct_conf_type.criteria    ? 
_struct_conf_type.reference   ? 
# 
_struct_mon_prot_cis.pdbx_id                1 
_struct_mon_prot_cis.label_comp_id          GLN 
_struct_mon_prot_cis.label_seq_id           191 
_struct_mon_prot_cis.label_asym_id          A 
_struct_mon_prot_cis.label_alt_id           . 
_struct_mon_prot_cis.pdbx_PDB_ins_code      ? 
_struct_mon_prot_cis.auth_comp_id           GLN 
_struct_mon_prot_cis.auth_seq_id            191 
_struct_mon_prot_cis.auth_asym_id           A 
_struct_mon_prot_cis.pdbx_label_comp_id_2   PRO 
_struct_mon_prot_cis.pdbx_label_seq_id_2    192 
_struct_mon_prot_cis.pdbx_label_asym_id_2   A 
_struct_mon_prot_cis.pdbx_PDB_ins_code_2    ? 
_struct_mon_prot_cis.pdbx_auth_comp_id_2    PRO 
_struct_mon_prot_cis.pdbx_auth_seq_id_2     192 
_struct_mon_prot_cis.pdbx_auth_asym_id_2    A 
_struct_mon_prot_cis.pdbx_PDB_model_num     1 
_struct_mon_prot_cis.pdbx_omega_angle       1.38 
# 
_struct_site.id                   AC1 
_struct_site.pdbx_evidence_code   Software 
_struct_site.pdbx_auth_asym_id    A 
_struct_site.pdbx_auth_comp_id    P93 
_struct_site.pdbx_auth_seq_id     301 
_struct_site.pdbx_auth_ins_code   ? 
_struct_site.pdbx_num_residues    7 
_struct_site.details              'binding site for residue P93 A 301' 
# 
loop_
_struct_site_gen.id 
_struct_site_gen.site_id 
_struct_site_gen.pdbx_num_res 
_struct_site_gen.label_comp_id 
_struct_site_gen.label_asym_id 
_struct_site_gen.label_seq_id 
_struct_site_gen.pdbx_auth_ins_code 
_struct_site_gen.auth_comp_id 
_struct_site_gen.auth_asym_id 
_struct_site_gen.auth_seq_id 
_struct_site_gen.label_atom_id 
_struct_site_gen.label_alt_id 
_struct_site_gen.symmetry 
_struct_site_gen.details 
1 AC1 7 PHE A 110 ? PHE A 110 . ? 1_555 ? 
2 AC1 7 MET A 142 ? MET A 142 . ? 1_555 ? 
3 AC1 7 TRP A 145 ? TRP A 145 . ? 1_555 ? 
4 AC1 7 THR A 149 ? THR A 149 . ? 1_555 ? 
5 AC1 7 ASN A 176 ? ASN A 176 . ? 1_555 ? 
6 AC1 7 ASN A 179 ? ASN A 179 . ? 1_555 ? 
7 AC1 7 TRP A 207 ? TRP A 207 . ? 1_555 ? 
# 
_pdbx_validate_torsion.id              1 
_pdbx_validate_torsion.PDB_model_num   1 
_pdbx_validate_torsion.auth_comp_id    THR 
_pdbx_validate_torsion.auth_asym_id    A 
_pdbx_validate_torsion.auth_seq_id     165 
_pdbx_validate_torsion.PDB_ins_code    ? 
_pdbx_validate_torsion.label_alt_id    ? 
_pdbx_validate_torsion.phi             -108.19 
_pdbx_validate_torsion.psi             -104.72 
# 
_pdbx_struct_special_symmetry.id              1 
_pdbx_struct_special_symmetry.PDB_model_num   1 
_pdbx_struct_special_symmetry.auth_asym_id    A 
_pdbx_struct_special_symmetry.auth_comp_id    HOH 
_pdbx_struct_special_symmetry.auth_seq_id     410 
_pdbx_struct_special_symmetry.PDB_ins_code    ? 
_pdbx_struct_special_symmetry.label_asym_id   C 
_pdbx_struct_special_symmetry.label_comp_id   HOH 
_pdbx_struct_special_symmetry.label_seq_id    . 
# 
_phasing.method   MR 
# 
loop_
_pdbx_unobs_or_zero_occ_residues.id 
_pdbx_unobs_or_zero_occ_residues.PDB_model_num 
_pdbx_unobs_or_zero_occ_residues.polymer_flag 
_pdbx_unobs_or_zero_occ_residues.occupancy_flag 
_pdbx_unobs_or_zero_occ_residues.auth_asym_id 
_pdbx_unobs_or_zero_occ_residues.auth_comp_id 
_pdbx_unobs_or_zero_occ_residues.auth_seq_id 
_pdbx_unobs_or_zero_occ_residues.PDB_ins_code 
_pdbx_unobs_or_zero_occ_residues.label_asym_id 
_pdbx_unobs_or_zero_occ_residues.label_comp_id 
_pdbx_unobs_or_zero_occ_residues.label_seq_id 
1  1 Y 1 A MET 1   ? A MET 1   
2  1 Y 1 A THR 2   ? A THR 2   
3  1 Y 1 A THR 3   ? A THR 3   
4  1 Y 1 A SER 4   ? A SER 4   
5  1 Y 1 A ALA 5   ? A ALA 5   
6  1 Y 1 A ALA 6   ? A ALA 6   
7  1 Y 1 A SER 7   ? A SER 7   
8  1 Y 1 A GLN 8   ? A GLN 8   
9  1 Y 1 A ALA 9   ? A ALA 9   
10 1 Y 1 A SER 10  ? A SER 10  
11 1 Y 1 A LEU 11  ? A LEU 11  
12 1 Y 1 A PRO 12  ? A PRO 12  
13 1 Y 1 A ARG 13  ? A ARG 13  
14 1 Y 1 A GLY 14  ? A GLY 14  
15 1 Y 1 A ARG 15  ? A ARG 15  
16 1 Y 1 A ARG 16  ? A ARG 16  
17 1 Y 1 A THR 17  ? A THR 17  
18 1 Y 1 A ALA 18  ? A ALA 18  
19 1 Y 1 A ARG 19  ? A ARG 19  
20 1 Y 1 A PRO 20  ? A PRO 20  
21 1 Y 1 A SER 21  ? A SER 21  
22 1 Y 1 A ASN 215 ? A ASN 215 
23 1 Y 1 A ARG 216 ? A ARG 216 
# 
loop_
_chem_comp_atom.comp_id 
_chem_comp_atom.atom_id 
_chem_comp_atom.type_symbol 
_chem_comp_atom.pdbx_aromatic_flag 
_chem_comp_atom.pdbx_stereo_config 
_chem_comp_atom.pdbx_ordinal 
ALA N    N N N 1   
ALA CA   C N S 2   
ALA C    C N N 3   
ALA O    O N N 4   
ALA CB   C N N 5   
ALA OXT  O N N 6   
ALA H    H N N 7   
ALA H2   H N N 8   
ALA HA   H N N 9   
ALA HB1  H N N 10  
ALA HB2  H N N 11  
ALA HB3  H N N 12  
ALA HXT  H N N 13  
ARG N    N N N 14  
ARG CA   C N S 15  
ARG C    C N N 16  
ARG O    O N N 17  
ARG CB   C N N 18  
ARG CG   C N N 19  
ARG CD   C N N 20  
ARG NE   N N N 21  
ARG CZ   C N N 22  
ARG NH1  N N N 23  
ARG NH2  N N N 24  
ARG OXT  O N N 25  
ARG H    H N N 26  
ARG H2   H N N 27  
ARG HA   H N N 28  
ARG HB2  H N N 29  
ARG HB3  H N N 30  
ARG HG2  H N N 31  
ARG HG3  H N N 32  
ARG HD2  H N N 33  
ARG HD3  H N N 34  
ARG HE   H N N 35  
ARG HH11 H N N 36  
ARG HH12 H N N 37  
ARG HH21 H N N 38  
ARG HH22 H N N 39  
ARG HXT  H N N 40  
ASN N    N N N 41  
ASN CA   C N S 42  
ASN C    C N N 43  
ASN O    O N N 44  
ASN CB   C N N 45  
ASN CG   C N N 46  
ASN OD1  O N N 47  
ASN ND2  N N N 48  
ASN OXT  O N N 49  
ASN H    H N N 50  
ASN H2   H N N 51  
ASN HA   H N N 52  
ASN HB2  H N N 53  
ASN HB3  H N N 54  
ASN HD21 H N N 55  
ASN HD22 H N N 56  
ASN HXT  H N N 57  
ASP N    N N N 58  
ASP CA   C N S 59  
ASP C    C N N 60  
ASP O    O N N 61  
ASP CB   C N N 62  
ASP CG   C N N 63  
ASP OD1  O N N 64  
ASP OD2  O N N 65  
ASP OXT  O N N 66  
ASP H    H N N 67  
ASP H2   H N N 68  
ASP HA   H N N 69  
ASP HB2  H N N 70  
ASP HB3  H N N 71  
ASP HD2  H N N 72  
ASP HXT  H N N 73  
GLN N    N N N 74  
GLN CA   C N S 75  
GLN C    C N N 76  
GLN O    O N N 77  
GLN CB   C N N 78  
GLN CG   C N N 79  
GLN CD   C N N 80  
GLN OE1  O N N 81  
GLN NE2  N N N 82  
GLN OXT  O N N 83  
GLN H    H N N 84  
GLN H2   H N N 85  
GLN HA   H N N 86  
GLN HB2  H N N 87  
GLN HB3  H N N 88  
GLN HG2  H N N 89  
GLN HG3  H N N 90  
GLN HE21 H N N 91  
GLN HE22 H N N 92  
GLN HXT  H N N 93  
GLU N    N N N 94  
GLU CA   C N S 95  
GLU C    C N N 96  
GLU O    O N N 97  
GLU CB   C N N 98  
GLU CG   C N N 99  
GLU CD   C N N 100 
GLU OE1  O N N 101 
GLU OE2  O N N 102 
GLU OXT  O N N 103 
GLU H    H N N 104 
GLU H2   H N N 105 
GLU HA   H N N 106 
GLU HB2  H N N 107 
GLU HB3  H N N 108 
GLU HG2  H N N 109 
GLU HG3  H N N 110 
GLU HE2  H N N 111 
GLU HXT  H N N 112 
GLY N    N N N 113 
GLY CA   C N N 114 
GLY C    C N N 115 
GLY O    O N N 116 
GLY OXT  O N N 117 
GLY H    H N N 118 
GLY H2   H N N 119 
GLY HA2  H N N 120 
GLY HA3  H N N 121 
GLY HXT  H N N 122 
HIS N    N N N 123 
HIS CA   C N S 124 
HIS C    C N N 125 
HIS O    O N N 126 
HIS CB   C N N 127 
HIS CG   C Y N 128 
HIS ND1  N Y N 129 
HIS CD2  C Y N 130 
HIS CE1  C Y N 131 
HIS NE2  N Y N 132 
HIS OXT  O N N 133 
HIS H    H N N 134 
HIS H2   H N N 135 
HIS HA   H N N 136 
HIS HB2  H N N 137 
HIS HB3  H N N 138 
HIS HD1  H N N 139 
HIS HD2  H N N 140 
HIS HE1  H N N 141 
HIS HE2  H N N 142 
HIS HXT  H N N 143 
HOH O    O N N 144 
HOH H1   H N N 145 
HOH H2   H N N 146 
ILE N    N N N 147 
ILE CA   C N S 148 
ILE C    C N N 149 
ILE O    O N N 150 
ILE CB   C N S 151 
ILE CG1  C N N 152 
ILE CG2  C N N 153 
ILE CD1  C N N 154 
ILE OXT  O N N 155 
ILE H    H N N 156 
ILE H2   H N N 157 
ILE HA   H N N 158 
ILE HB   H N N 159 
ILE HG12 H N N 160 
ILE HG13 H N N 161 
ILE HG21 H N N 162 
ILE HG22 H N N 163 
ILE HG23 H N N 164 
ILE HD11 H N N 165 
ILE HD12 H N N 166 
ILE HD13 H N N 167 
ILE HXT  H N N 168 
LEU N    N N N 169 
LEU CA   C N S 170 
LEU C    C N N 171 
LEU O    O N N 172 
LEU CB   C N N 173 
LEU CG   C N N 174 
LEU CD1  C N N 175 
LEU CD2  C N N 176 
LEU OXT  O N N 177 
LEU H    H N N 178 
LEU H2   H N N 179 
LEU HA   H N N 180 
LEU HB2  H N N 181 
LEU HB3  H N N 182 
LEU HG   H N N 183 
LEU HD11 H N N 184 
LEU HD12 H N N 185 
LEU HD13 H N N 186 
LEU HD21 H N N 187 
LEU HD22 H N N 188 
LEU HD23 H N N 189 
LEU HXT  H N N 190 
LYS N    N N N 191 
LYS CA   C N S 192 
LYS C    C N N 193 
LYS O    O N N 194 
LYS CB   C N N 195 
LYS CG   C N N 196 
LYS CD   C N N 197 
LYS CE   C N N 198 
LYS NZ   N N N 199 
LYS OXT  O N N 200 
LYS H    H N N 201 
LYS H2   H N N 202 
LYS HA   H N N 203 
LYS HB2  H N N 204 
LYS HB3  H N N 205 
LYS HG2  H N N 206 
LYS HG3  H N N 207 
LYS HD2  H N N 208 
LYS HD3  H N N 209 
LYS HE2  H N N 210 
LYS HE3  H N N 211 
LYS HZ1  H N N 212 
LYS HZ2  H N N 213 
LYS HZ3  H N N 214 
LYS HXT  H N N 215 
MET N    N N N 216 
MET CA   C N S 217 
MET C    C N N 218 
MET O    O N N 219 
MET CB   C N N 220 
MET CG   C N N 221 
MET SD   S N N 222 
MET CE   C N N 223 
MET OXT  O N N 224 
MET H    H N N 225 
MET H2   H N N 226 
MET HA   H N N 227 
MET HB2  H N N 228 
MET HB3  H N N 229 
MET HG2  H N N 230 
MET HG3  H N N 231 
MET HE1  H N N 232 
MET HE2  H N N 233 
MET HE3  H N N 234 
MET HXT  H N N 235 
P93 O1   O N N 236 
P93 C5   C N N 237 
P93 N1   N N N 238 
P93 C9   C N N 239 
P93 C8   C N N 240 
P93 C7   C N N 241 
P93 C6   C N N 242 
P93 N    N N N 243 
P93 C4   C N N 244 
P93 C3   C Y N 245 
P93 C    C Y N 246 
P93 C2   C Y N 247 
P93 O    O Y N 248 
P93 C1   C Y N 249 
P93 H1   H N N 250 
P93 H2   H N N 251 
P93 H3   H N N 252 
P93 H4   H N N 253 
P93 H5   H N N 254 
P93 H6   H N N 255 
P93 H7   H N N 256 
P93 H8   H N N 257 
P93 H9   H N N 258 
P93 H10  H N N 259 
P93 H11  H N N 260 
P93 H12  H N N 261 
P93 H13  H N N 262 
P93 H14  H N N 263 
PHE N    N N N 264 
PHE CA   C N S 265 
PHE C    C N N 266 
PHE O    O N N 267 
PHE CB   C N N 268 
PHE CG   C Y N 269 
PHE CD1  C Y N 270 
PHE CD2  C Y N 271 
PHE CE1  C Y N 272 
PHE CE2  C Y N 273 
PHE CZ   C Y N 274 
PHE OXT  O N N 275 
PHE H    H N N 276 
PHE H2   H N N 277 
PHE HA   H N N 278 
PHE HB2  H N N 279 
PHE HB3  H N N 280 
PHE HD1  H N N 281 
PHE HD2  H N N 282 
PHE HE1  H N N 283 
PHE HE2  H N N 284 
PHE HZ   H N N 285 
PHE HXT  H N N 286 
PRO N    N N N 287 
PRO CA   C N S 288 
PRO C    C N N 289 
PRO O    O N N 290 
PRO CB   C N N 291 
PRO CG   C N N 292 
PRO CD   C N N 293 
PRO OXT  O N N 294 
PRO H    H N N 295 
PRO HA   H N N 296 
PRO HB2  H N N 297 
PRO HB3  H N N 298 
PRO HG2  H N N 299 
PRO HG3  H N N 300 
PRO HD2  H N N 301 
PRO HD3  H N N 302 
PRO HXT  H N N 303 
SER N    N N N 304 
SER CA   C N S 305 
SER C    C N N 306 
SER O    O N N 307 
SER CB   C N N 308 
SER OG   O N N 309 
SER OXT  O N N 310 
SER H    H N N 311 
SER H2   H N N 312 
SER HA   H N N 313 
SER HB2  H N N 314 
SER HB3  H N N 315 
SER HG   H N N 316 
SER HXT  H N N 317 
THR N    N N N 318 
THR CA   C N S 319 
THR C    C N N 320 
THR O    O N N 321 
THR CB   C N R 322 
THR OG1  O N N 323 
THR CG2  C N N 324 
THR OXT  O N N 325 
THR H    H N N 326 
THR H2   H N N 327 
THR HA   H N N 328 
THR HB   H N N 329 
THR HG1  H N N 330 
THR HG21 H N N 331 
THR HG22 H N N 332 
THR HG23 H N N 333 
THR HXT  H N N 334 
TRP N    N N N 335 
TRP CA   C N S 336 
TRP C    C N N 337 
TRP O    O N N 338 
TRP CB   C N N 339 
TRP CG   C Y N 340 
TRP CD1  C Y N 341 
TRP CD2  C Y N 342 
TRP NE1  N Y N 343 
TRP CE2  C Y N 344 
TRP CE3  C Y N 345 
TRP CZ2  C Y N 346 
TRP CZ3  C Y N 347 
TRP CH2  C Y N 348 
TRP OXT  O N N 349 
TRP H    H N N 350 
TRP H2   H N N 351 
TRP HA   H N N 352 
TRP HB2  H N N 353 
TRP HB3  H N N 354 
TRP HD1  H N N 355 
TRP HE1  H N N 356 
TRP HE3  H N N 357 
TRP HZ2  H N N 358 
TRP HZ3  H N N 359 
TRP HH2  H N N 360 
TRP HXT  H N N 361 
TYR N    N N N 362 
TYR CA   C N S 363 
TYR C    C N N 364 
TYR O    O N N 365 
TYR CB   C N N 366 
TYR CG   C Y N 367 
TYR CD1  C Y N 368 
TYR CD2  C Y N 369 
TYR CE1  C Y N 370 
TYR CE2  C Y N 371 
TYR CZ   C Y N 372 
TYR OH   O N N 373 
TYR OXT  O N N 374 
TYR H    H N N 375 
TYR H2   H N N 376 
TYR HA   H N N 377 
TYR HB2  H N N 378 
TYR HB3  H N N 379 
TYR HD1  H N N 380 
TYR HD2  H N N 381 
TYR HE1  H N N 382 
TYR HE2  H N N 383 
TYR HH   H N N 384 
TYR HXT  H N N 385 
VAL N    N N N 386 
VAL CA   C N S 387 
VAL C    C N N 388 
VAL O    O N N 389 
VAL CB   C N N 390 
VAL CG1  C N N 391 
VAL CG2  C N N 392 
VAL OXT  O N N 393 
VAL H    H N N 394 
VAL H2   H N N 395 
VAL HA   H N N 396 
VAL HB   H N N 397 
VAL HG11 H N N 398 
VAL HG12 H N N 399 
VAL HG13 H N N 400 
VAL HG21 H N N 401 
VAL HG22 H N N 402 
VAL HG23 H N N 403 
VAL HXT  H N N 404 
# 
loop_
_chem_comp_bond.comp_id 
_chem_comp_bond.atom_id_1 
_chem_comp_bond.atom_id_2 
_chem_comp_bond.value_order 
_chem_comp_bond.pdbx_aromatic_flag 
_chem_comp_bond.pdbx_stereo_config 
_chem_comp_bond.pdbx_ordinal 
ALA N   CA   sing N N 1   
ALA N   H    sing N N 2   
ALA N   H2   sing N N 3   
ALA CA  C    sing N N 4   
ALA CA  CB   sing N N 5   
ALA CA  HA   sing N N 6   
ALA C   O    doub N N 7   
ALA C   OXT  sing N N 8   
ALA CB  HB1  sing N N 9   
ALA CB  HB2  sing N N 10  
ALA CB  HB3  sing N N 11  
ALA OXT HXT  sing N N 12  
ARG N   CA   sing N N 13  
ARG N   H    sing N N 14  
ARG N   H2   sing N N 15  
ARG CA  C    sing N N 16  
ARG CA  CB   sing N N 17  
ARG CA  HA   sing N N 18  
ARG C   O    doub N N 19  
ARG C   OXT  sing N N 20  
ARG CB  CG   sing N N 21  
ARG CB  HB2  sing N N 22  
ARG CB  HB3  sing N N 23  
ARG CG  CD   sing N N 24  
ARG CG  HG2  sing N N 25  
ARG CG  HG3  sing N N 26  
ARG CD  NE   sing N N 27  
ARG CD  HD2  sing N N 28  
ARG CD  HD3  sing N N 29  
ARG NE  CZ   sing N N 30  
ARG NE  HE   sing N N 31  
ARG CZ  NH1  sing N N 32  
ARG CZ  NH2  doub N N 33  
ARG NH1 HH11 sing N N 34  
ARG NH1 HH12 sing N N 35  
ARG NH2 HH21 sing N N 36  
ARG NH2 HH22 sing N N 37  
ARG OXT HXT  sing N N 38  
ASN N   CA   sing N N 39  
ASN N   H    sing N N 40  
ASN N   H2   sing N N 41  
ASN CA  C    sing N N 42  
ASN CA  CB   sing N N 43  
ASN CA  HA   sing N N 44  
ASN C   O    doub N N 45  
ASN C   OXT  sing N N 46  
ASN CB  CG   sing N N 47  
ASN CB  HB2  sing N N 48  
ASN CB  HB3  sing N N 49  
ASN CG  OD1  doub N N 50  
ASN CG  ND2  sing N N 51  
ASN ND2 HD21 sing N N 52  
ASN ND2 HD22 sing N N 53  
ASN OXT HXT  sing N N 54  
ASP N   CA   sing N N 55  
ASP N   H    sing N N 56  
ASP N   H2   sing N N 57  
ASP CA  C    sing N N 58  
ASP CA  CB   sing N N 59  
ASP CA  HA   sing N N 60  
ASP C   O    doub N N 61  
ASP C   OXT  sing N N 62  
ASP CB  CG   sing N N 63  
ASP CB  HB2  sing N N 64  
ASP CB  HB3  sing N N 65  
ASP CG  OD1  doub N N 66  
ASP CG  OD2  sing N N 67  
ASP OD2 HD2  sing N N 68  
ASP OXT HXT  sing N N 69  
GLN N   CA   sing N N 70  
GLN N   H    sing N N 71  
GLN N   H2   sing N N 72  
GLN CA  C    sing N N 73  
GLN CA  CB   sing N N 74  
GLN CA  HA   sing N N 75  
GLN C   O    doub N N 76  
GLN C   OXT  sing N N 77  
GLN CB  CG   sing N N 78  
GLN CB  HB2  sing N N 79  
GLN CB  HB3  sing N N 80  
GLN CG  CD   sing N N 81  
GLN CG  HG2  sing N N 82  
GLN CG  HG3  sing N N 83  
GLN CD  OE1  doub N N 84  
GLN CD  NE2  sing N N 85  
GLN NE2 HE21 sing N N 86  
GLN NE2 HE22 sing N N 87  
GLN OXT HXT  sing N N 88  
GLU N   CA   sing N N 89  
GLU N   H    sing N N 90  
GLU N   H2   sing N N 91  
GLU CA  C    sing N N 92  
GLU CA  CB   sing N N 93  
GLU CA  HA   sing N N 94  
GLU C   O    doub N N 95  
GLU C   OXT  sing N N 96  
GLU CB  CG   sing N N 97  
GLU CB  HB2  sing N N 98  
GLU CB  HB3  sing N N 99  
GLU CG  CD   sing N N 100 
GLU CG  HG2  sing N N 101 
GLU CG  HG3  sing N N 102 
GLU CD  OE1  doub N N 103 
GLU CD  OE2  sing N N 104 
GLU OE2 HE2  sing N N 105 
GLU OXT HXT  sing N N 106 
GLY N   CA   sing N N 107 
GLY N   H    sing N N 108 
GLY N   H2   sing N N 109 
GLY CA  C    sing N N 110 
GLY CA  HA2  sing N N 111 
GLY CA  HA3  sing N N 112 
GLY C   O    doub N N 113 
GLY C   OXT  sing N N 114 
GLY OXT HXT  sing N N 115 
HIS N   CA   sing N N 116 
HIS N   H    sing N N 117 
HIS N   H2   sing N N 118 
HIS CA  C    sing N N 119 
HIS CA  CB   sing N N 120 
HIS CA  HA   sing N N 121 
HIS C   O    doub N N 122 
HIS C   OXT  sing N N 123 
HIS CB  CG   sing N N 124 
HIS CB  HB2  sing N N 125 
HIS CB  HB3  sing N N 126 
HIS CG  ND1  sing Y N 127 
HIS CG  CD2  doub Y N 128 
HIS ND1 CE1  doub Y N 129 
HIS ND1 HD1  sing N N 130 
HIS CD2 NE2  sing Y N 131 
HIS CD2 HD2  sing N N 132 
HIS CE1 NE2  sing Y N 133 
HIS CE1 HE1  sing N N 134 
HIS NE2 HE2  sing N N 135 
HIS OXT HXT  sing N N 136 
HOH O   H1   sing N N 137 
HOH O   H2   sing N N 138 
ILE N   CA   sing N N 139 
ILE N   H    sing N N 140 
ILE N   H2   sing N N 141 
ILE CA  C    sing N N 142 
ILE CA  CB   sing N N 143 
ILE CA  HA   sing N N 144 
ILE C   O    doub N N 145 
ILE C   OXT  sing N N 146 
ILE CB  CG1  sing N N 147 
ILE CB  CG2  sing N N 148 
ILE CB  HB   sing N N 149 
ILE CG1 CD1  sing N N 150 
ILE CG1 HG12 sing N N 151 
ILE CG1 HG13 sing N N 152 
ILE CG2 HG21 sing N N 153 
ILE CG2 HG22 sing N N 154 
ILE CG2 HG23 sing N N 155 
ILE CD1 HD11 sing N N 156 
ILE CD1 HD12 sing N N 157 
ILE CD1 HD13 sing N N 158 
ILE OXT HXT  sing N N 159 
LEU N   CA   sing N N 160 
LEU N   H    sing N N 161 
LEU N   H2   sing N N 162 
LEU CA  C    sing N N 163 
LEU CA  CB   sing N N 164 
LEU CA  HA   sing N N 165 
LEU C   O    doub N N 166 
LEU C   OXT  sing N N 167 
LEU CB  CG   sing N N 168 
LEU CB  HB2  sing N N 169 
LEU CB  HB3  sing N N 170 
LEU CG  CD1  sing N N 171 
LEU CG  CD2  sing N N 172 
LEU CG  HG   sing N N 173 
LEU CD1 HD11 sing N N 174 
LEU CD1 HD12 sing N N 175 
LEU CD1 HD13 sing N N 176 
LEU CD2 HD21 sing N N 177 
LEU CD2 HD22 sing N N 178 
LEU CD2 HD23 sing N N 179 
LEU OXT HXT  sing N N 180 
LYS N   CA   sing N N 181 
LYS N   H    sing N N 182 
LYS N   H2   sing N N 183 
LYS CA  C    sing N N 184 
LYS CA  CB   sing N N 185 
LYS CA  HA   sing N N 186 
LYS C   O    doub N N 187 
LYS C   OXT  sing N N 188 
LYS CB  CG   sing N N 189 
LYS CB  HB2  sing N N 190 
LYS CB  HB3  sing N N 191 
LYS CG  CD   sing N N 192 
LYS CG  HG2  sing N N 193 
LYS CG  HG3  sing N N 194 
LYS CD  CE   sing N N 195 
LYS CD  HD2  sing N N 196 
LYS CD  HD3  sing N N 197 
LYS CE  NZ   sing N N 198 
LYS CE  HE2  sing N N 199 
LYS CE  HE3  sing N N 200 
LYS NZ  HZ1  sing N N 201 
LYS NZ  HZ2  sing N N 202 
LYS NZ  HZ3  sing N N 203 
LYS OXT HXT  sing N N 204 
MET N   CA   sing N N 205 
MET N   H    sing N N 206 
MET N   H2   sing N N 207 
MET CA  C    sing N N 208 
MET CA  CB   sing N N 209 
MET CA  HA   sing N N 210 
MET C   O    doub N N 211 
MET C   OXT  sing N N 212 
MET CB  CG   sing N N 213 
MET CB  HB2  sing N N 214 
MET CB  HB3  sing N N 215 
MET CG  SD   sing N N 216 
MET CG  HG2  sing N N 217 
MET CG  HG3  sing N N 218 
MET SD  CE   sing N N 219 
MET CE  HE1  sing N N 220 
MET CE  HE2  sing N N 221 
MET CE  HE3  sing N N 222 
MET OXT HXT  sing N N 223 
P93 C1  C    doub Y N 224 
P93 C1  O    sing Y N 225 
P93 C   C3   sing Y N 226 
P93 O   C2   sing Y N 227 
P93 C3  C2   doub Y N 228 
P93 C3  C4   sing N N 229 
P93 C9  C8   sing N N 230 
P93 C9  N1   sing N N 231 
P93 C8  C7   sing N N 232 
P93 N   C4   sing N N 233 
P93 N   C5   sing N N 234 
P93 N1  C5   sing N N 235 
P93 N1  C6   sing N N 236 
P93 C5  O1   doub N N 237 
P93 C7  C6   sing N N 238 
P93 C9  H1   sing N N 239 
P93 C8  H2   sing N N 240 
P93 C7  H3   sing N N 241 
P93 C6  H4   sing N N 242 
P93 N   H5   sing N N 243 
P93 C4  H6   sing N N 244 
P93 C4  H7   sing N N 245 
P93 C   H8   sing N N 246 
P93 C2  H9   sing N N 247 
P93 C1  H10  sing N N 248 
P93 C9  H11  sing N N 249 
P93 C8  H12  sing N N 250 
P93 C7  H13  sing N N 251 
P93 C6  H14  sing N N 252 
PHE N   CA   sing N N 253 
PHE N   H    sing N N 254 
PHE N   H2   sing N N 255 
PHE CA  C    sing N N 256 
PHE CA  CB   sing N N 257 
PHE CA  HA   sing N N 258 
PHE C   O    doub N N 259 
PHE C   OXT  sing N N 260 
PHE CB  CG   sing N N 261 
PHE CB  HB2  sing N N 262 
PHE CB  HB3  sing N N 263 
PHE CG  CD1  doub Y N 264 
PHE CG  CD2  sing Y N 265 
PHE CD1 CE1  sing Y N 266 
PHE CD1 HD1  sing N N 267 
PHE CD2 CE2  doub Y N 268 
PHE CD2 HD2  sing N N 269 
PHE CE1 CZ   doub Y N 270 
PHE CE1 HE1  sing N N 271 
PHE CE2 CZ   sing Y N 272 
PHE CE2 HE2  sing N N 273 
PHE CZ  HZ   sing N N 274 
PHE OXT HXT  sing N N 275 
PRO N   CA   sing N N 276 
PRO N   CD   sing N N 277 
PRO N   H    sing N N 278 
PRO CA  C    sing N N 279 
PRO CA  CB   sing N N 280 
PRO CA  HA   sing N N 281 
PRO C   O    doub N N 282 
PRO C   OXT  sing N N 283 
PRO CB  CG   sing N N 284 
PRO CB  HB2  sing N N 285 
PRO CB  HB3  sing N N 286 
PRO CG  CD   sing N N 287 
PRO CG  HG2  sing N N 288 
PRO CG  HG3  sing N N 289 
PRO CD  HD2  sing N N 290 
PRO CD  HD3  sing N N 291 
PRO OXT HXT  sing N N 292 
SER N   CA   sing N N 293 
SER N   H    sing N N 294 
SER N   H2   sing N N 295 
SER CA  C    sing N N 296 
SER CA  CB   sing N N 297 
SER CA  HA   sing N N 298 
SER C   O    doub N N 299 
SER C   OXT  sing N N 300 
SER CB  OG   sing N N 301 
SER CB  HB2  sing N N 302 
SER CB  HB3  sing N N 303 
SER OG  HG   sing N N 304 
SER OXT HXT  sing N N 305 
THR N   CA   sing N N 306 
THR N   H    sing N N 307 
THR N   H2   sing N N 308 
THR CA  C    sing N N 309 
THR CA  CB   sing N N 310 
THR CA  HA   sing N N 311 
THR C   O    doub N N 312 
THR C   OXT  sing N N 313 
THR CB  OG1  sing N N 314 
THR CB  CG2  sing N N 315 
THR CB  HB   sing N N 316 
THR OG1 HG1  sing N N 317 
THR CG2 HG21 sing N N 318 
THR CG2 HG22 sing N N 319 
THR CG2 HG23 sing N N 320 
THR OXT HXT  sing N N 321 
TRP N   CA   sing N N 322 
TRP N   H    sing N N 323 
TRP N   H2   sing N N 324 
TRP CA  C    sing N N 325 
TRP CA  CB   sing N N 326 
TRP CA  HA   sing N N 327 
TRP C   O    doub N N 328 
TRP C   OXT  sing N N 329 
TRP CB  CG   sing N N 330 
TRP CB  HB2  sing N N 331 
TRP CB  HB3  sing N N 332 
TRP CG  CD1  doub Y N 333 
TRP CG  CD2  sing Y N 334 
TRP CD1 NE1  sing Y N 335 
TRP CD1 HD1  sing N N 336 
TRP CD2 CE2  doub Y N 337 
TRP CD2 CE3  sing Y N 338 
TRP NE1 CE2  sing Y N 339 
TRP NE1 HE1  sing N N 340 
TRP CE2 CZ2  sing Y N 341 
TRP CE3 CZ3  doub Y N 342 
TRP CE3 HE3  sing N N 343 
TRP CZ2 CH2  doub Y N 344 
TRP CZ2 HZ2  sing N N 345 
TRP CZ3 CH2  sing Y N 346 
TRP CZ3 HZ3  sing N N 347 
TRP CH2 HH2  sing N N 348 
TRP OXT HXT  sing N N 349 
TYR N   CA   sing N N 350 
TYR N   H    sing N N 351 
TYR N   H2   sing N N 352 
TYR CA  C    sing N N 353 
TYR CA  CB   sing N N 354 
TYR CA  HA   sing N N 355 
TYR C   O    doub N N 356 
TYR C   OXT  sing N N 357 
TYR CB  CG   sing N N 358 
TYR CB  HB2  sing N N 359 
TYR CB  HB3  sing N N 360 
TYR CG  CD1  doub Y N 361 
TYR CG  CD2  sing Y N 362 
TYR CD1 CE1  sing Y N 363 
TYR CD1 HD1  sing N N 364 
TYR CD2 CE2  doub Y N 365 
TYR CD2 HD2  sing N N 366 
TYR CE1 CZ   doub Y N 367 
TYR CE1 HE1  sing N N 368 
TYR CE2 CZ   sing Y N 369 
TYR CE2 HE2  sing N N 370 
TYR CZ  OH   sing N N 371 
TYR OH  HH   sing N N 372 
TYR OXT HXT  sing N N 373 
VAL N   CA   sing N N 374 
VAL N   H    sing N N 375 
VAL N   H2   sing N N 376 
VAL CA  C    sing N N 377 
VAL CA  CB   sing N N 378 
VAL CA  HA   sing N N 379 
VAL C   O    doub N N 380 
VAL C   OXT  sing N N 381 
VAL CB  CG1  sing N N 382 
VAL CB  CG2  sing N N 383 
VAL CB  HB   sing N N 384 
VAL CG1 HG11 sing N N 385 
VAL CG1 HG12 sing N N 386 
VAL CG1 HG13 sing N N 387 
VAL CG2 HG21 sing N N 388 
VAL CG2 HG22 sing N N 389 
VAL CG2 HG23 sing N N 390 
VAL OXT HXT  sing N N 391 
# 
loop_
_pdbx_audit_support.funding_organization 
_pdbx_audit_support.country 
_pdbx_audit_support.grant_number 
_pdbx_audit_support.ordinal 
'Engineering and Physical Sciences Research Council' 'United Kingdom' ? 1 
'Bill & Melinda Gates Foundation'                    'United States'  ? 2 
'European Union'                                     ?                ? 3 
# 
_pdbx_initial_refinement_model.id               1 
_pdbx_initial_refinement_model.entity_id_list   ? 
_pdbx_initial_refinement_model.type             'experimental model' 
_pdbx_initial_refinement_model.source_name      PDB 
_pdbx_initial_refinement_model.accession_code   1T56 
_pdbx_initial_refinement_model.details          ? 
# 
_atom_sites.entry_id                    5J1U 
_atom_sites.fract_transf_matrix[1][1]   -0.00366378 
_atom_sites.fract_transf_matrix[1][2]   0.00620028 
_atom_sites.fract_transf_matrix[1][3]   0.00400180 
_atom_sites.fract_transf_matrix[2][1]   0.00701157 
_atom_sites.fract_transf_matrix[2][2]   0.00153154 
_atom_sites.fract_transf_matrix[2][3]   0.00404641 
_atom_sites.fract_transf_matrix[3][1]   0.00828381 
_atom_sites.fract_transf_matrix[3][2]   0.01873650 
_atom_sites.fract_transf_matrix[3][3]   -0.02144572 
_atom_sites.fract_transf_vector[1]      0.287370 
_atom_sites.fract_transf_vector[2]      0.140503 
_atom_sites.fract_transf_vector[3]      0.491679 
# 
loop_
_atom_type.symbol 
C 
N 
O 
S 
# 
loop_
_atom_site.group_PDB 
_atom_site.id 
_atom_site.type_symbol 
_atom_site.label_atom_id 
_atom_site.label_alt_id 
_atom_site.label_comp_id 
_atom_site.label_asym_id 
_atom_site.label_entity_id 
_atom_site.label_seq_id 
_atom_site.pdbx_PDB_ins_code 
_atom_site.Cartn_x 
_atom_site.Cartn_y 
_atom_site.Cartn_z 
_atom_site.occupancy 
_atom_site.B_iso_or_equiv 
_atom_site.pdbx_formal_charge 
_atom_site.auth_seq_id 
_atom_site.auth_comp_id 
_atom_site.auth_asym_id 
_atom_site.auth_atom_id 
_atom_site.pdbx_PDB_model_num 
ATOM   1    N N   . GLY A 1 22  ? -13.399 20.633  14.021  1.00 61.18 ? 22  GLY A N   1 
ATOM   2    C CA  . GLY A 1 22  ? -12.852 19.500  14.813  1.00 58.07 ? 22  GLY A CA  1 
ATOM   3    C C   . GLY A 1 22  ? -12.290 18.519  13.801  1.00 65.78 ? 22  GLY A C   1 
ATOM   4    O O   . GLY A 1 22  ? -11.077 18.384  13.677  1.00 61.99 ? 22  GLY A O   1 
ATOM   5    N N   . ASP A 1 23  ? -13.174 17.851  13.052  1.00 65.05 ? 23  ASP A N   1 
ATOM   6    C CA  . ASP A 1 23  ? -12.761 16.980  11.947  1.00 64.15 ? 23  ASP A CA  1 
ATOM   7    C C   . ASP A 1 23  ? -12.065 17.824  10.860  1.00 67.05 ? 23  ASP A C   1 
ATOM   8    O O   . ASP A 1 23  ? -11.259 17.299  10.098  1.00 63.09 ? 23  ASP A O   1 
ATOM   9    C CB  . ASP A 1 23  ? -13.942 16.164  11.388  1.00 56.87 ? 23  ASP A CB  1 
ATOM   10   N N   . ASP A 1 24  ? -12.360 19.132  10.837  1.00 65.25 ? 24  ASP A N   1 
ATOM   11   C CA  . ASP A 1 24  ? -11.799 20.098  9.885   1.00 62.10 ? 24  ASP A CA  1 
ATOM   12   C C   . ASP A 1 24  ? -10.346 20.433  10.155  1.00 53.09 ? 24  ASP A C   1 
ATOM   13   O O   . ASP A 1 24  ? -9.534  20.457  9.235   1.00 53.24 ? 24  ASP A O   1 
ATOM   14   C CB  . ASP A 1 24  ? -12.592 21.411  9.930   1.00 72.38 ? 24  ASP A CB  1 
ATOM   15   C CG  . ASP A 1 24  ? -13.958 21.298  9.263   1.00 80.23 ? 24  ASP A CG  1 
ATOM   16   O OD1 . ASP A 1 24  ? -14.002 21.177  8.022   1.00 80.27 ? 24  ASP A OD1 1 
ATOM   17   O OD2 . ASP A 1 24  ? -14.990 21.339  9.976   1.00 86.68 ? 24  ASP A OD2 1 
ATOM   18   N N   . ARG A 1 25  ? -10.037 20.749  11.412  1.00 46.59 ? 25  ARG A N   1 
ATOM   19   C CA  . ARG A 1 25  ? -8.673  21.006  11.825  1.00 44.92 ? 25  ARG A CA  1 
ATOM   20   C C   . ARG A 1 25  ? -7.825  19.715  11.640  1.00 39.12 ? 25  ARG A C   1 
ATOM   21   O O   . ARG A 1 25  ? -6.690  19.783  11.206  1.00 34.84 ? 25  ARG A O   1 
ATOM   22   C CB  . ARG A 1 25  ? -8.621  21.544  13.270  1.00 43.63 ? 25  ARG A CB  1 
ATOM   23   C CG  . ARG A 1 25  ? -8.872  23.053  13.378  1.00 42.01 ? 25  ARG A CG  1 
ATOM   24   N N   . GLU A 1 26  ? -8.381  18.559  11.991  1.00 39.43 ? 26  GLU A N   1 
ATOM   25   C CA  . GLU A 1 26  ? -7.677  17.296  11.825  1.00 38.47 ? 26  GLU A CA  1 
ATOM   26   C C   . GLU A 1 26  ? -7.313  17.020  10.344  1.00 33.80 ? 26  GLU A C   1 
ATOM   27   O O   . GLU A 1 26  ? -6.169  16.635  10.019  1.00 36.35 ? 26  GLU A O   1 
ATOM   28   C CB  . GLU A 1 26  ? -8.563  16.199  12.346  1.00 39.12 ? 26  GLU A CB  1 
ATOM   29   C CG  . GLU A 1 26  ? -7.791  14.959  12.618  1.00 40.17 ? 26  GLU A CG  1 
ATOM   30   C CD  . GLU A 1 26  ? -8.602  13.970  13.431  1.00 51.51 ? 26  GLU A CD  1 
ATOM   31   O OE1 . GLU A 1 26  ? -8.525  12.783  13.104  1.00 50.14 ? 26  GLU A OE1 1 
ATOM   32   O OE2 . GLU A 1 26  ? -9.307  14.372  14.383  1.00 53.59 ? 26  GLU A OE2 1 
ATOM   33   N N   . LEU A 1 27  ? -8.299  17.199  9.466   1.00 40.63 ? 27  LEU A N   1 
ATOM   34   C CA  . LEU A 1 27  ? -8.109  17.030  8.020   1.00 36.77 ? 27  LEU A CA  1 
ATOM   35   C C   . LEU A 1 27  ? -7.083  18.000  7.514   1.00 34.00 ? 27  LEU A C   1 
ATOM   36   O O   . LEU A 1 27  ? -6.236  17.648  6.662   1.00 30.58 ? 27  LEU A O   1 
ATOM   37   C CB  . LEU A 1 27  ? -9.452  17.161  7.256   1.00 43.07 ? 27  LEU A CB  1 
ATOM   38   C CG  . LEU A 1 27  ? -10.308 15.879  7.322   1.00 48.58 ? 27  LEU A CG  1 
ATOM   39   C CD1 . LEU A 1 27  ? -11.718 16.076  6.800   1.00 50.61 ? 27  LEU A CD1 1 
ATOM   40   C CD2 . LEU A 1 27  ? -9.653  14.680  6.622   1.00 47.66 ? 27  LEU A CD2 1 
ATOM   41   N N   . ALA A 1 28  ? -7.132  19.247  8.029   1.00 33.77 ? 28  ALA A N   1 
ATOM   42   C CA  . ALA A 1 28  ? -6.127  20.272  7.675   1.00 32.71 ? 28  ALA A CA  1 
ATOM   43   C C   . ALA A 1 28  ? -4.725  19.839  8.064   1.00 29.42 ? 28  ALA A C   1 
ATOM   44   O O   . ALA A 1 28  ? -3.764  20.101  7.323   1.00 28.24 ? 28  ALA A O   1 
ATOM   45   C CB  . ALA A 1 28  ? -6.411  21.622  8.369   1.00 31.40 ? 28  ALA A CB  1 
ATOM   46   N N   . ILE A 1 29  ? -4.577  19.235  9.263   1.00 25.27 ? 29  ILE A N   1 
ATOM   47   C CA  . ILE A 1 29  ? -3.246  18.815  9.705   1.00 23.00 ? 29  ILE A CA  1 
ATOM   48   C C   . ILE A 1 29  ? -2.778  17.673  8.753   1.00 22.95 ? 29  ILE A C   1 
ATOM   49   O O   . ILE A 1 29  ? -1.603  17.635  8.308   1.00 23.51 ? 29  ILE A O   1 
ATOM   50   C CB  . ILE A 1 29  ? -3.313  18.240  11.140  1.00 23.61 ? 29  ILE A CB  1 
ATOM   51   C CG1 . ILE A 1 29  ? -3.492  19.409  12.131  1.00 25.43 ? 29  ILE A CG1 1 
ATOM   52   C CG2 . ILE A 1 29  ? -2.015  17.545  11.508  1.00 22.49 ? 29  ILE A CG2 1 
ATOM   53   C CD1 . ILE A 1 29  ? -3.706  18.894  13.560  1.00 28.75 ? 29  ILE A CD1 1 
ATOM   54   N N   . LEU A 1 30  ? -3.689  16.736  8.500   1.00 23.67 ? 30  LEU A N   1 
ATOM   55   C CA  . LEU A 1 30  ? -3.338  15.576  7.609   1.00 27.12 ? 30  LEU A CA  1 
ATOM   56   C C   . LEU A 1 30  ? -2.915  16.040  6.175   1.00 27.34 ? 30  LEU A C   1 
ATOM   57   O O   . LEU A 1 30  ? -1.815  15.627  5.673   1.00 26.58 ? 30  LEU A O   1 
ATOM   58   C CB  . LEU A 1 30  ? -4.501  14.622  7.563   1.00 26.79 ? 30  LEU A CB  1 
ATOM   59   C CG  . LEU A 1 30  ? -4.729  13.832  8.858   1.00 27.29 ? 30  LEU A CG  1 
ATOM   60   C CD1 . LEU A 1 30  ? -6.128  13.261  8.777   1.00 32.02 ? 30  LEU A CD1 1 
ATOM   61   C CD2 . LEU A 1 30  ? -3.697  12.694  8.996   1.00 29.34 ? 30  LEU A CD2 1 
ATOM   62   N N   . ALA A 1 31  ? -3.730  16.913  5.586   1.00 28.61 ? 31  ALA A N   1 
ATOM   63   C CA  . ALA A 1 31  ? -3.445  17.504  4.256   1.00 28.76 ? 31  ALA A CA  1 
ATOM   64   C C   . ALA A 1 31  ? -2.111  18.266  4.257   1.00 30.57 ? 31  ALA A C   1 
ATOM   65   O O   . ALA A 1 31  ? -1.266  18.109  3.333   1.00 28.23 ? 31  ALA A O   1 
ATOM   66   C CB  . ALA A 1 31  ? -4.622  18.354  3.765   1.00 30.31 ? 31  ALA A CB  1 
ATOM   67   N N   . THR A 1 32  ? -1.802  18.997  5.354   1.00 26.75 ? 32  THR A N   1 
ATOM   68   C CA  . THR A 1 32  ? -0.497  19.686  5.423   1.00 26.26 ? 32  THR A CA  1 
ATOM   69   C C   . THR A 1 32  ? 0.650   18.716  5.455   1.00 27.48 ? 32  THR A C   1 
ATOM   70   O O   . THR A 1 32  ? 1.634   18.904  4.775   1.00 29.68 ? 32  THR A O   1 
ATOM   71   C CB  . THR A 1 32  ? -0.378  20.602  6.693   1.00 25.04 ? 32  THR A CB  1 
ATOM   72   O OG1 . THR A 1 32  ? -1.346  21.600  6.543   1.00 29.86 ? 32  THR A OG1 1 
ATOM   73   C CG2 . THR A 1 32  ? 1.007   21.276  6.818   1.00 28.97 ? 32  THR A CG2 1 
ATOM   74   N N   . ALA A 1 33  ? 0.540   17.690  6.323   1.00 24.01 ? 33  ALA A N   1 
ATOM   75   C CA  . ALA A 1 33  ? 1.579   16.708  6.453   1.00 24.90 ? 33  ALA A CA  1 
ATOM   76   C C   . ALA A 1 33  ? 1.786   16.024  5.059   1.00 24.79 ? 33  ALA A C   1 
ATOM   77   O O   . ALA A 1 33  ? 2.925   15.853  4.620   1.00 27.88 ? 33  ALA A O   1 
ATOM   78   C CB  . ALA A 1 33  ? 1.162   15.670  7.488   1.00 24.81 ? 33  ALA A CB  1 
ATOM   79   N N   . GLU A 1 34  ? 0.694   15.659  4.384   1.00 27.04 ? 34  GLU A N   1 
ATOM   80   C CA  . GLU A 1 34  ? 0.884   14.959  3.076   1.00 30.09 ? 34  GLU A CA  1 
ATOM   81   C C   . GLU A 1 34  ? 1.596   15.910  2.086   1.00 32.69 ? 34  GLU A C   1 
ATOM   82   O O   . GLU A 1 34  ? 2.482   15.500  1.328   1.00 29.31 ? 34  GLU A O   1 
ATOM   83   C CB  . GLU A 1 34  ? -0.425  14.452  2.501   1.00 33.47 ? 34  GLU A CB  1 
ATOM   84   C CG  . GLU A 1 34  ? -0.190  13.493  1.295   1.00 32.79 ? 34  GLU A CG  1 
ATOM   85   C CD  . GLU A 1 34  ? -1.395  12.572  0.970   1.00 41.77 ? 34  GLU A CD  1 
ATOM   86   O OE1 . GLU A 1 34  ? -2.545  12.818  1.446   1.00 37.22 ? 34  GLU A OE1 1 
ATOM   87   O OE2 . GLU A 1 34  ? -1.206  11.576  0.204   1.00 33.90 ? 34  GLU A OE2 1 
ATOM   88   N N   . ASN A 1 35  ? 1.244   17.194  2.123   1.00 29.36 ? 35  ASN A N   1 
ATOM   89   C CA  . ASN A 1 35  ? 1.902   18.176  1.203   1.00 33.54 ? 35  ASN A CA  1 
ATOM   90   C C   . ASN A 1 35  ? 3.357   18.377  1.511   1.00 33.38 ? 35  ASN A C   1 
ATOM   91   O O   . ASN A 1 35  ? 4.219   18.281  0.621   1.00 36.08 ? 35  ASN A O   1 
ATOM   92   C CB  . ASN A 1 35  ? 1.155   19.513  1.157   1.00 39.94 ? 35  ASN A CB  1 
ATOM   93   C CG  . ASN A 1 35  ? -0.187  19.387  0.489   1.00 51.98 ? 35  ASN A CG  1 
ATOM   94   O OD1 . ASN A 1 35  ? -0.421  18.458  -0.300  1.00 61.77 ? 35  ASN A OD1 1 
ATOM   95   N ND2 . ASN A 1 35  ? -1.084  20.327  0.777   1.00 53.53 ? 35  ASN A ND2 1 
ATOM   96   N N   . LEU A 1 36  ? 3.692   18.595  2.783   1.00 29.08 ? 36  LEU A N   1 
ATOM   97   C CA  . LEU A 1 36  ? 5.070   18.724  3.188   1.00 28.47 ? 36  LEU A CA  1 
ATOM   98   C C   . LEU A 1 36  ? 5.956   17.477  2.947   1.00 33.17 ? 36  LEU A C   1 
ATOM   99   O O   . LEU A 1 36  ? 7.141   17.604  2.642   1.00 30.68 ? 36  LEU A O   1 
ATOM   100  C CB  . LEU A 1 36  ? 5.183   19.178  4.663   1.00 31.77 ? 36  LEU A CB  1 
ATOM   101  C CG  . LEU A 1 36  ? 4.546   20.540  4.986   1.00 31.87 ? 36  LEU A CG  1 
ATOM   102  C CD1 . LEU A 1 36  ? 4.716   20.704  6.494   1.00 29.54 ? 36  LEU A CD1 1 
ATOM   103  C CD2 . LEU A 1 36  ? 5.201   21.661  4.147   1.00 32.88 ? 36  LEU A CD2 1 
ATOM   104  N N   . LEU A 1 37  ? 5.373   16.274  3.060   1.00 28.68 ? 37  LEU A N   1 
ATOM   105  C CA  . LEU A 1 37  ? 6.105   15.050  2.822   1.00 26.58 ? 37  LEU A CA  1 
ATOM   106  C C   . LEU A 1 37  ? 6.487   14.863  1.328   1.00 29.23 ? 37  LEU A C   1 
ATOM   107  O O   . LEU A 1 37  ? 7.399   14.076  1.078   1.00 30.87 ? 37  LEU A O   1 
ATOM   108  C CB  . LEU A 1 37  ? 5.331   13.825  3.304   1.00 27.62 ? 37  LEU A CB  1 
ATOM   109  C CG  . LEU A 1 37  ? 5.332   13.610  4.821   1.00 25.89 ? 37  LEU A CG  1 
ATOM   110  C CD1 . LEU A 1 37  ? 4.243   12.599  5.154   1.00 25.08 ? 37  LEU A CD1 1 
ATOM   111  C CD2 . LEU A 1 37  ? 6.711   13.232  5.360   1.00 28.00 ? 37  LEU A CD2 1 
ATOM   112  N N   . GLU A 1 38  ? 5.828   15.554  0.410   1.00 33.79 ? 38  GLU A N   1 
ATOM   113  C CA  . GLU A 1 38  ? 6.229   15.554  -1.039  1.00 37.40 ? 38  GLU A CA  1 
ATOM   114  C C   . GLU A 1 38  ? 7.599   16.198  -1.210  1.00 43.96 ? 38  GLU A C   1 
ATOM   115  O O   . GLU A 1 38  ? 8.366   15.795  -2.070  1.00 46.61 ? 38  GLU A O   1 
ATOM   116  C CB  . GLU A 1 38  ? 5.183   16.243  -1.909  1.00 45.15 ? 38  GLU A CB  1 
ATOM   117  C CG  . GLU A 1 38  ? 4.181   15.248  -2.499  1.00 54.53 ? 38  GLU A CG  1 
ATOM   118  C CD  . GLU A 1 38  ? 2.752   15.619  -2.182  1.00 65.32 ? 38  GLU A CD  1 
ATOM   119  O OE1 . GLU A 1 38  ? 2.272   16.650  -2.722  1.00 68.38 ? 38  GLU A OE1 1 
ATOM   120  O OE2 . GLU A 1 38  ? 2.104   14.881  -1.390  1.00 60.63 ? 38  GLU A OE2 1 
ATOM   121  N N   . ASP A 1 39  ? 7.914   17.163  -0.349  1.00 43.99 ? 39  ASP A N   1 
ATOM   122  C CA  . ASP A 1 39  ? 9.186   17.913  -0.409  1.00 50.17 ? 39  ASP A CA  1 
ATOM   123  C C   . ASP A 1 39  ? 10.334  17.473  0.510   1.00 47.61 ? 39  ASP A C   1 
ATOM   124  O O   . ASP A 1 39  ? 11.495  17.604  0.158   1.00 47.87 ? 39  ASP A O   1 
ATOM   125  C CB  . ASP A 1 39  ? 8.904   19.404  -0.224  1.00 54.10 ? 39  ASP A CB  1 
ATOM   126  C CG  . ASP A 1 39  ? 8.337   20.040  -1.487  1.00 66.03 ? 39  ASP A CG  1 
ATOM   127  O OD1 . ASP A 1 39  ? 7.687   19.344  -2.301  1.00 70.99 ? 39  ASP A OD1 1 
ATOM   128  O OD2 . ASP A 1 39  ? 8.541   21.251  -1.685  1.00 78.70 ? 39  ASP A OD2 1 
ATOM   129  N N   . ARG A 1 40  ? 10.035  17.004  1.710   1.00 40.19 ? 40  ARG A N   1 
ATOM   130  C CA  . ARG A 1 40  ? 11.071  16.590  2.632   1.00 40.79 ? 40  ARG A CA  1 
ATOM   131  C C   . ARG A 1 40  ? 10.567  15.461  3.502   1.00 38.02 ? 40  ARG A C   1 
ATOM   132  O O   . ARG A 1 40  ? 9.347   15.226  3.567   1.00 35.63 ? 40  ARG A O   1 
ATOM   133  C CB  . ARG A 1 40  ? 11.500  17.783  3.498   1.00 48.63 ? 40  ARG A CB  1 
ATOM   134  C CG  . ARG A 1 40  ? 10.344  18.717  3.823   1.00 50.60 ? 40  ARG A CG  1 
ATOM   135  C CD  . ARG A 1 40  ? 10.856  20.134  4.042   1.00 53.91 ? 40  ARG A CD  1 
ATOM   136  N NE  . ARG A 1 40  ? 10.158  20.714  5.175   1.00 53.34 ? 40  ARG A NE  1 
ATOM   137  C CZ  . ARG A 1 40  ? 9.163   21.590  5.089   1.00 53.01 ? 40  ARG A CZ  1 
ATOM   138  N NH1 . ARG A 1 40  ? 8.750   22.049  3.908   1.00 56.42 ? 40  ARG A NH1 1 
ATOM   139  N NH2 . ARG A 1 40  ? 8.584   22.009  6.205   1.00 50.46 ? 40  ARG A NH2 1 
ATOM   140  N N   . PRO A 1 41  ? 11.486  14.749  4.159   1.00 36.37 ? 41  PRO A N   1 
ATOM   141  C CA  . PRO A 1 41  ? 11.105  13.638  5.002   1.00 42.70 ? 41  PRO A CA  1 
ATOM   142  C C   . PRO A 1 41  ? 10.573  14.125  6.357   1.00 42.96 ? 41  PRO A C   1 
ATOM   143  O O   . PRO A 1 41  ? 10.711  15.334  6.682   1.00 39.84 ? 41  PRO A O   1 
ATOM   144  C CB  . PRO A 1 41  ? 12.429  12.897  5.219   1.00 41.37 ? 41  PRO A CB  1 
ATOM   145  C CG  . PRO A 1 41  ? 13.443  13.983  5.181   1.00 41.97 ? 41  PRO A CG  1 
ATOM   146  C CD  . PRO A 1 41  ? 12.953  14.901  4.097   1.00 40.94 ? 41  PRO A CD  1 
ATOM   147  N N   . LEU A 1 42  ? 10.022  13.171  7.122   1.00 40.27 ? 42  LEU A N   1 
ATOM   148  C CA  . LEU A 1 42  ? 9.352   13.452  8.383   1.00 42.80 ? 42  LEU A CA  1 
ATOM   149  C C   . LEU A 1 42  ? 10.317  14.138  9.349   1.00 45.41 ? 42  LEU A C   1 
ATOM   150  O O   . LEU A 1 42  ? 9.964   15.141  9.950   1.00 44.94 ? 42  LEU A O   1 
ATOM   151  C CB  . LEU A 1 42  ? 8.728   12.190  9.012   1.00 38.23 ? 42  LEU A CB  1 
ATOM   152  C CG  . LEU A 1 42  ? 7.687   12.426  10.136  1.00 38.12 ? 42  LEU A CG  1 
ATOM   153  C CD1 . LEU A 1 42  ? 6.471   13.262  9.687   1.00 38.02 ? 42  LEU A CD1 1 
ATOM   154  C CD2 . LEU A 1 42  ? 7.152   11.117  10.718  1.00 43.39 ? 42  LEU A CD2 1 
ATOM   155  N N   . ALA A 1 43  ? 11.537  13.605  9.451   1.00 46.84 ? 43  ALA A N   1 
ATOM   156  C CA  . ALA A 1 43  ? 12.627  14.214  10.218  1.00 47.09 ? 43  ALA A CA  1 
ATOM   157  C C   . ALA A 1 43  ? 12.814  15.723  9.960   1.00 49.63 ? 43  ALA A C   1 
ATOM   158  O O   . ALA A 1 43  ? 13.212  16.455  10.864  1.00 51.15 ? 43  ALA A O   1 
ATOM   159  C CB  . ALA A 1 43  ? 13.932  13.461  9.952   1.00 48.25 ? 43  ALA A CB  1 
ATOM   160  N N   . ASP A 1 44  ? 12.520  16.209  8.749   1.00 44.13 ? 44  ASP A N   1 
ATOM   161  C CA  . ASP A 1 44  ? 12.784  17.607  8.450   1.00 44.96 ? 44  ASP A CA  1 
ATOM   162  C C   . ASP A 1 44  ? 11.524  18.416  8.562   1.00 41.87 ? 44  ASP A C   1 
ATOM   163  O O   . ASP A 1 44  ? 11.503  19.538  8.098   1.00 39.40 ? 44  ASP A O   1 
ATOM   164  C CB  . ASP A 1 44  ? 13.390  17.822  7.059   1.00 47.71 ? 44  ASP A CB  1 
ATOM   165  C CG  . ASP A 1 44  ? 14.752  17.135  6.862   1.00 57.30 ? 44  ASP A CG  1 
ATOM   166  O OD1 . ASP A 1 44  ? 15.311  16.515  7.787   1.00 63.76 ? 44  ASP A OD1 1 
ATOM   167  O OD2 . ASP A 1 44  ? 15.279  17.225  5.737   1.00 63.09 ? 44  ASP A OD2 1 
ATOM   168  N N   . ILE A 1 45  ? 10.459  17.837  9.142   1.00 41.39 ? 45  ILE A N   1 
ATOM   169  C CA  . ILE A 1 45  ? 9.184   18.546  9.288   1.00 38.13 ? 45  ILE A CA  1 
ATOM   170  C C   . ILE A 1 45  ? 8.897   18.685  10.796  1.00 40.63 ? 45  ILE A C   1 
ATOM   171  O O   . ILE A 1 45  ? 9.023   17.693  11.530  1.00 42.35 ? 45  ILE A O   1 
ATOM   172  C CB  . ILE A 1 45  ? 8.009   17.772  8.616   1.00 37.47 ? 45  ILE A CB  1 
ATOM   173  C CG1 . ILE A 1 45  ? 8.202   17.687  7.088   1.00 36.06 ? 45  ILE A CG1 1 
ATOM   174  C CG2 . ILE A 1 45  ? 6.691   18.462  8.905   1.00 38.31 ? 45  ILE A CG2 1 
ATOM   175  C CD1 . ILE A 1 45  ? 7.193   16.789  6.370   1.00 34.65 ? 45  ILE A CD1 1 
ATOM   176  N N   . SER A 1 46  ? 8.510   19.873  11.272  1.00 42.96 ? 46  SER A N   1 
ATOM   177  C CA  . SER A 1 46  ? 8.254   20.003  12.730  1.00 41.77 ? 46  SER A CA  1 
ATOM   178  C C   . SER A 1 46  ? 6.788   20.024  13.049  1.00 39.55 ? 46  SER A C   1 
ATOM   179  O O   . SER A 1 46  ? 5.949   20.360  12.193  1.00 37.63 ? 46  SER A O   1 
ATOM   180  C CB  . SER A 1 46  ? 8.969   21.231  13.358  1.00 40.90 ? 46  SER A CB  1 
ATOM   181  O OG  . SER A 1 46  ? 8.630   22.401  12.632  1.00 41.12 ? 46  SER A OG  1 
ATOM   182  N N   . VAL A 1 47  ? 6.451   19.681  14.298  1.00 42.73 ? 47  VAL A N   1 
ATOM   183  C CA  . VAL A 1 47  ? 5.092   19.967  14.768  1.00 40.21 ? 47  VAL A CA  1 
ATOM   184  C C   . VAL A 1 47  ? 4.706   21.440  14.462  1.00 37.45 ? 47  VAL A C   1 
ATOM   185  O O   . VAL A 1 47  ? 3.588   21.744  14.019  1.00 33.35 ? 47  VAL A O   1 
ATOM   186  C CB  . VAL A 1 47  ? 4.899   19.614  16.271  1.00 40.36 ? 47  VAL A CB  1 
ATOM   187  C CG1 . VAL A 1 47  ? 3.553   20.149  16.785  1.00 35.32 ? 47  VAL A CG1 1 
ATOM   188  C CG2 . VAL A 1 47  ? 4.985   18.111  16.461  1.00 40.51 ? 47  VAL A CG2 1 
ATOM   189  N N   . ASP A 1 48  ? 5.627   22.382  14.695  1.00 43.98 ? 48  ASP A N   1 
ATOM   190  C CA  . ASP A 1 48  ? 5.303   23.788  14.379  1.00 42.76 ? 48  ASP A CA  1 
ATOM   191  C C   . ASP A 1 48  ? 4.936   23.965  12.893  1.00 39.99 ? 48  ASP A C   1 
ATOM   192  O O   . ASP A 1 48  ? 4.032   24.746  12.549  1.00 39.02 ? 48  ASP A O   1 
ATOM   193  C CB  . ASP A 1 48  ? 6.448   24.750  14.763  1.00 46.11 ? 48  ASP A CB  1 
ATOM   194  C CG  . ASP A 1 48  ? 6.534   25.024  16.272  1.00 53.71 ? 48  ASP A CG  1 
ATOM   195  O OD1 . ASP A 1 48  ? 5.520   24.907  17.023  1.00 53.76 ? 48  ASP A OD1 1 
ATOM   196  O OD2 . ASP A 1 48  ? 7.649   25.373  16.699  1.00 54.86 ? 48  ASP A OD2 1 
ATOM   197  N N   . ASP A 1 49  ? 5.642   23.220  12.020  1.00 39.85 ? 49  ASP A N   1 
ATOM   198  C CA  . ASP A 1 49  ? 5.379   23.238  10.565  1.00 36.63 ? 49  ASP A CA  1 
ATOM   199  C C   . ASP A 1 49  ? 3.973   22.779  10.267  1.00 34.05 ? 49  ASP A C   1 
ATOM   200  O O   . ASP A 1 49  ? 3.248   23.420  9.489   1.00 31.66 ? 49  ASP A O   1 
ATOM   201  C CB  . ASP A 1 49  ? 6.369   22.312  9.807   1.00 42.67 ? 49  ASP A CB  1 
ATOM   202  C CG  . ASP A 1 49  ? 7.754   22.893  9.687   1.00 46.16 ? 49  ASP A CG  1 
ATOM   203  O OD1 . ASP A 1 49  ? 7.867   24.133  9.600   1.00 47.95 ? 49  ASP A OD1 1 
ATOM   204  O OD2 . ASP A 1 49  ? 8.737   22.107  9.661   1.00 47.33 ? 49  ASP A OD2 1 
ATOM   205  N N   . LEU A 1 50  ? 3.560   21.648  10.872  1.00 31.05 ? 50  LEU A N   1 
ATOM   206  C CA  . LEU A 1 50  ? 2.205   21.135  10.631  1.00 27.90 ? 50  LEU A CA  1 
ATOM   207  C C   . LEU A 1 50  ? 1.140   22.081  11.169  1.00 27.96 ? 50  LEU A C   1 
ATOM   208  O O   . LEU A 1 50  ? 0.094   22.263  10.569  1.00 28.17 ? 50  LEU A O   1 
ATOM   209  C CB  . LEU A 1 50  ? 2.040   19.730  11.251  1.00 28.69 ? 50  LEU A CB  1 
ATOM   210  C CG  . LEU A 1 50  ? 3.075   18.724  10.713  1.00 29.53 ? 50  LEU A CG  1 
ATOM   211  C CD1 . LEU A 1 50  ? 2.920   17.385  11.402  1.00 32.77 ? 50  LEU A CD1 1 
ATOM   212  C CD2 . LEU A 1 50  ? 2.926   18.615  9.179   1.00 37.53 ? 50  LEU A CD2 1 
ATOM   213  N N   . ALA A 1 51  ? 1.411   22.652  12.360  1.00 32.30 ? 51  ALA A N   1 
ATOM   214  C CA  . ALA A 1 51  ? 0.430   23.517  12.954  1.00 30.57 ? 51  ALA A CA  1 
ATOM   215  C C   . ALA A 1 51  ? 0.251   24.749  12.072  1.00 30.84 ? 51  ALA A C   1 
ATOM   216  O O   . ALA A 1 51  ? -0.894  25.094  11.765  1.00 30.55 ? 51  ALA A O   1 
ATOM   217  C CB  . ALA A 1 51  ? 0.856   23.924  14.367  1.00 29.94 ? 51  ALA A CB  1 
ATOM   218  N N   . LYS A 1 52  ? 1.372   25.364  11.688  1.00 36.21 ? 52  LYS A N   1 
ATOM   219  C CA  . LYS A 1 52  ? 1.337   26.599  10.843  1.00 38.88 ? 52  LYS A CA  1 
ATOM   220  C C   . LYS A 1 52  ? 0.571   26.329  9.550   1.00 38.50 ? 52  LYS A C   1 
ATOM   221  O O   . LYS A 1 52  ? -0.441  26.986  9.272   1.00 35.33 ? 52  LYS A O   1 
ATOM   222  C CB  . LYS A 1 52  ? 2.741   27.180  10.596  1.00 39.03 ? 52  LYS A CB  1 
ATOM   223  N N   . GLY A 1 53  ? 0.965   25.274  8.801   1.00 38.84 ? 53  GLY A N   1 
ATOM   224  C CA  . GLY A 1 53  ? 0.191   24.910  7.625   1.00 33.53 ? 53  GLY A CA  1 
ATOM   225  C C   . GLY A 1 53  ? -1.290  24.674  7.849   1.00 34.38 ? 53  GLY A C   1 
ATOM   226  O O   . GLY A 1 53  ? -2.097  24.934  6.971   1.00 32.09 ? 53  GLY A O   1 
ATOM   227  N N   . ALA A 1 54  ? -1.686  24.187  9.031   1.00 32.57 ? 54  ALA A N   1 
ATOM   228  C CA  . ALA A 1 54  ? -3.119  23.908  9.319   1.00 30.92 ? 54  ALA A CA  1 
ATOM   229  C C   . ALA A 1 54  ? -3.843  25.097  9.946   1.00 33.73 ? 54  ALA A C   1 
ATOM   230  O O   . ALA A 1 54  ? -5.050  25.036  10.243  1.00 34.78 ? 54  ALA A O   1 
ATOM   231  C CB  . ALA A 1 54  ? -3.277  22.664  10.240  1.00 30.21 ? 54  ALA A CB  1 
ATOM   232  N N   . GLY A 1 55  ? -3.078  26.158  10.163  1.00 34.55 ? 55  GLY A N   1 
ATOM   233  C CA  . GLY A 1 55  ? -3.646  27.408  10.633  1.00 36.39 ? 55  GLY A CA  1 
ATOM   234  C C   . GLY A 1 55  ? -3.974  27.298  12.125  1.00 33.70 ? 55  GLY A C   1 
ATOM   235  O O   . GLY A 1 55  ? -4.942  27.867  12.542  1.00 34.72 ? 55  GLY A O   1 
ATOM   236  N N   . ILE A 1 56  ? -3.166  26.584  12.919  1.00 31.41 ? 56  ILE A N   1 
ATOM   237  C CA  . ILE A 1 56  ? -3.467  26.404  14.378  1.00 28.11 ? 56  ILE A CA  1 
ATOM   238  C C   . ILE A 1 56  ? -2.218  26.610  15.133  1.00 28.85 ? 56  ILE A C   1 
ATOM   239  O O   . ILE A 1 56  ? -1.145  26.620  14.547  1.00 25.48 ? 56  ILE A O   1 
ATOM   240  C CB  . ILE A 1 56  ? -4.061  24.976  14.680  1.00 26.54 ? 56  ILE A CB  1 
ATOM   241  C CG1 . ILE A 1 56  ? -3.064  23.907  14.206  1.00 26.58 ? 56  ILE A CG1 1 
ATOM   242  C CG2 . ILE A 1 56  ? -5.469  24.808  14.139  1.00 30.84 ? 56  ILE A CG2 1 
ATOM   243  C CD1 . ILE A 1 56  ? -3.531  22.479  14.515  1.00 27.75 ? 56  ILE A CD1 1 
ATOM   244  N N   . SER A 1 57  ? -2.304  26.721  16.485  1.00 26.78 ? 57  SER A N   1 
ATOM   245  C CA  . SER A 1 57  ? -1.101  26.822  17.296  1.00 25.39 ? 57  SER A CA  1 
ATOM   246  C C   . SER A 1 57  ? -0.529  25.446  17.574  1.00 24.83 ? 57  SER A C   1 
ATOM   247  O O   . SER A 1 57  ? -1.198  24.402  17.416  1.00 25.44 ? 57  SER A O   1 
ATOM   248  C CB  . SER A 1 57  ? -1.480  27.509  18.658  1.00 26.47 ? 57  SER A CB  1 
ATOM   249  O OG  . SER A 1 57  ? -2.285  26.585  19.352  1.00 22.46 ? 57  SER A OG  1 
ATOM   250  N N   . ARG A 1 58  ? 0.695   25.424  18.025  1.00 23.33 ? 58  ARG A N   1 
ATOM   251  C CA  . ARG A 1 58  ? 1.268   24.213  18.525  1.00 26.47 ? 58  ARG A CA  1 
ATOM   252  C C   . ARG A 1 58  ? 0.537   23.419  19.613  1.00 27.24 ? 58  ARG A C   1 
ATOM   253  O O   . ARG A 1 58  ? 0.306   22.206  19.443  1.00 23.44 ? 58  ARG A O   1 
ATOM   254  C CB  . ARG A 1 58  ? 2.793   24.418  18.710  1.00 30.77 ? 58  ARG A CB  1 
ATOM   255  C CG  . ARG A 1 58  ? 3.553   23.511  19.656  1.00 38.45 ? 58  ARG A CG  1 
ATOM   256  C CD  . ARG A 1 58  ? 4.962   24.144  19.795  1.00 46.33 ? 58  ARG A CD  1 
ATOM   257  N NE  . ARG A 1 58  ? 5.830   23.285  20.553  1.00 57.50 ? 58  ARG A NE  1 
ATOM   258  C CZ  . ARG A 1 58  ? 6.395   22.182  20.056  1.00 72.50 ? 58  ARG A CZ  1 
ATOM   259  N NH1 . ARG A 1 58  ? 6.184   21.835  18.790  1.00 77.45 ? 58  ARG A NH1 1 
ATOM   260  N NH2 . ARG A 1 58  ? 7.177   21.417  20.817  1.00 71.81 ? 58  ARG A NH2 1 
ATOM   261  N N   . PRO A 1 59  ? 0.085   24.073  20.744  1.00 25.54 ? 59  PRO A N   1 
ATOM   262  C CA  . PRO A 1 59  ? -0.717  23.248  21.672  1.00 22.41 ? 59  PRO A CA  1 
ATOM   263  C C   . PRO A 1 59  ? -2.056  22.768  21.067  1.00 21.10 ? 59  PRO A C   1 
ATOM   264  O O   . PRO A 1 59  ? -2.575  21.707  21.426  1.00 23.22 ? 59  PRO A O   1 
ATOM   265  C CB  . PRO A 1 59  ? -1.002  24.218  22.893  1.00 20.68 ? 59  PRO A CB  1 
ATOM   266  C CG  . PRO A 1 59  ? -0.711  25.559  22.335  1.00 21.36 ? 59  PRO A CG  1 
ATOM   267  C CD  . PRO A 1 59  ? 0.377   25.428  21.282  1.00 25.31 ? 59  PRO A CD  1 
ATOM   268  N N   . THR A 1 60  ? -2.581  23.514  20.124  1.00 20.96 ? 60  THR A N   1 
ATOM   269  C CA  . THR A 1 60  ? -3.863  23.077  19.519  1.00 21.31 ? 60  THR A CA  1 
ATOM   270  C C   . THR A 1 60  ? -3.614  21.766  18.702  1.00 21.92 ? 60  THR A C   1 
ATOM   271  O O   . THR A 1 60  ? -4.435  20.838  18.768  1.00 23.49 ? 60  THR A O   1 
ATOM   272  C CB  . THR A 1 60  ? -4.595  24.190  18.717  1.00 22.58 ? 60  THR A CB  1 
ATOM   273  O OG1 . THR A 1 60  ? -5.124  25.203  19.627  1.00 21.95 ? 60  THR A OG1 1 
ATOM   274  C CG2 . THR A 1 60  ? -5.848  23.638  17.998  1.00 22.76 ? 60  THR A CG2 1 
ATOM   275  N N   . PHE A 1 61  ? -2.520  21.732  17.990  1.00 23.44 ? 61  PHE A N   1 
ATOM   276  C CA  . PHE A 1 61  ? -2.064  20.520  17.251  1.00 23.97 ? 61  PHE A CA  1 
ATOM   277  C C   . PHE A 1 61  ? -2.081  19.283  18.150  1.00 30.60 ? 61  PHE A C   1 
ATOM   278  O O   . PHE A 1 61  ? -2.685  18.258  17.797  1.00 27.28 ? 61  PHE A O   1 
ATOM   279  C CB  . PHE A 1 61  ? -0.657  20.708  16.762  1.00 27.84 ? 61  PHE A CB  1 
ATOM   280  C CG  . PHE A 1 61  ? -0.037  19.432  16.194  1.00 28.10 ? 61  PHE A CG  1 
ATOM   281  C CD1 . PHE A 1 61  ? -0.161  19.139  14.819  1.00 29.69 ? 61  PHE A CD1 1 
ATOM   282  C CD2 . PHE A 1 61  ? 0.677   18.546  17.010  1.00 28.60 ? 61  PHE A CD2 1 
ATOM   283  C CE1 . PHE A 1 61  ? 0.396   17.957  14.308  1.00 28.17 ? 61  PHE A CE1 1 
ATOM   284  C CE2 . PHE A 1 61  ? 1.234   17.342  16.495  1.00 31.69 ? 61  PHE A CE2 1 
ATOM   285  C CZ  . PHE A 1 61  ? 1.114   17.074  15.129  1.00 30.37 ? 61  PHE A CZ  1 
ATOM   286  N N   . TYR A 1 62  ? -1.484  19.437  19.341  1.00 28.66 ? 62  TYR A N   1 
ATOM   287  C CA  . TYR A 1 62  ? -1.317  18.333  20.297  1.00 33.06 ? 62  TYR A CA  1 
ATOM   288  C C   . TYR A 1 62  ? -2.594  17.862  20.852  1.00 29.21 ? 62  TYR A C   1 
ATOM   289  O O   . TYR A 1 62  ? -2.673  16.731  21.381  1.00 35.08 ? 62  TYR A O   1 
ATOM   290  C CB  . TYR A 1 62  ? -0.406  18.729  21.429  1.00 31.79 ? 62  TYR A CB  1 
ATOM   291  C CG  . TYR A 1 62  ? 0.993   18.646  21.086  1.00 34.78 ? 62  TYR A CG  1 
ATOM   292  C CD1 . TYR A 1 62  ? 1.557   17.439  20.610  1.00 31.97 ? 62  TYR A CD1 1 
ATOM   293  C CD2 . TYR A 1 62  ? 1.797   19.755  21.196  1.00 33.99 ? 62  TYR A CD2 1 
ATOM   294  C CE1 . TYR A 1 62  ? 2.892   17.384  20.277  1.00 33.36 ? 62  TYR A CE1 1 
ATOM   295  C CE2 . TYR A 1 62  ? 3.138   19.675  20.868  1.00 42.98 ? 62  TYR A CE2 1 
ATOM   296  C CZ  . TYR A 1 62  ? 3.662   18.471  20.411  1.00 35.78 ? 62  TYR A CZ  1 
ATOM   297  O OH  . TYR A 1 62  ? 4.982   18.407  20.075  1.00 41.65 ? 62  TYR A OH  1 
ATOM   298  N N   . PHE A 1 63  ? -3.629  18.662  20.713  1.00 32.65 ? 63  PHE A N   1 
ATOM   299  C CA  . PHE A 1 63  ? -4.953  18.221  21.036  1.00 30.09 ? 63  PHE A CA  1 
ATOM   300  C C   . PHE A 1 63  ? -5.526  17.177  20.044  1.00 39.21 ? 63  PHE A C   1 
ATOM   301  O O   . PHE A 1 63  ? -6.259  16.288  20.434  1.00 35.80 ? 63  PHE A O   1 
ATOM   302  C CB  . PHE A 1 63  ? -5.925  19.379  21.119  1.00 37.03 ? 63  PHE A CB  1 
ATOM   303  C CG  . PHE A 1 63  ? -7.327  18.966  21.458  1.00 37.15 ? 63  PHE A CG  1 
ATOM   304  C CD1 . PHE A 1 63  ? -7.677  18.637  22.788  1.00 38.30 ? 63  PHE A CD1 1 
ATOM   305  C CD2 . PHE A 1 63  ? -8.310  18.929  20.493  1.00 37.92 ? 63  PHE A CD2 1 
ATOM   306  C CE1 . PHE A 1 63  ? -8.962  18.234  23.104  1.00 41.02 ? 63  PHE A CE1 1 
ATOM   307  C CE2 . PHE A 1 63  ? -9.618  18.534  20.810  1.00 40.79 ? 63  PHE A CE2 1 
ATOM   308  C CZ  . PHE A 1 63  ? -9.942  18.193  22.111  1.00 37.85 ? 63  PHE A CZ  1 
ATOM   309  N N   . TYR A 1 64  ? -5.241  17.335  18.759  1.00 31.34 ? 64  TYR A N   1 
ATOM   310  C CA  . TYR A 1 64  ? -5.659  16.342  17.741  1.00 31.90 ? 64  TYR A CA  1 
ATOM   311  C C   . TYR A 1 64  ? -4.737  15.128  17.538  1.00 32.90 ? 64  TYR A C   1 
ATOM   312  O O   . TYR A 1 64  ? -5.263  14.060  17.164  1.00 33.53 ? 64  TYR A O   1 
ATOM   313  C CB  . TYR A 1 64  ? -5.788  17.053  16.393  1.00 32.88 ? 64  TYR A CB  1 
ATOM   314  C CG  . TYR A 1 64  ? -6.875  18.035  16.445  1.00 30.97 ? 64  TYR A CG  1 
ATOM   315  C CD1 . TYR A 1 64  ? -8.184  17.611  16.392  1.00 36.07 ? 64  TYR A CD1 1 
ATOM   316  C CD2 . TYR A 1 64  ? -6.602  19.428  16.610  1.00 29.65 ? 64  TYR A CD2 1 
ATOM   317  C CE1 . TYR A 1 64  ? -9.218  18.503  16.487  1.00 37.60 ? 64  TYR A CE1 1 
ATOM   318  C CE2 . TYR A 1 64  ? -7.648  20.339  16.720  1.00 30.10 ? 64  TYR A CE2 1 
ATOM   319  C CZ  . TYR A 1 64  ? -8.944  19.862  16.628  1.00 35.30 ? 64  TYR A CZ  1 
ATOM   320  O OH  . TYR A 1 64  ? -9.991  20.715  16.704  1.00 40.33 ? 64  TYR A OH  1 
ATOM   321  N N   . PHE A 1 65  ? -3.423  15.323  17.713  1.00 29.75 ? 65  PHE A N   1 
ATOM   322  C CA  . PHE A 1 65  ? -2.356  14.310  17.539  1.00 31.15 ? 65  PHE A CA  1 
ATOM   323  C C   . PHE A 1 65  ? -1.277  14.417  18.569  1.00 31.94 ? 65  PHE A C   1 
ATOM   324  O O   . PHE A 1 65  ? -0.671  15.523  18.808  1.00 32.07 ? 65  PHE A O   1 
ATOM   325  C CB  . PHE A 1 65  ? -1.668  14.358  16.106  1.00 26.36 ? 65  PHE A CB  1 
ATOM   326  C CG  . PHE A 1 65  ? -2.623  14.104  14.985  1.00 29.29 ? 65  PHE A CG  1 
ATOM   327  C CD1 . PHE A 1 65  ? -2.867  12.766  14.526  1.00 28.75 ? 65  PHE A CD1 1 
ATOM   328  C CD2 . PHE A 1 65  ? -3.295  15.162  14.349  1.00 28.37 ? 65  PHE A CD2 1 
ATOM   329  C CE1 . PHE A 1 65  ? -3.793  12.555  13.489  1.00 27.02 ? 65  PHE A CE1 1 
ATOM   330  C CE2 . PHE A 1 65  ? -4.186  14.937  13.302  1.00 28.64 ? 65  PHE A CE2 1 
ATOM   331  C CZ  . PHE A 1 65  ? -4.423  13.621  12.863  1.00 25.70 ? 65  PHE A CZ  1 
ATOM   332  N N   . PRO A 1 66  ? -0.904  13.251  19.132  1.00 34.59 ? 66  PRO A N   1 
ATOM   333  C CA  . PRO A 1 66  ? 0.184   13.249  20.077  1.00 34.11 ? 66  PRO A CA  1 
ATOM   334  C C   . PRO A 1 66  ? 1.556   13.561  19.521  1.00 35.30 ? 66  PRO A C   1 
ATOM   335  O O   . PRO A 1 66  ? 2.418   13.850  20.309  1.00 32.16 ? 66  PRO A O   1 
ATOM   336  C CB  . PRO A 1 66  ? 0.127   11.826  20.696  1.00 35.45 ? 66  PRO A CB  1 
ATOM   337  C CG  . PRO A 1 66  ? -0.613  11.001  19.707  1.00 35.74 ? 66  PRO A CG  1 
ATOM   338  C CD  . PRO A 1 66  ? -1.483  11.892  18.914  1.00 36.47 ? 66  PRO A CD  1 
ATOM   339  N N   . SER A 1 67  ? 1.802   13.508  18.186  1.00 31.81 ? 67  SER A N   1 
ATOM   340  C CA  . SER A 1 67  ? 3.161   13.673  17.698  1.00 31.91 ? 67  SER A CA  1 
ATOM   341  C C   . SER A 1 67  ? 3.078   13.735  16.152  1.00 28.12 ? 67  SER A C   1 
ATOM   342  O O   . SER A 1 67  ? 2.043   13.411  15.591  1.00 28.86 ? 67  SER A O   1 
ATOM   343  C CB  . SER A 1 67  ? 4.006   12.443  18.061  1.00 37.73 ? 67  SER A CB  1 
ATOM   344  O OG  . SER A 1 67  ? 3.423   11.334  17.363  1.00 35.36 ? 67  SER A OG  1 
ATOM   345  N N   . LYS A 1 68  ? 4.145   14.174  15.514  1.00 28.53 ? 68  LYS A N   1 
ATOM   346  C CA  . LYS A 1 68  ? 4.125   14.209  14.035  1.00 34.19 ? 68  LYS A CA  1 
ATOM   347  C C   . LYS A 1 68  ? 4.090   12.770  13.495  1.00 36.48 ? 68  LYS A C   1 
ATOM   348  O O   . LYS A 1 68  ? 3.504   12.528  12.433  1.00 30.43 ? 68  LYS A O   1 
ATOM   349  C CB  . LYS A 1 68  ? 5.308   14.977  13.440  1.00 34.72 ? 68  LYS A CB  1 
ATOM   350  C CG  . LYS A 1 68  ? 6.666   14.361  13.732  1.00 37.57 ? 68  LYS A CG  1 
ATOM   351  C CD  . LYS A 1 68  ? 7.779   15.270  13.284  1.00 39.75 ? 68  LYS A CD  1 
ATOM   352  C CE  . LYS A 1 68  ? 9.127   14.590  13.361  1.00 40.90 ? 68  LYS A CE  1 
ATOM   353  N NZ  . LYS A 1 68  ? 10.121  15.650  13.045  1.00 46.59 ? 68  LYS A NZ  1 
ATOM   354  N N   . GLU A 1 69  ? 4.735   11.849  14.223  1.00 35.06 ? 69  GLU A N   1 
ATOM   355  C CA  . GLU A 1 69  ? 4.768   10.429  13.852  1.00 37.89 ? 69  GLU A CA  1 
ATOM   356  C C   . GLU A 1 69  ? 3.359   9.852   13.849  1.00 35.93 ? 69  GLU A C   1 
ATOM   357  O O   . GLU A 1 69  ? 3.026   9.020   13.017  1.00 32.97 ? 69  GLU A O   1 
ATOM   358  C CB  . GLU A 1 69  ? 5.696   9.619   14.781  1.00 36.64 ? 69  GLU A CB  1 
ATOM   359  C CG  . GLU A 1 69  ? 7.190   9.963   14.627  1.00 40.88 ? 69  GLU A CG  1 
ATOM   360  C CD  . GLU A 1 69  ? 7.677   11.163  15.473  1.00 46.22 ? 69  GLU A CD  1 
ATOM   361  O OE1 . GLU A 1 69  ? 6.906   11.804  16.257  1.00 40.02 ? 69  GLU A OE1 1 
ATOM   362  O OE2 . GLU A 1 69  ? 8.874   11.474  15.348  1.00 52.53 ? 69  GLU A OE2 1 
ATOM   363  N N   . ALA A 1 70  ? 2.498   10.294  14.769  1.00 30.98 ? 70  ALA A N   1 
ATOM   364  C CA  . ALA A 1 70  ? 1.103   9.858   14.782  1.00 27.40 ? 70  ALA A CA  1 
ATOM   365  C C   . ALA A 1 70  ? 0.325   10.369  13.605  1.00 27.94 ? 70  ALA A C   1 
ATOM   366  O O   . ALA A 1 70  ? -0.683  9.767   13.186  1.00 26.86 ? 70  ALA A O   1 
ATOM   367  C CB  . ALA A 1 70  ? 0.384   10.275  16.069  1.00 28.59 ? 70  ALA A CB  1 
ATOM   368  N N   . VAL A 1 71  ? 0.706   11.552  13.142  1.00 24.42 ? 71  VAL A N   1 
ATOM   369  C CA  . VAL A 1 71  ? 0.094   12.077  11.946  1.00 23.71 ? 71  VAL A CA  1 
ATOM   370  C C   . VAL A 1 71  ? 0.405   11.122  10.752  1.00 24.16 ? 71  VAL A C   1 
ATOM   371  O O   . VAL A 1 71  ? -0.493  10.838  9.971   1.00 25.34 ? 71  VAL A O   1 
ATOM   372  C CB  . VAL A 1 71  ? 0.619   13.469  11.639  1.00 24.14 ? 71  VAL A CB  1 
ATOM   373  C CG1 . VAL A 1 71  ? 0.072   13.941  10.290  1.00 28.11 ? 71  VAL A CG1 1 
ATOM   374  C CG2 . VAL A 1 71  ? 0.125   14.430  12.773  1.00 25.18 ? 71  VAL A CG2 1 
ATOM   375  N N   . LEU A 1 72  ? 1.671   10.757  10.625  1.00 26.36 ? 72  LEU A N   1 
ATOM   376  C CA  . LEU A 1 72  ? 2.082   9.806   9.509   1.00 26.43 ? 72  LEU A CA  1 
ATOM   377  C C   . LEU A 1 72  ? 1.358   8.458   9.620   1.00 27.91 ? 72  LEU A C   1 
ATOM   378  O O   . LEU A 1 72  ? 0.833   7.944   8.639   1.00 28.76 ? 72  LEU A O   1 
ATOM   379  C CB  . LEU A 1 72  ? 3.526   9.596   9.518   1.00 26.26 ? 72  LEU A CB  1 
ATOM   380  C CG  . LEU A 1 72  ? 4.028   8.552   8.489   1.00 28.17 ? 72  LEU A CG  1 
ATOM   381  C CD1 . LEU A 1 72  ? 3.658   9.047   7.095   1.00 30.12 ? 72  LEU A CD1 1 
ATOM   382  C CD2 . LEU A 1 72  ? 5.514   8.481   8.651   1.00 29.41 ? 72  LEU A CD2 1 
ATOM   383  N N   . LEU A 1 73  ? 1.253   7.943   10.841  1.00 27.07 ? 73  LEU A N   1 
ATOM   384  C CA  . LEU A 1 73  ? 0.448   6.747   11.108  1.00 26.13 ? 73  LEU A CA  1 
ATOM   385  C C   . LEU A 1 73  ? -0.945  6.846   10.646  1.00 26.28 ? 73  LEU A C   1 
ATOM   386  O O   . LEU A 1 73  ? -1.448  5.945   9.976   1.00 23.82 ? 73  LEU A O   1 
ATOM   387  C CB  . LEU A 1 73  ? 0.527   6.353   12.607  1.00 27.11 ? 73  LEU A CB  1 
ATOM   388  C CG  . LEU A 1 73  ? -0.269  5.135   13.040  1.00 34.23 ? 73  LEU A CG  1 
ATOM   389  C CD1 . LEU A 1 73  ? 0.284   3.906   12.290  1.00 31.19 ? 73  LEU A CD1 1 
ATOM   390  C CD2 . LEU A 1 73  ? -0.137  4.980   14.554  1.00 31.47 ? 73  LEU A CD2 1 
ATOM   391  N N   . THR A 1 74  ? -1.632  7.958   10.924  1.00 25.35 ? 74  THR A N   1 
ATOM   392  C CA  . THR A 1 74  ? -2.963  8.094   10.426  1.00 22.99 ? 74  THR A CA  1 
ATOM   393  C C   . THR A 1 74  ? -3.009  8.188   8.911   1.00 21.79 ? 74  THR A C   1 
ATOM   394  O O   . THR A 1 74  ? -3.923  7.654   8.321   1.00 25.19 ? 74  THR A O   1 
ATOM   395  C CB  . THR A 1 74  ? -3.639  9.369   11.038  1.00 26.58 ? 74  THR A CB  1 
ATOM   396  O OG1 . THR A 1 74  ? -3.646  9.192   12.461  1.00 31.19 ? 74  THR A OG1 1 
ATOM   397  C CG2 . THR A 1 74  ? -5.039  9.478   10.623  1.00 26.36 ? 74  THR A CG2 1 
ATOM   398  N N   . LEU A 1 75  ? -2.082  8.939   8.313   1.00 24.41 ? 75  LEU A N   1 
ATOM   399  C CA  . LEU A 1 75  ? -2.088  9.083   6.852   1.00 24.01 ? 75  LEU A CA  1 
ATOM   400  C C   . LEU A 1 75  ? -1.946  7.652   6.212   1.00 22.35 ? 75  LEU A C   1 
ATOM   401  O O   . LEU A 1 75  ? -2.708  7.320   5.297   1.00 23.90 ? 75  LEU A O   1 
ATOM   402  C CB  . LEU A 1 75  ? -0.955  9.946   6.360   1.00 26.56 ? 75  LEU A CB  1 
ATOM   403  C CG  . LEU A 1 75  ? -1.254  11.446  6.540   1.00 27.05 ? 75  LEU A CG  1 
ATOM   404  C CD1 . LEU A 1 75  ? 0.080   12.170  6.330   1.00 28.90 ? 75  LEU A CD1 1 
ATOM   405  C CD2 . LEU A 1 75  ? -2.390  11.930  5.632   1.00 30.50 ? 75  LEU A CD2 1 
ATOM   406  N N   . LEU A 1 76  ? -1.021  6.897   6.764   1.00 23.57 ? 76  LEU A N   1 
ATOM   407  C CA  . LEU A 1 76  ? -0.726  5.519   6.223   1.00 24.35 ? 76  LEU A CA  1 
ATOM   408  C C   . LEU A 1 76  ? -1.898  4.609   6.463   1.00 24.85 ? 76  LEU A C   1 
ATOM   409  O O   . LEU A 1 76  ? -2.310  3.860   5.605   1.00 23.32 ? 76  LEU A O   1 
ATOM   410  C CB  . LEU A 1 76  ? 0.563   4.977   6.801   1.00 23.05 ? 76  LEU A CB  1 
ATOM   411  C CG  . LEU A 1 76  ? 0.910   3.559   6.298   1.00 28.11 ? 76  LEU A CG  1 
ATOM   412  C CD1 . LEU A 1 76  ? 1.236   3.640   4.783   1.00 25.51 ? 76  LEU A CD1 1 
ATOM   413  C CD2 . LEU A 1 76  ? 2.106   3.040   7.078   1.00 28.30 ? 76  LEU A CD2 1 
ATOM   414  N N   . ASP A 1 77  ? -2.534  4.721   7.630   1.00 25.82 ? 77  ASP A N   1 
ATOM   415  C CA  . ASP A 1 77  ? -3.719  3.956   7.913   1.00 23.73 ? 77  ASP A CA  1 
ATOM   416  C C   . ASP A 1 77  ? -4.803  4.243   6.901   1.00 25.08 ? 77  ASP A C   1 
ATOM   417  O O   . ASP A 1 77  ? -5.479  3.317   6.457   1.00 23.50 ? 77  ASP A O   1 
ATOM   418  C CB  . ASP A 1 77  ? -4.216  4.240   9.347   1.00 30.38 ? 77  ASP A CB  1 
ATOM   419  C CG  . ASP A 1 77  ? -5.371  3.366   9.743   1.00 39.40 ? 77  ASP A CG  1 
ATOM   420  O OD1 . ASP A 1 77  ? -5.198  2.140   9.973   1.00 39.03 ? 77  ASP A OD1 1 
ATOM   421  O OD2 . ASP A 1 77  ? -6.487  3.912   9.784   1.00 49.50 ? 77  ASP A OD2 1 
ATOM   422  N N   . ARG A 1 78  ? -5.021  5.514   6.547   1.00 23.13 ? 78  ARG A N   1 
ATOM   423  C CA  . ARG A 1 78  ? -6.053  5.822   5.583   1.00 24.57 ? 78  ARG A CA  1 
ATOM   424  C C   . ARG A 1 78  ? -5.720  5.209   4.219   1.00 22.79 ? 78  ARG A C   1 
ATOM   425  O O   . ARG A 1 78  ? -6.633  4.768   3.543   1.00 23.45 ? 78  ARG A O   1 
ATOM   426  C CB  . ARG A 1 78  ? -6.209  7.364   5.440   1.00 27.58 ? 78  ARG A CB  1 
ATOM   427  C CG  . ARG A 1 78  ? -6.961  7.882   6.678   1.00 32.07 ? 78  ARG A CG  1 
ATOM   428  C CD  . ARG A 1 78  ? -6.521  9.315   7.011   1.00 39.43 ? 78  ARG A CD  1 
ATOM   429  N NE  . ARG A 1 78  ? -6.947  10.175  5.912   1.00 42.67 ? 78  ARG A NE  1 
ATOM   430  C CZ  . ARG A 1 78  ? -8.210  10.575  5.742   1.00 52.04 ? 78  ARG A CZ  1 
ATOM   431  N NH1 . ARG A 1 78  ? -9.144  10.197  6.605   1.00 44.88 ? 78  ARG A NH1 1 
ATOM   432  N NH2 . ARG A 1 78  ? -8.540  11.355  4.715   1.00 53.69 ? 78  ARG A NH2 1 
ATOM   433  N N   . VAL A 1 79  ? -4.464  5.358   3.797   1.00 22.34 ? 79  VAL A N   1 
ATOM   434  C CA  . VAL A 1 79  ? -4.014  4.782   2.480   1.00 23.04 ? 79  VAL A CA  1 
ATOM   435  C C   . VAL A 1 79  ? -4.192  3.254   2.440   1.00 21.17 ? 79  VAL A C   1 
ATOM   436  O O   . VAL A 1 79  ? -4.762  2.696   1.493   1.00 20.67 ? 79  VAL A O   1 
ATOM   437  C CB  . VAL A 1 79  ? -2.595  5.198   2.060   1.00 23.21 ? 79  VAL A CB  1 
ATOM   438  C CG1 . VAL A 1 79  ? -2.226  4.522   0.711   1.00 24.43 ? 79  VAL A CG1 1 
ATOM   439  C CG2 . VAL A 1 79  ? -2.526  6.730   1.926   1.00 24.80 ? 79  VAL A CG2 1 
ATOM   440  N N   . VAL A 1 80  ? -3.734  2.601   3.481   1.00 20.05 ? 80  VAL A N   1 
ATOM   441  C CA  . VAL A 1 80  ? -3.883  1.129   3.572   1.00 22.57 ? 80  VAL A CA  1 
ATOM   442  C C   . VAL A 1 80  ? -5.341  0.673   3.559   1.00 25.30 ? 80  VAL A C   1 
ATOM   443  O O   . VAL A 1 80  ? -5.750  -0.234  2.841   1.00 21.88 ? 80  VAL A O   1 
ATOM   444  C CB  . VAL A 1 80  ? -3.123  0.658   4.775   1.00 22.58 ? 80  VAL A CB  1 
ATOM   445  C CG1 . VAL A 1 80  ? -3.631  -0.675  5.253   1.00 26.61 ? 80  VAL A CG1 1 
ATOM   446  C CG2 . VAL A 1 80  ? -1.603  0.682   4.479   1.00 21.73 ? 80  VAL A CG2 1 
ATOM   447  N N   . ASN A 1 81  ? -6.186  1.349   4.335   1.00 22.56 ? 81  ASN A N   1 
ATOM   448  C CA  . ASN A 1 81  ? -7.573  0.982   4.270   1.00 22.82 ? 81  ASN A CA  1 
ATOM   449  C C   . ASN A 1 81  ? -8.288  1.325   2.953   1.00 22.39 ? 81  ASN A C   1 
ATOM   450  O O   . ASN A 1 81  ? -9.175  0.604   2.581   1.00 22.80 ? 81  ASN A O   1 
ATOM   451  C CB  . ASN A 1 81  ? -8.351  1.582   5.468   1.00 25.26 ? 81  ASN A CB  1 
ATOM   452  C CG  . ASN A 1 81  ? -8.129  0.779   6.733   1.00 28.36 ? 81  ASN A CG  1 
ATOM   453  O OD1 . ASN A 1 81  ? -8.858  -0.206  6.977   1.00 30.32 ? 81  ASN A OD1 1 
ATOM   454  N ND2 . ASN A 1 81  ? -7.076  1.095   7.480   1.00 29.99 ? 81  ASN A ND2 1 
ATOM   455  N N   . GLN A 1 82  ? -7.863  2.387   2.253   1.00 22.43 ? 82  GLN A N   1 
ATOM   456  C CA  . GLN A 1 82  ? -8.421  2.659   0.959   1.00 21.70 ? 82  GLN A CA  1 
ATOM   457  C C   . GLN A 1 82  ? -8.147  1.500   0.004   1.00 23.59 ? 82  GLN A C   1 
ATOM   458  O O   . GLN A 1 82  ? -9.013  1.052   -0.751  1.00 20.49 ? 82  GLN A O   1 
ATOM   459  C CB  . GLN A 1 82  ? -7.755  3.938   0.408   1.00 25.47 ? 82  GLN A CB  1 
ATOM   460  C CG  . GLN A 1 82  ? -8.385  4.421   -0.883  1.00 32.40 ? 82  GLN A CG  1 
ATOM   461  C CD  . GLN A 1 82  ? -7.718  5.736   -1.342  1.00 37.65 ? 82  GLN A CD  1 
ATOM   462  O OE1 . GLN A 1 82  ? -7.370  6.580   -0.518  1.00 46.73 ? 82  GLN A OE1 1 
ATOM   463  N NE2 . GLN A 1 82  ? -7.536  5.889   -2.639  1.00 40.67 ? 82  GLN A NE2 1 
ATOM   464  N N   . ALA A 1 83  ? -6.897  0.997   0.041   1.00 21.55 ? 83  ALA A N   1 
ATOM   465  C CA  . ALA A 1 83  ? -6.549  -0.096  -0.825  1.00 20.40 ? 83  ALA A CA  1 
ATOM   466  C C   . ALA A 1 83  ? -7.348  -1.370  -0.451  1.00 17.45 ? 83  ALA A C   1 
ATOM   467  O O   . ALA A 1 83  ? -7.802  -2.075  -1.331  1.00 20.42 ? 83  ALA A O   1 
ATOM   468  C CB  . ALA A 1 83  ? -5.003  -0.361  -0.718  1.00 20.75 ? 83  ALA A CB  1 
ATOM   469  N N   . ASP A 1 84  ? -7.403  -1.670  0.837   1.00 20.23 ? 84  ASP A N   1 
ATOM   470  C CA  . ASP A 1 84  ? -8.074  -2.826  1.305   1.00 21.43 ? 84  ASP A CA  1 
ATOM   471  C C   . ASP A 1 84  ? -9.566  -2.796  0.883   1.00 22.48 ? 84  ASP A C   1 
ATOM   472  O O   . ASP A 1 84  ? -10.106 -3.778  0.418   1.00 21.35 ? 84  ASP A O   1 
ATOM   473  C CB  . ASP A 1 84  ? -7.905  -2.953  2.799   1.00 23.56 ? 84  ASP A CB  1 
ATOM   474  C CG  . ASP A 1 84  ? -8.366  -4.284  3.272   1.00 29.13 ? 84  ASP A CG  1 
ATOM   475  O OD1 . ASP A 1 84  ? -7.833  -5.287  2.783   1.00 22.53 ? 84  ASP A OD1 1 
ATOM   476  O OD2 . ASP A 1 84  ? -9.362  -4.339  4.027   1.00 26.49 ? 84  ASP A OD2 1 
ATOM   477  N N   . MET A 1 85  ? -10.216 -1.647  1.092   1.00 23.70 ? 85  MET A N   1 
ATOM   478  C CA  . MET A 1 85  ? -11.626 -1.510  0.696   1.00 25.12 ? 85  MET A CA  1 
ATOM   479  C C   . MET A 1 85  ? -11.812 -1.648  -0.812  1.00 24.49 ? 85  MET A C   1 
ATOM   480  O O   . MET A 1 85  ? -12.776 -2.223  -1.266  1.00 25.09 ? 85  MET A O   1 
ATOM   481  C CB  . MET A 1 85  ? -12.151 -0.174  1.221   1.00 29.32 ? 85  MET A CB  1 
ATOM   482  C CG  . MET A 1 85  ? -12.155 -0.162  2.733   1.00 35.02 ? 85  MET A CG  1 
ATOM   483  S SD  . MET A 1 85  ? -12.690 1.448   3.379   1.00 55.91 ? 85  MET A SD  1 
ATOM   484  C CE  . MET A 1 85  ? -14.280 1.586   2.555   1.00 49.29 ? 85  MET A CE  1 
ATOM   485  N N   . ALA A 1 86  ? -10.886 -1.114  -1.609  1.00 23.83 ? 86  ALA A N   1 
ATOM   486  C CA  . ALA A 1 86  ? -10.995 -1.241  -3.042  1.00 24.86 ? 86  ALA A CA  1 
ATOM   487  C C   . ALA A 1 86  ? -10.855 -2.708  -3.405  1.00 24.75 ? 86  ALA A C   1 
ATOM   488  O O   . ALA A 1 86  ? -11.574 -3.228  -4.257  1.00 22.84 ? 86  ALA A O   1 
ATOM   489  C CB  . ALA A 1 86  ? -9.926  -0.444  -3.761  1.00 24.54 ? 86  ALA A CB  1 
ATOM   490  N N   . LEU A 1 87  ? -9.936  -3.399  -2.738  1.00 21.64 ? 87  LEU A N   1 
ATOM   491  C CA  . LEU A 1 87  ? -9.767  -4.799  -3.105  1.00 21.87 ? 87  LEU A CA  1 
ATOM   492  C C   . LEU A 1 87  ? -11.031 -5.629  -2.698  1.00 21.75 ? 87  LEU A C   1 
ATOM   493  O O   . LEU A 1 87  ? -11.443 -6.513  -3.401  1.00 22.95 ? 87  LEU A O   1 
ATOM   494  C CB  . LEU A 1 87  ? -8.437  -5.330  -2.421  1.00 22.10 ? 87  LEU A CB  1 
ATOM   495  C CG  . LEU A 1 87  ? -8.180  -6.790  -2.788  1.00 23.15 ? 87  LEU A CG  1 
ATOM   496  C CD1 . LEU A 1 87  ? -7.783  -6.970  -4.261  1.00 23.78 ? 87  LEU A CD1 1 
ATOM   497  C CD2 . LEU A 1 87  ? -7.042  -7.311  -1.845  1.00 22.38 ? 87  LEU A CD2 1 
ATOM   498  N N   . GLN A 1 88  ? -11.609 -5.309  -1.545  1.00 25.76 ? 88  GLN A N   1 
ATOM   499  C CA  . GLN A 1 88  ? -12.832 -5.970  -1.066  1.00 28.47 ? 88  GLN A CA  1 
ATOM   500  C C   . GLN A 1 88  ? -13.941 -5.735  -2.065  1.00 27.42 ? 88  GLN A C   1 
ATOM   501  O O   . GLN A 1 88  ? -14.701 -6.655  -2.343  1.00 29.86 ? 88  GLN A O   1 
ATOM   502  C CB  . GLN A 1 88  ? -13.215 -5.409  0.278   1.00 31.46 ? 88  GLN A CB  1 
ATOM   503  C CG  . GLN A 1 88  ? -14.209 -6.212  1.094   1.00 41.52 ? 88  GLN A CG  1 
ATOM   504  C CD  . GLN A 1 88  ? -14.298 -5.599  2.490   1.00 52.25 ? 88  GLN A CD  1 
ATOM   505  O OE1 . GLN A 1 88  ? -13.275 -5.218  3.087   1.00 62.75 ? 88  GLN A OE1 1 
ATOM   506  N NE2 . GLN A 1 88  ? -15.517 -5.465  3.003   1.00 57.28 ? 88  GLN A NE2 1 
ATOM   507  N N   . THR A 1 89  ? -14.025 -4.507  -2.622  1.00 29.83 ? 89  THR A N   1 
ATOM   508  C CA  . THR A 1 89  ? -15.034 -4.209  -3.687  1.00 29.74 ? 89  THR A CA  1 
ATOM   509  C C   . THR A 1 89  ? -14.864 -5.095  -4.911  1.00 30.77 ? 89  THR A C   1 
ATOM   510  O O   . THR A 1 89  ? -15.821 -5.747  -5.422  1.00 30.96 ? 89  THR A O   1 
ATOM   511  C CB  . THR A 1 89  ? -14.957 -2.717  -4.089  1.00 31.61 ? 89  THR A CB  1 
ATOM   512  O OG1 . THR A 1 89  ? -15.323 -1.945  -2.958  1.00 35.19 ? 89  THR A OG1 1 
ATOM   513  C CG2 . THR A 1 89  ? -15.955 -2.407  -5.169  1.00 36.40 ? 89  THR A CG2 1 
ATOM   514  N N   . LEU A 1 90  ? -13.625 -5.170  -5.408  1.00 28.56 ? 90  LEU A N   1 
ATOM   515  C CA  . LEU A 1 90  ? -13.343 -6.080  -6.485  1.00 28.48 ? 90  LEU A CA  1 
ATOM   516  C C   . LEU A 1 90  ? -13.725 -7.495  -6.178  1.00 31.80 ? 90  LEU A C   1 
ATOM   517  O O   . LEU A 1 90  ? -14.238 -8.195  -7.055  1.00 36.63 ? 90  LEU A O   1 
ATOM   518  C CB  . LEU A 1 90  ? -11.866 -6.115  -6.865  1.00 27.49 ? 90  LEU A CB  1 
ATOM   519  C CG  . LEU A 1 90  ? -11.276 -5.038  -7.717  1.00 39.17 ? 90  LEU A CG  1 
ATOM   520  C CD1 . LEU A 1 90  ? -9.872  -5.552  -8.073  1.00 30.21 ? 90  LEU A CD1 1 
ATOM   521  C CD2 . LEU A 1 90  ? -12.193 -4.858  -8.936  1.00 38.66 ? 90  LEU A CD2 1 
ATOM   522  N N   . ALA A 1 91  ? -13.426 -7.938  -4.953  1.00 33.37 ? 91  ALA A N   1 
ATOM   523  C CA  . ALA A 1 91  ? -13.649 -9.331  -4.576  1.00 37.30 ? 91  ALA A CA  1 
ATOM   524  C C   . ALA A 1 91  ? -15.140 -9.630  -4.671  1.00 42.55 ? 91  ALA A C   1 
ATOM   525  O O   . ALA A 1 91  ? -15.514 -10.702 -5.073  1.00 42.94 ? 91  ALA A O   1 
ATOM   526  C CB  . ALA A 1 91  ? -13.158 -9.577  -3.151  1.00 34.72 ? 91  ALA A CB  1 
ATOM   527  N N   . GLU A 1 92  ? -15.977 -8.665  -4.300  1.00 39.89 ? 92  GLU A N   1 
ATOM   528  C CA  . GLU A 1 92  ? -17.448 -8.837  -4.345  1.00 45.42 ? 92  GLU A CA  1 
ATOM   529  C C   . GLU A 1 92  ? -18.067 -8.530  -5.700  1.00 47.66 ? 92  GLU A C   1 
ATOM   530  O O   . GLU A 1 92  ? -19.269 -8.699  -5.888  1.00 47.37 ? 92  GLU A O   1 
ATOM   531  C CB  . GLU A 1 92  ? -18.109 -7.946  -3.307  1.00 42.68 ? 92  GLU A CB  1 
ATOM   532  C CG  . GLU A 1 92  ? -17.560 -8.095  -1.911  1.00 43.04 ? 92  GLU A CG  1 
ATOM   533  C CD  . GLU A 1 92  ? -17.951 -6.925  -1.016  1.00 47.02 ? 92  GLU A CD  1 
ATOM   534  O OE1 . GLU A 1 92  ? -18.580 -5.969  -1.504  1.00 52.16 ? 92  GLU A OE1 1 
ATOM   535  O OE2 . GLU A 1 92  ? -17.633 -6.952  0.184   1.00 50.04 ? 92  GLU A OE2 1 
ATOM   536  N N   . ASN A 1 93  ? -17.257 -8.029  -6.633  1.00 47.85 ? 93  ASN A N   1 
ATOM   537  C CA  . ASN A 1 93  ? -17.728 -7.630  -7.959  1.00 44.73 ? 93  ASN A CA  1 
ATOM   538  C C   . ASN A 1 93  ? -16.777 -8.051  -9.046  1.00 45.53 ? 93  ASN A C   1 
ATOM   539  O O   . ASN A 1 93  ? -16.200 -7.175  -9.719  1.00 47.63 ? 93  ASN A O   1 
ATOM   540  C CB  . ASN A 1 93  ? -17.857 -6.125  -8.021  1.00 46.61 ? 93  ASN A CB  1 
ATOM   541  C CG  . ASN A 1 93  ? -18.916 -5.609  -7.101  1.00 52.96 ? 93  ASN A CG  1 
ATOM   542  O OD1 . ASN A 1 93  ? -18.626 -5.076  -6.041  1.00 53.15 ? 93  ASN A OD1 1 
ATOM   543  N ND2 . ASN A 1 93  ? -20.164 -5.812  -7.478  1.00 50.56 ? 93  ASN A ND2 1 
ATOM   544  N N   . PRO A 1 94  ? -16.626 -9.379  -9.257  1.00 49.37 ? 94  PRO A N   1 
ATOM   545  C CA  . PRO A 1 94  ? -15.637 -9.892  -10.240 1.00 48.53 ? 94  PRO A CA  1 
ATOM   546  C C   . PRO A 1 94  ? -15.788 -9.219  -11.634 1.00 51.62 ? 94  PRO A C   1 
ATOM   547  O O   . PRO A 1 94  ? -16.897 -9.119  -12.145 1.00 46.38 ? 94  PRO A O   1 
ATOM   548  C CB  . PRO A 1 94  ? -15.980 -11.402 -10.324 1.00 49.08 ? 94  PRO A CB  1 
ATOM   549  C CG  . PRO A 1 94  ? -17.421 -11.481 -9.895  1.00 48.34 ? 94  PRO A CG  1 
ATOM   550  C CD  . PRO A 1 94  ? -17.525 -10.454 -8.777  1.00 48.59 ? 94  PRO A CD  1 
ATOM   551  N N   . ALA A 1 95  ? -14.681 -8.733  -12.201 1.00 53.82 ? 95  ALA A N   1 
ATOM   552  C CA  . ALA A 1 95  ? -14.662 -8.179  -13.555 1.00 52.03 ? 95  ALA A CA  1 
ATOM   553  C C   . ALA A 1 95  ? -14.866 -9.344  -14.509 1.00 51.69 ? 95  ALA A C   1 
ATOM   554  O O   . ALA A 1 95  ? -14.369 -10.444 -14.262 1.00 52.99 ? 95  ALA A O   1 
ATOM   555  C CB  . ALA A 1 95  ? -13.333 -7.482  -13.831 1.00 46.22 ? 95  ALA A CB  1 
ATOM   556  N N   . ASP A 1 96  ? -15.592 -9.107  -15.598 1.00 48.90 ? 96  ASP A N   1 
ATOM   557  C CA  . ASP A 1 96  ? -15.961 -10.161 -16.551 1.00 45.08 ? 96  ASP A CA  1 
ATOM   558  C C   . ASP A 1 96  ? -14.952 -10.272 -17.734 1.00 49.27 ? 96  ASP A C   1 
ATOM   559  O O   . ASP A 1 96  ? -15.114 -9.686  -18.829 1.00 41.21 ? 96  ASP A O   1 
ATOM   560  C CB  . ASP A 1 96  ? -17.374 -9.868  -17.039 1.00 51.43 ? 96  ASP A CB  1 
ATOM   561  C CG  . ASP A 1 96  ? -17.986 -11.003 -17.792 1.00 59.48 ? 96  ASP A CG  1 
ATOM   562  O OD1 . ASP A 1 96  ? -17.258 -11.861 -18.330 1.00 58.64 ? 96  ASP A OD1 1 
ATOM   563  O OD2 . ASP A 1 96  ? -19.232 -11.023 -17.851 1.00 70.14 ? 96  ASP A OD2 1 
ATOM   564  N N   . THR A 1 97  ? -13.874 -11.013 -17.496 1.00 42.80 ? 97  THR A N   1 
ATOM   565  C CA  . THR A 1 97  ? -12.703 -10.928 -18.366 1.00 38.88 ? 97  THR A CA  1 
ATOM   566  C C   . THR A 1 97  ? -11.840 -12.205 -18.124 1.00 37.83 ? 97  THR A C   1 
ATOM   567  O O   . THR A 1 97  ? -12.238 -13.063 -17.326 1.00 39.54 ? 97  THR A O   1 
ATOM   568  C CB  . THR A 1 97  ? -11.959 -9.583  -18.138 1.00 36.71 ? 97  THR A CB  1 
ATOM   569  O OG1 . THR A 1 97  ? -10.869 -9.492  -19.068 1.00 43.86 ? 97  THR A OG1 1 
ATOM   570  C CG2 . THR A 1 97  ? -11.497 -9.402  -16.626 1.00 37.30 ? 97  THR A CG2 1 
ATOM   571  N N   . ASP A 1 98  ? -10.703 -12.369 -18.806 1.00 37.70 ? 98  ASP A N   1 
ATOM   572  C CA  . ASP A 1 98  ? -9.917  -13.587 -18.580 1.00 33.30 ? 98  ASP A CA  1 
ATOM   573  C C   . ASP A 1 98  ? -9.127  -13.532 -17.259 1.00 36.34 ? 98  ASP A C   1 
ATOM   574  O O   . ASP A 1 98  ? -9.137  -12.507 -16.535 1.00 30.12 ? 98  ASP A O   1 
ATOM   575  C CB  . ASP A 1 98  ? -8.985  -13.856 -19.773 1.00 39.75 ? 98  ASP A CB  1 
ATOM   576  C CG  . ASP A 1 98  ? -8.119  -12.674 -20.119 1.00 43.26 ? 98  ASP A CG  1 
ATOM   577  O OD1 . ASP A 1 98  ? -7.648  -11.951 -19.222 1.00 37.49 ? 98  ASP A OD1 1 
ATOM   578  O OD2 . ASP A 1 98  ? -7.895  -12.455 -21.324 1.00 57.30 ? 98  ASP A OD2 1 
ATOM   579  N N   . ARG A 1 99  ? -8.447  -14.633 -16.949 1.00 33.29 ? 99  ARG A N   1 
ATOM   580  C CA  . ARG A 1 99  ? -7.717  -14.745 -15.703 1.00 34.42 ? 99  ARG A CA  1 
ATOM   581  C C   . ARG A 1 99  ? -6.594  -13.717 -15.586 1.00 28.84 ? 99  ARG A C   1 
ATOM   582  O O   . ARG A 1 99  ? -6.391  -13.190 -14.474 1.00 30.83 ? 99  ARG A O   1 
ATOM   583  C CB  . ARG A 1 99  ? -7.171  -16.167 -15.522 1.00 36.22 ? 99  ARG A CB  1 
ATOM   584  C CG  . ARG A 1 99  ? -8.318  -17.100 -15.168 1.00 44.06 ? 99  ARG A CG  1 
ATOM   585  C CD  . ARG A 1 99  ? -7.949  -18.570 -15.197 1.00 42.46 ? 99  ARG A CD  1 
ATOM   586  N NE  . ARG A 1 99  ? -8.935  -19.301 -14.389 1.00 43.53 ? 99  ARG A NE  1 
ATOM   587  C CZ  . ARG A 1 99  ? -9.991  -19.952 -14.874 1.00 51.93 ? 99  ARG A CZ  1 
ATOM   588  N NH1 . ARG A 1 99  ? -10.209 -19.999 -16.195 1.00 49.03 ? 99  ARG A NH1 1 
ATOM   589  N NH2 . ARG A 1 99  ? -10.820 -20.567 -14.035 1.00 49.85 ? 99  ARG A NH2 1 
ATOM   590  N N   . GLU A 1 100 ? -5.889  -13.465 -16.693 1.00 25.50 ? 100 GLU A N   1 
ATOM   591  C CA  . GLU A 1 100 ? -4.773  -12.551 -16.688 1.00 28.60 ? 100 GLU A CA  1 
ATOM   592  C C   . GLU A 1 100 ? -5.312  -11.165 -16.351 1.00 32.67 ? 100 GLU A C   1 
ATOM   593  O O   . GLU A 1 100 ? -4.767  -10.428 -15.511 1.00 24.75 ? 100 GLU A O   1 
ATOM   594  C CB  . GLU A 1 100 ? -4.072  -12.481 -18.021 1.00 33.54 ? 100 GLU A CB  1 
ATOM   595  C CG  . GLU A 1 100 ? -2.975  -11.466 -17.926 1.00 36.36 ? 100 GLU A CG  1 
ATOM   596  C CD  . GLU A 1 100 ? -2.219  -11.141 -19.188 1.00 51.78 ? 100 GLU A CD  1 
ATOM   597  O OE1 . GLU A 1 100 ? -1.812  -12.055 -19.941 1.00 52.57 ? 100 GLU A OE1 1 
ATOM   598  O OE2 . GLU A 1 100 ? -1.975  -9.929  -19.379 1.00 54.05 ? 100 GLU A OE2 1 
ATOM   599  N N   . ASN A 1 101 ? -6.419  -10.792 -16.995 1.00 27.85 ? 101 ASN A N   1 
ATOM   600  C CA  . ASN A 1 101 ? -7.014  -9.500  -16.626 1.00 29.74 ? 101 ASN A CA  1 
ATOM   601  C C   . ASN A 1 101 ? -7.560  -9.399  -15.223 1.00 23.55 ? 101 ASN A C   1 
ATOM   602  O O   . ASN A 1 101 ? -7.514  -8.344  -14.631 1.00 23.86 ? 101 ASN A O   1 
ATOM   603  C CB  . ASN A 1 101 ? -8.027  -9.015  -17.693 1.00 33.20 ? 101 ASN A CB  1 
ATOM   604  C CG  . ASN A 1 101 ? -7.317  -8.301  -18.824 1.00 42.65 ? 101 ASN A CG  1 
ATOM   605  O OD1 . ASN A 1 101 ? -6.998  -7.108  -18.682 1.00 46.11 ? 101 ASN A OD1 1 
ATOM   606  N ND2 . ASN A 1 101 ? -6.968  -9.048  -19.928 1.00 38.46 ? 101 ASN A ND2 1 
ATOM   607  N N   . MET A 1 102 ? -8.061  -10.507 -14.684 1.00 23.61 ? 102 MET A N   1 
ATOM   608  C CA  . MET A 1 102 ? -8.547  -10.510 -13.293 1.00 23.35 ? 102 MET A CA  1 
ATOM   609  C C   . MET A 1 102 ? -7.403  -10.228 -12.272 1.00 24.98 ? 102 MET A C   1 
ATOM   610  O O   . MET A 1 102 ? -7.586  -9.435  -11.349 1.00 22.06 ? 102 MET A O   1 
ATOM   611  C CB  . MET A 1 102 ? -9.256  -11.829 -12.977 1.00 27.74 ? 102 MET A CB  1 
ATOM   612  C CG  . MET A 1 102 ? -10.607 -11.899 -13.729 1.00 38.55 ? 102 MET A CG  1 
ATOM   613  S SD  . MET A 1 102 ? -11.499 -13.391 -13.257 1.00 46.27 ? 102 MET A SD  1 
ATOM   614  C CE  . MET A 1 102 ? -12.537 -13.740 -14.697 1.00 43.77 ? 102 MET A CE  1 
ATOM   615  N N   . TRP A 1 103 ? -6.252  -10.850 -12.477 1.00 22.34 ? 103 TRP A N   1 
ATOM   616  C CA  . TRP A 1 103 ? -5.092  -10.547 -11.573 1.00 19.99 ? 103 TRP A CA  1 
ATOM   617  C C   . TRP A 1 103 ? -4.618  -9.129  -11.806 1.00 18.86 ? 103 TRP A C   1 
ATOM   618  O O   . TRP A 1 103 ? -4.312  -8.412  -10.855 1.00 20.51 ? 103 TRP A O   1 
ATOM   619  C CB  . TRP A 1 103 ? -3.948  -11.516 -11.842 1.00 19.69 ? 103 TRP A CB  1 
ATOM   620  C CG  . TRP A 1 103 ? -4.239  -12.875 -11.306 1.00 20.72 ? 103 TRP A CG  1 
ATOM   621  C CD1 . TRP A 1 103 ? -4.611  -14.022 -12.035 1.00 21.44 ? 103 TRP A CD1 1 
ATOM   622  C CD2 . TRP A 1 103 ? -4.290  -13.269 -9.924  1.00 21.26 ? 103 TRP A CD2 1 
ATOM   623  N NE1 . TRP A 1 103 ? -4.821  -15.079 -11.149 1.00 22.43 ? 103 TRP A NE1 1 
ATOM   624  C CE2 . TRP A 1 103 ? -4.671  -14.699 -9.907  1.00 23.48 ? 103 TRP A CE2 1 
ATOM   625  C CE3 . TRP A 1 103 ? -4.129  -12.596 -8.710  1.00 24.13 ? 103 TRP A CE3 1 
ATOM   626  C CZ2 . TRP A 1 103 ? -4.812  -15.419 -8.710  1.00 24.04 ? 103 TRP A CZ2 1 
ATOM   627  C CZ3 . TRP A 1 103 ? -4.280  -13.332 -7.527  1.00 26.47 ? 103 TRP A CZ3 1 
ATOM   628  C CH2 . TRP A 1 103 ? -4.597  -14.715 -7.532  1.00 24.77 ? 103 TRP A CH2 1 
ATOM   629  N N   . ARG A 1 104 ? -4.591  -8.668  -13.054 1.00 19.01 ? 104 ARG A N   1 
ATOM   630  C CA  . ARG A 1 104 ? -4.198  -7.286  -13.318 1.00 17.62 ? 104 ARG A CA  1 
ATOM   631  C C   . ARG A 1 104 ? -5.105  -6.285  -12.562 1.00 20.05 ? 104 ARG A C   1 
ATOM   632  O O   . ARG A 1 104 ? -4.639  -5.295  -12.016 1.00 18.98 ? 104 ARG A O   1 
ATOM   633  C CB  . ARG A 1 104 ? -4.213  -7.010  -14.839 1.00 20.08 ? 104 ARG A CB  1 
ATOM   634  C CG  . ARG A 1 104 ? -3.778  -5.594  -15.186 1.00 24.57 ? 104 ARG A CG  1 
ATOM   635  C CD  . ARG A 1 104 ? -3.869  -5.352  -16.675 1.00 27.02 ? 104 ARG A CD  1 
ATOM   636  N NE  . ARG A 1 104 ? -3.103  -6.368  -17.395 1.00 32.83 ? 104 ARG A NE  1 
ATOM   637  C CZ  . ARG A 1 104 ? -1.825  -6.301  -17.700 1.00 35.57 ? 104 ARG A CZ  1 
ATOM   638  N NH1 . ARG A 1 104 ? -1.090  -5.195  -17.386 1.00 38.36 ? 104 ARG A NH1 1 
ATOM   639  N NH2 . ARG A 1 104 ? -1.288  -7.352  -18.375 1.00 31.25 ? 104 ARG A NH2 1 
ATOM   640  N N   . THR A 1 105 ? -6.416  -6.536  -12.553 1.00 19.47 ? 105 THR A N   1 
ATOM   641  C CA  . THR A 1 105 ? -7.291  -5.565  -11.916 1.00 19.65 ? 105 THR A CA  1 
ATOM   642  C C   . THR A 1 105 ? -6.981  -5.518  -10.447 1.00 19.67 ? 105 THR A C   1 
ATOM   643  O O   . THR A 1 105 ? -7.052  -4.482  -9.793  1.00 18.58 ? 105 THR A O   1 
ATOM   644  C CB  . THR A 1 105 ? -8.825  -5.890  -12.194 1.00 23.19 ? 105 THR A CB  1 
ATOM   645  O OG1 . THR A 1 105 ? -9.162  -7.099  -11.475 1.00 35.39 ? 105 THR A OG1 1 
ATOM   646  C CG2 . THR A 1 105 ? -9.060  -6.027  -13.664 1.00 20.59 ? 105 THR A CG2 1 
ATOM   647  N N   . GLY A 1 106 ? -6.629  -6.674  -9.884  1.00 22.86 ? 106 GLY A N   1 
ATOM   648  C CA  . GLY A 1 106 ? -6.370  -6.729  -8.468  1.00 19.72 ? 106 GLY A CA  1 
ATOM   649  C C   . GLY A 1 106 ? -5.056  -6.045  -8.105  1.00 17.95 ? 106 GLY A C   1 
ATOM   650  O O   . GLY A 1 106 ? -5.006  -5.243  -7.148  1.00 19.20 ? 106 GLY A O   1 
ATOM   651  N N   . ILE A 1 107 ? -3.958  -6.372  -8.805  1.00 16.83 ? 107 ILE A N   1 
ATOM   652  C CA  . ILE A 1 107 ? -2.710  -5.668  -8.555  1.00 16.32 ? 107 ILE A CA  1 
ATOM   653  C C   . ILE A 1 107 ? -2.858  -4.170  -8.795  1.00 16.72 ? 107 ILE A C   1 
ATOM   654  O O   . ILE A 1 107 ? -2.238  -3.380  -8.126  1.00 16.30 ? 107 ILE A O   1 
ATOM   655  C CB  . ILE A 1 107 ? -1.596  -6.266  -9.469  1.00 18.09 ? 107 ILE A CB  1 
ATOM   656  C CG1 . ILE A 1 107 ? -1.421  -7.777  -9.091  1.00 17.21 ? 107 ILE A CG1 1 
ATOM   657  C CG2 . ILE A 1 107 ? -0.313  -5.440  -9.343  1.00 15.80 ? 107 ILE A CG2 1 
ATOM   658  C CD1 . ILE A 1 107 ? -0.540  -8.569  -10.066 1.00 19.01 ? 107 ILE A CD1 1 
ATOM   659  N N   . ASN A 1 108 ? -3.653  -3.820  -9.789  1.00 16.49 ? 108 ASN A N   1 
ATOM   660  C CA  . ASN A 1 108 ? -3.914  -2.418  -10.072 1.00 18.08 ? 108 ASN A CA  1 
ATOM   661  C C   . ASN A 1 108 ? -4.514  -1.604  -8.900  1.00 18.21 ? 108 ASN A C   1 
ATOM   662  O O   . ASN A 1 108 ? -4.274  -0.409  -8.764  1.00 17.93 ? 108 ASN A O   1 
ATOM   663  C CB  . ASN A 1 108 ? -4.851  -2.274  -11.285 1.00 18.27 ? 108 ASN A CB  1 
ATOM   664  C CG  . ASN A 1 108 ? -4.947  -0.806  -11.747 1.00 20.36 ? 108 ASN A CG  1 
ATOM   665  O OD1 . ASN A 1 108 ? -3.935  -0.158  -12.082 1.00 17.93 ? 108 ASN A OD1 1 
ATOM   666  N ND2 . ASN A 1 108 ? -6.172  -0.307  -11.822 1.00 18.11 ? 108 ASN A ND2 1 
ATOM   667  N N   . VAL A 1 109 ? -5.256  -2.261  -8.024  1.00 19.52 ? 109 VAL A N   1 
ATOM   668  C CA  . VAL A 1 109 ? -5.688  -1.590  -6.796  1.00 21.17 ? 109 VAL A CA  1 
ATOM   669  C C   . VAL A 1 109 ? -4.532  -0.991  -6.033  1.00 20.02 ? 109 VAL A C   1 
ATOM   670  O O   . VAL A 1 109 ? -4.563  0.140   -5.566  1.00 19.69 ? 109 VAL A O   1 
ATOM   671  C CB  . VAL A 1 109 ? -6.425  -2.572  -5.873  1.00 22.82 ? 109 VAL A CB  1 
ATOM   672  C CG1 . VAL A 1 109 ? -6.621  -1.948  -4.509  1.00 27.14 ? 109 VAL A CG1 1 
ATOM   673  C CG2 . VAL A 1 109 ? -7.755  -2.924  -6.544  1.00 22.84 ? 109 VAL A CG2 1 
ATOM   674  N N   . PHE A 1 110 ? -3.454  -1.761  -5.905  1.00 19.33 ? 110 PHE A N   1 
ATOM   675  C CA  . PHE A 1 110 ? -2.290  -1.273  -5.188  1.00 16.64 ? 110 PHE A CA  1 
ATOM   676  C C   . PHE A 1 110 ? -1.452  -0.307  -5.993  1.00 16.29 ? 110 PHE A C   1 
ATOM   677  O O   . PHE A 1 110 ? -0.993  0.723   -5.437  1.00 18.63 ? 110 PHE A O   1 
ATOM   678  C CB  . PHE A 1 110 ? -1.461  -2.525  -4.735  1.00 18.85 ? 110 PHE A CB  1 
ATOM   679  C CG  . PHE A 1 110 ? -2.247  -3.363  -3.763  1.00 18.03 ? 110 PHE A CG  1 
ATOM   680  C CD1 . PHE A 1 110 ? -2.201  -3.076  -2.434  1.00 19.57 ? 110 PHE A CD1 1 
ATOM   681  C CD2 . PHE A 1 110 ? -3.087  -4.377  -4.210  1.00 18.18 ? 110 PHE A CD2 1 
ATOM   682  C CE1 . PHE A 1 110 ? -2.950  -3.827  -1.515  1.00 19.84 ? 110 PHE A CE1 1 
ATOM   683  C CE2 . PHE A 1 110 ? -3.866  -5.124  -3.302  1.00 19.24 ? 110 PHE A CE2 1 
ATOM   684  C CZ  . PHE A 1 110 ? -3.793  -4.845  -1.947  1.00 18.99 ? 110 PHE A CZ  1 
ATOM   685  N N   . PHE A 1 111 ? -1.295  -0.555  -7.292  1.00 15.23 ? 111 PHE A N   1 
ATOM   686  C CA  . PHE A 1 111 ? -0.607  0.410   -8.148  1.00 16.33 ? 111 PHE A CA  1 
ATOM   687  C C   . PHE A 1 111 ? -1.274  1.813   -8.074  1.00 19.53 ? 111 PHE A C   1 
ATOM   688  O O   . PHE A 1 111 ? -0.617  2.809   -7.897  1.00 18.67 ? 111 PHE A O   1 
ATOM   689  C CB  . PHE A 1 111 ? -0.663  -0.168  -9.570  1.00 17.82 ? 111 PHE A CB  1 
ATOM   690  C CG  . PHE A 1 111 ? -0.007  0.703   -10.594 1.00 19.63 ? 111 PHE A CG  1 
ATOM   691  C CD1 . PHE A 1 111 ? 1.392   0.851   -10.643 1.00 20.64 ? 111 PHE A CD1 1 
ATOM   692  C CD2 . PHE A 1 111 ? -0.802  1.305   -11.571 1.00 22.36 ? 111 PHE A CD2 1 
ATOM   693  C CE1 . PHE A 1 111 ? 1.995   1.638   -11.658 1.00 21.96 ? 111 PHE A CE1 1 
ATOM   694  C CE2 . PHE A 1 111 ? -0.209  2.106   -12.551 1.00 24.97 ? 111 PHE A CE2 1 
ATOM   695  C CZ  . PHE A 1 111 ? 1.166   2.267   -12.610 1.00 22.62 ? 111 PHE A CZ  1 
ATOM   696  N N   . GLU A 1 112 ? -2.584  1.845   -8.280  1.00 17.89 ? 112 GLU A N   1 
ATOM   697  C CA  . GLU A 1 112 ? -3.304  3.102   -8.200  1.00 20.13 ? 112 GLU A CA  1 
ATOM   698  C C   . GLU A 1 112 ? -3.386  3.709   -6.811  1.00 19.37 ? 112 GLU A C   1 
ATOM   699  O O   . GLU A 1 112 ? -3.259  4.897   -6.676  1.00 21.83 ? 112 GLU A O   1 
ATOM   700  C CB  . GLU A 1 112 ? -4.730  2.927   -8.809  1.00 21.14 ? 112 GLU A CB  1 
ATOM   701  C CG  . GLU A 1 112 ? -4.747  2.814   -10.349 1.00 23.99 ? 112 GLU A CG  1 
ATOM   702  C CD  . GLU A 1 112 ? -4.246  4.077   -11.076 1.00 33.53 ? 112 GLU A CD  1 
ATOM   703  O OE1 . GLU A 1 112 ? -4.268  5.187   -10.499 1.00 36.21 ? 112 GLU A OE1 1 
ATOM   704  O OE2 . GLU A 1 112 ? -3.769  3.954   -12.223 1.00 34.94 ? 112 GLU A OE2 1 
ATOM   705  N N   . THR A 1 113 ? -3.636  2.939   -5.775  1.00 18.38 ? 113 THR A N   1 
ATOM   706  C CA  . THR A 1 113 ? -3.841  3.546   -4.453  1.00 19.92 ? 113 THR A CA  1 
ATOM   707  C C   . THR A 1 113 ? -2.567  4.042   -3.896  1.00 21.83 ? 113 THR A C   1 
ATOM   708  O O   . THR A 1 113 ? -2.464  5.220   -3.506  1.00 20.62 ? 113 THR A O   1 
ATOM   709  C CB  . THR A 1 113 ? -4.484  2.541   -3.468  1.00 19.45 ? 113 THR A CB  1 
ATOM   710  O OG1 . THR A 1 113 ? -5.700  2.116   -4.067  1.00 23.33 ? 113 THR A OG1 1 
ATOM   711  C CG2 . THR A 1 113 ? -4.756  3.196   -2.044  1.00 23.65 ? 113 THR A CG2 1 
ATOM   712  N N   . PHE A 1 114 ? -1.530  3.193   -3.831  1.00 20.78 ? 114 PHE A N   1 
ATOM   713  C CA  . PHE A 1 114 ? -0.269  3.722   -3.298  1.00 18.98 ? 114 PHE A CA  1 
ATOM   714  C C   . PHE A 1 114 ? 0.398   4.699   -4.259  1.00 18.18 ? 114 PHE A C   1 
ATOM   715  O O   . PHE A 1 114 ? 1.067   5.640   -3.841  1.00 20.15 ? 114 PHE A O   1 
ATOM   716  C CB  . PHE A 1 114 ? 0.660   2.517   -2.948  1.00 19.66 ? 114 PHE A CB  1 
ATOM   717  C CG  . PHE A 1 114 ? 0.158   1.772   -1.751  1.00 20.89 ? 114 PHE A CG  1 
ATOM   718  C CD1 . PHE A 1 114 ? 0.452   2.267   -0.452  1.00 22.46 ? 114 PHE A CD1 1 
ATOM   719  C CD2 . PHE A 1 114 ? -0.637  0.658   -1.889  1.00 23.70 ? 114 PHE A CD2 1 
ATOM   720  C CE1 . PHE A 1 114 ? -0.039  1.597   0.684   1.00 24.33 ? 114 PHE A CE1 1 
ATOM   721  C CE2 . PHE A 1 114 ? -1.129  -0.033  -0.728  1.00 24.29 ? 114 PHE A CE2 1 
ATOM   722  C CZ  . PHE A 1 114 ? -0.839  0.447   0.528   1.00 25.87 ? 114 PHE A CZ  1 
ATOM   723  N N   . GLY A 1 115 ? 0.190   4.494   -5.560  1.00 18.38 ? 115 GLY A N   1 
ATOM   724  C CA  . GLY A 1 115 ? 0.828   5.390   -6.550  1.00 20.35 ? 115 GLY A CA  1 
ATOM   725  C C   . GLY A 1 115 ? 0.165   6.769   -6.562  1.00 22.19 ? 115 GLY A C   1 
ATOM   726  O O   . GLY A 1 115 ? 0.762   7.731   -7.040  1.00 23.58 ? 115 GLY A O   1 
ATOM   727  N N   . SER A 1 116 ? -1.044  6.860   -6.028  1.00 22.31 ? 116 SER A N   1 
ATOM   728  C CA  . SER A 1 116 ? -1.708  8.169   -5.801  1.00 25.82 ? 116 SER A CA  1 
ATOM   729  C C   . SER A 1 116 ? -1.291  8.880   -4.532  1.00 27.20 ? 116 SER A C   1 
ATOM   730  O O   . SER A 1 116 ? -1.680  10.042  -4.332  1.00 27.50 ? 116 SER A O   1 
ATOM   731  C CB  . SER A 1 116 ? -3.231  8.033   -5.835  1.00 25.41 ? 116 SER A CB  1 
ATOM   732  O OG  . SER A 1 116 ? -3.515  7.673   -7.160  1.00 30.29 ? 116 SER A OG  1 
ATOM   733  N N   . HIS A 1 117 ? -0.494  8.207   -3.690  1.00 23.48 ? 117 HIS A N   1 
ATOM   734  C CA  . HIS A 1 117 ? -0.014  8.724   -2.439  1.00 23.98 ? 117 HIS A CA  1 
ATOM   735  C C   . HIS A 1 117 ? 1.442   8.396   -2.216  1.00 19.81 ? 117 HIS A C   1 
ATOM   736  O O   . HIS A 1 117 ? 1.815   7.800   -1.194  1.00 20.59 ? 117 HIS A O   1 
ATOM   737  C CB  . HIS A 1 117 ? -0.893  8.214   -1.274  1.00 27.11 ? 117 HIS A CB  1 
ATOM   738  C CG  . HIS A 1 117 ? -2.327  8.641   -1.379  1.00 27.86 ? 117 HIS A CG  1 
ATOM   739  N ND1 . HIS A 1 117 ? -2.780  9.867   -0.937  1.00 27.98 ? 117 HIS A ND1 1 
ATOM   740  C CD2 . HIS A 1 117 ? -3.425  7.991   -1.937  1.00 27.36 ? 117 HIS A CD2 1 
ATOM   741  C CE1 . HIS A 1 117 ? -4.102  9.969   -1.215  1.00 28.27 ? 117 HIS A CE1 1 
ATOM   742  N NE2 . HIS A 1 117 ? -4.492  8.831   -1.844  1.00 32.43 ? 117 HIS A NE2 1 
ATOM   743  N N   . LYS A 1 118 ? 2.298   8.780   -3.168  1.00 20.72 ? 118 LYS A N   1 
ATOM   744  C CA  . LYS A 1 118 ? 3.716   8.354   -3.141  1.00 21.88 ? 118 LYS A CA  1 
ATOM   745  C C   . LYS A 1 118 ? 4.460   8.882   -1.918  1.00 22.46 ? 118 LYS A C   1 
ATOM   746  O O   . LYS A 1 118 ? 5.316   8.212   -1.383  1.00 23.31 ? 118 LYS A O   1 
ATOM   747  C CB  . LYS A 1 118 ? 4.391   8.839   -4.407  1.00 20.44 ? 118 LYS A CB  1 
ATOM   748  C CG  . LYS A 1 118 ? 3.923   8.084   -5.649  1.00 22.68 ? 118 LYS A CG  1 
ATOM   749  C CD  . LYS A 1 118 ? 4.726   8.688   -6.793  1.00 23.93 ? 118 LYS A CD  1 
ATOM   750  C CE  . LYS A 1 118 ? 4.729   7.794   -8.021  1.00 34.33 ? 118 LYS A CE  1 
ATOM   751  N NZ  . LYS A 1 118 ? 3.359   7.857   -8.545  1.00 34.90 ? 118 LYS A NZ  1 
ATOM   752  N N   . ALA A 1 119 ? 4.133   10.127  -1.505  1.00 22.80 ? 119 ALA A N   1 
ATOM   753  C CA  . ALA A 1 119 ? 4.881   10.708  -0.376  1.00 23.13 ? 119 ALA A CA  1 
ATOM   754  C C   . ALA A 1 119 ? 4.538   9.960   0.913   1.00 19.02 ? 119 ALA A C   1 
ATOM   755  O O   . ALA A 1 119 ? 5.452   9.649   1.721   1.00 23.94 ? 119 ALA A O   1 
ATOM   756  C CB  . ALA A 1 119 ? 4.618   12.200  -0.253  1.00 24.23 ? 119 ALA A CB  1 
ATOM   757  N N   . VAL A 1 120 ? 3.273   9.633   1.112   1.00 20.91 ? 120 VAL A N   1 
ATOM   758  C CA  . VAL A 1 120 ? 2.862   8.845   2.304   1.00 22.36 ? 120 VAL A CA  1 
ATOM   759  C C   . VAL A 1 120 ? 3.492   7.451   2.182   1.00 25.42 ? 120 VAL A C   1 
ATOM   760  O O   . VAL A 1 120 ? 4.091   6.904   3.157   1.00 26.24 ? 120 VAL A O   1 
ATOM   761  C CB  . VAL A 1 120 ? 1.326   8.774   2.446   1.00 22.78 ? 120 VAL A CB  1 
ATOM   762  C CG1 . VAL A 1 120 ? 0.870   7.775   3.503   1.00 24.13 ? 120 VAL A CG1 1 
ATOM   763  C CG2 . VAL A 1 120 ? 0.733   10.165  2.756   1.00 23.35 ? 120 VAL A CG2 1 
ATOM   764  N N   . THR A 1 121 ? 3.384   6.857   0.991   1.00 25.25 ? 121 THR A N   1 
ATOM   765  C CA  . THR A 1 121 ? 4.027   5.514   0.818   1.00 23.75 ? 121 THR A CA  1 
ATOM   766  C C   . THR A 1 121 ? 5.524   5.546   1.197   1.00 23.53 ? 121 THR A C   1 
ATOM   767  O O   . THR A 1 121 ? 5.963   4.650   1.964   1.00 25.46 ? 121 THR A O   1 
ATOM   768  C CB  . THR A 1 121 ? 3.834   5.043   -0.628  1.00 24.28 ? 121 THR A CB  1 
ATOM   769  O OG1 . THR A 1 121 ? 2.441   4.941   -0.833  1.00 20.92 ? 121 THR A OG1 1 
ATOM   770  C CG2 . THR A 1 121 ? 4.483   3.657   -0.844  1.00 27.96 ? 121 THR A CG2 1 
ATOM   771  N N   . ARG A 1 122 ? 6.293   6.523   0.699   1.00 25.68 ? 122 ARG A N   1 
ATOM   772  C CA  . ARG A 1 122 ? 7.740   6.550   0.957   1.00 29.93 ? 122 ARG A CA  1 
ATOM   773  C C   . ARG A 1 122 ? 8.010   6.792   2.461   1.00 28.12 ? 122 ARG A C   1 
ATOM   774  O O   . ARG A 1 122 ? 8.816   6.104   3.054   1.00 28.61 ? 122 ARG A O   1 
ATOM   775  C CB  . ARG A 1 122 ? 8.583   7.602   0.198   1.00 34.89 ? 122 ARG A CB  1 
ATOM   776  C CG  . ARG A 1 122 ? 7.938   8.470   -0.841  1.00 52.25 ? 122 ARG A CG  1 
ATOM   777  C CD  . ARG A 1 122 ? 8.870   9.654   -1.128  1.00 63.87 ? 122 ARG A CD  1 
ATOM   778  N NE  . ARG A 1 122 ? 10.269  9.220   -1.226  1.00 70.82 ? 122 ARG A NE  1 
ATOM   779  C CZ  . ARG A 1 122 ? 10.904  8.988   -2.376  1.00 74.00 ? 122 ARG A CZ  1 
ATOM   780  N NH1 . ARG A 1 122 ? 10.270  9.159   -3.531  1.00 79.64 ? 122 ARG A NH1 1 
ATOM   781  N NH2 . ARG A 1 122 ? 12.171  8.593   -2.378  1.00 71.11 ? 122 ARG A NH2 1 
ATOM   782  N N   . ALA A 1 123 ? 7.327   7.771   3.054   1.00 28.33 ? 123 ALA A N   1 
ATOM   783  C CA  . ALA A 1 123 ? 7.484   8.064   4.471   1.00 28.18 ? 123 ALA A CA  1 
ATOM   784  C C   . ALA A 1 123 ? 7.069   6.870   5.362   1.00 28.88 ? 123 ALA A C   1 
ATOM   785  O O   . ALA A 1 123 ? 7.775   6.535   6.334   1.00 28.69 ? 123 ALA A O   1 
ATOM   786  C CB  . ALA A 1 123 ? 6.707   9.327   4.833   1.00 26.87 ? 123 ALA A CB  1 
ATOM   787  N N   . GLY A 1 124 ? 5.953   6.231   5.022   1.00 24.51 ? 124 GLY A N   1 
ATOM   788  C CA  . GLY A 1 124 ? 5.433   5.013   5.739   1.00 28.87 ? 124 GLY A CA  1 
ATOM   789  C C   . GLY A 1 124 ? 6.412   3.848   5.703   1.00 32.25 ? 124 GLY A C   1 
ATOM   790  O O   . GLY A 1 124 ? 6.627   3.119   6.710   1.00 31.79 ? 124 GLY A O   1 
ATOM   791  N N   . GLN A 1 125 ? 7.040   3.679   4.534   1.00 32.17 ? 125 GLN A N   1 
ATOM   792  C CA  . GLN A 1 125 ? 8.130   2.729   4.359   1.00 37.83 ? 125 GLN A CA  1 
ATOM   793  C C   . GLN A 1 125 ? 9.293   3.050   5.291   1.00 41.83 ? 125 GLN A C   1 
ATOM   794  O O   . GLN A 1 125 ? 9.751   2.182   6.030   1.00 41.26 ? 125 GLN A O   1 
ATOM   795  C CB  . GLN A 1 125 ? 8.620   2.746   2.904   1.00 44.50 ? 125 GLN A CB  1 
ATOM   796  C CG  . GLN A 1 125 ? 9.062   1.398   2.354   1.00 59.21 ? 125 GLN A CG  1 
ATOM   797  C CD  . GLN A 1 125 ? 10.263  0.862   3.092   1.00 68.59 ? 125 GLN A CD  1 
ATOM   798  O OE1 . GLN A 1 125 ? 11.327  1.493   3.090   1.00 79.56 ? 125 GLN A OE1 1 
ATOM   799  N NE2 . GLN A 1 125 ? 10.098  -0.280  3.760   1.00 71.56 ? 125 GLN A NE2 1 
ATOM   800  N N   . ALA A 1 126 ? 9.780   4.280   5.265   1.00 37.42 ? 126 ALA A N   1 
ATOM   801  C CA  . ALA A 1 126 ? 10.897  4.641   6.129   1.00 38.11 ? 126 ALA A CA  1 
ATOM   802  C C   . ALA A 1 126 ? 10.533  4.415   7.607   1.00 37.61 ? 126 ALA A C   1 
ATOM   803  O O   . ALA A 1 126 ? 11.330  3.858   8.356   1.00 47.73 ? 126 ALA A O   1 
ATOM   804  C CB  . ALA A 1 126 ? 11.367  6.064   5.853   1.00 36.57 ? 126 ALA A CB  1 
ATOM   805  N N   . ALA A 1 127 ? 9.311   4.762   8.001   1.00 33.75 ? 127 ALA A N   1 
ATOM   806  C CA  . ALA A 1 127 ? 8.861   4.643   9.416   1.00 31.31 ? 127 ALA A CA  1 
ATOM   807  C C   . ALA A 1 127 ? 8.775   3.204   9.965   1.00 41.12 ? 127 ALA A C   1 
ATOM   808  O O   . ALA A 1 127 ? 8.739   3.020   11.191  1.00 38.30 ? 127 ALA A O   1 
ATOM   809  C CB  . ALA A 1 127 ? 7.507   5.290   9.574   1.00 32.14 ? 127 ALA A CB  1 
ATOM   810  N N   . ARG A 1 128 ? 8.696   2.177   9.099   1.00 37.66 ? 128 ARG A N   1 
ATOM   811  C CA  . ARG A 1 128 ? 8.663   0.774   9.571   1.00 35.60 ? 128 ARG A CA  1 
ATOM   812  C C   . ARG A 1 128 ? 9.869   0.389   10.438  1.00 44.92 ? 128 ARG A C   1 
ATOM   813  O O   . ARG A 1 128 ? 9.750   -0.454  11.344  1.00 48.40 ? 128 ARG A O   1 
ATOM   814  C CB  . ARG A 1 128 ? 8.588   -0.216  8.391   1.00 35.06 ? 128 ARG A CB  1 
ATOM   815  C CG  . ARG A 1 128 ? 7.219   -0.290  7.789   1.00 39.07 ? 128 ARG A CG  1 
ATOM   816  C CD  . ARG A 1 128 ? 7.288   -0.846  6.375   1.00 45.76 ? 128 ARG A CD  1 
ATOM   817  N NE  . ARG A 1 128 ? 7.055   -2.281  6.347   1.00 52.71 ? 128 ARG A NE  1 
ATOM   818  C CZ  . ARG A 1 128 ? 7.967   -3.202  6.052   1.00 57.31 ? 128 ARG A CZ  1 
ATOM   819  N NH1 . ARG A 1 128 ? 9.226   -2.855  5.802   1.00 59.82 ? 128 ARG A NH1 1 
ATOM   820  N NH2 . ARG A 1 128 ? 7.616   -4.486  6.033   1.00 43.06 ? 128 ARG A NH2 1 
ATOM   821  N N   . ALA A 1 129 ? 11.017  0.986   10.147  1.00 44.37 ? 129 ALA A N   1 
ATOM   822  C CA  . ALA A 1 129 ? 12.233  0.738   10.902  1.00 48.50 ? 129 ALA A CA  1 
ATOM   823  C C   . ALA A 1 129 ? 12.199  1.329   12.335  1.00 46.84 ? 129 ALA A C   1 
ATOM   824  O O   . ALA A 1 129 ? 12.977  0.934   13.192  1.00 53.60 ? 129 ALA A O   1 
ATOM   825  C CB  . ALA A 1 129 ? 13.439  1.231   10.121  1.00 40.72 ? 129 ALA A CB  1 
ATOM   826  N N   . THR A 1 130 ? 11.299  2.262   12.607  1.00 50.17 ? 130 THR A N   1 
ATOM   827  C CA  . THR A 1 130 ? 11.404  3.016   13.836  1.00 47.91 ? 130 THR A CA  1 
ATOM   828  C C   . THR A 1 130 ? 10.119  2.903   14.639  1.00 53.80 ? 130 THR A C   1 
ATOM   829  O O   . THR A 1 130 ? 10.134  2.987   15.872  1.00 53.46 ? 130 THR A O   1 
ATOM   830  C CB  . THR A 1 130 ? 11.795  4.498   13.569  1.00 51.83 ? 130 THR A CB  1 
ATOM   831  O OG1 . THR A 1 130 ? 10.749  5.156   12.845  1.00 55.31 ? 130 THR A OG1 1 
ATOM   832  C CG2 . THR A 1 130 ? 13.068  4.595   12.741  1.00 45.98 ? 130 THR A CG2 1 
ATOM   833  N N   . SER A 1 131 ? 9.002   2.685   13.955  1.00 37.94 ? 131 SER A N   1 
ATOM   834  C CA  . SER A 1 131 ? 7.727   2.742   14.610  1.00 38.19 ? 131 SER A CA  1 
ATOM   835  C C   . SER A 1 131 ? 7.062   1.375   14.678  1.00 44.70 ? 131 SER A C   1 
ATOM   836  O O   . SER A 1 131 ? 6.877   0.707   13.649  1.00 35.27 ? 131 SER A O   1 
ATOM   837  C CB  . SER A 1 131 ? 6.832   3.757   13.914  1.00 35.14 ? 131 SER A CB  1 
ATOM   838  O OG  . SER A 1 131 ? 5.497   3.543   14.309  1.00 34.78 ? 131 SER A OG  1 
ATOM   839  N N   . VAL A 1 132 ? 6.705   0.955   15.898  1.00 37.05 ? 132 VAL A N   1 
ATOM   840  C CA  . VAL A 1 132 ? 6.213   -0.376  16.078  1.00 38.53 ? 132 VAL A CA  1 
ATOM   841  C C   . VAL A 1 132 ? 4.775   -0.378  15.515  1.00 37.34 ? 132 VAL A C   1 
ATOM   842  O O   . VAL A 1 132 ? 4.381   -1.373  14.913  1.00 31.24 ? 132 VAL A O   1 
ATOM   843  C CB  . VAL A 1 132 ? 6.276   -0.818  17.565  1.00 36.83 ? 132 VAL A CB  1 
ATOM   844  C CG1 . VAL A 1 132 ? 6.192   -2.327  17.671  1.00 39.37 ? 132 VAL A CG1 1 
ATOM   845  C CG2 . VAL A 1 132 ? 7.562   -0.334  18.161  1.00 39.89 ? 132 VAL A CG2 1 
ATOM   846  N N   . GLU A 1 133 ? 4.051   0.741   15.670  1.00 30.25 ? 133 GLU A N   1 
ATOM   847  C CA  . GLU A 1 133 ? 2.694   0.871   15.188  1.00 33.27 ? 133 GLU A CA  1 
ATOM   848  C C   . GLU A 1 133 ? 2.625   0.805   13.642  1.00 28.93 ? 133 GLU A C   1 
ATOM   849  O O   . GLU A 1 133 ? 1.676   0.204   13.111  1.00 28.52 ? 133 GLU A O   1 
ATOM   850  C CB  . GLU A 1 133 ? 2.073   2.191   15.625  1.00 34.82 ? 133 GLU A CB  1 
ATOM   851  C CG  . GLU A 1 133 ? 1.784   2.226   17.117  1.00 40.80 ? 133 GLU A CG  1 
ATOM   852  C CD  . GLU A 1 133 ? 3.036   2.629   17.892  1.00 51.92 ? 133 GLU A CD  1 
ATOM   853  O OE1 . GLU A 1 133 ? 4.031   3.130   17.287  1.00 46.69 ? 133 GLU A OE1 1 
ATOM   854  O OE2 . GLU A 1 133 ? 3.045   2.417   19.124  1.00 67.58 ? 133 GLU A OE2 1 
ATOM   855  N N   . VAL A 1 134 ? 3.536   1.522   12.988  1.00 33.15 ? 134 VAL A N   1 
ATOM   856  C CA  . VAL A 1 134 ? 3.632   1.457   11.492  1.00 28.96 ? 134 VAL A CA  1 
ATOM   857  C C   . VAL A 1 134 ? 3.991   0.036   11.066  1.00 27.25 ? 134 VAL A C   1 
ATOM   858  O O   . VAL A 1 134 ? 3.368   -0.493  10.187  1.00 27.15 ? 134 VAL A O   1 
ATOM   859  C CB  . VAL A 1 134 ? 4.595   2.524   10.952  1.00 32.56 ? 134 VAL A CB  1 
ATOM   860  C CG1 . VAL A 1 134 ? 4.948   2.251   9.496   1.00 31.02 ? 134 VAL A CG1 1 
ATOM   861  C CG2 . VAL A 1 134 ? 3.947   3.928   11.100  1.00 30.98 ? 134 VAL A CG2 1 
ATOM   862  N N   . ALA A 1 135 ? 4.993   -0.593  11.696  1.00 27.66 ? 135 ALA A N   1 
ATOM   863  C CA  . ALA A 1 135 ? 5.359   -2.008  11.410  1.00 27.94 ? 135 ALA A CA  1 
ATOM   864  C C   . ALA A 1 135 ? 4.191   -3.004  11.610  1.00 27.62 ? 135 ALA A C   1 
ATOM   865  O O   . ALA A 1 135 ? 3.951   -3.896  10.782  1.00 24.60 ? 135 ALA A O   1 
ATOM   866  C CB  . ALA A 1 135 ? 6.609   -2.435  12.202  1.00 30.19 ? 135 ALA A CB  1 
ATOM   867  N N   . GLU A 1 136 ? 3.432   -2.866  12.679  1.00 26.00 ? 136 GLU A N   1 
ATOM   868  C CA  . GLU A 1 136 ? 2.310   -3.745  12.915  1.00 26.05 ? 136 GLU A CA  1 
ATOM   869  C C   . GLU A 1 136 ? 1.172   -3.463  11.987  1.00 24.35 ? 136 GLU A C   1 
ATOM   870  O O   . GLU A 1 136 ? 0.546   -4.387  11.580  1.00 24.30 ? 136 GLU A O   1 
ATOM   871  C CB  . GLU A 1 136 ? 1.817   -3.669  14.391  1.00 32.36 ? 136 GLU A CB  1 
ATOM   872  C CG  . GLU A 1 136 ? 2.874   -4.197  15.380  1.00 40.45 ? 136 GLU A CG  1 
ATOM   873  C CD  . GLU A 1 136 ? 2.360   -4.173  16.839  1.00 54.02 ? 136 GLU A CD  1 
ATOM   874  O OE1 . GLU A 1 136 ? 1.319   -3.521  17.096  1.00 56.51 ? 136 GLU A OE1 1 
ATOM   875  O OE2 . GLU A 1 136 ? 2.992   -4.794  17.727  1.00 59.59 ? 136 GLU A OE2 1 
ATOM   876  N N   . LEU A 1 137 ? 0.914   -2.203  11.595  1.00 24.12 ? 137 LEU A N   1 
ATOM   877  C CA  . LEU A 1 137 ? -0.157  -1.934  10.677  1.00 23.78 ? 137 LEU A CA  1 
ATOM   878  C C   . LEU A 1 137 ? 0.175   -2.600  9.331   1.00 20.91 ? 137 LEU A C   1 
ATOM   879  O O   . LEU A 1 137 ? -0.713  -3.224  8.736   1.00 20.45 ? 137 LEU A O   1 
ATOM   880  C CB  . LEU A 1 137 ? -0.335  -0.424  10.426  1.00 25.65 ? 137 LEU A CB  1 
ATOM   881  C CG  . LEU A 1 137 ? -1.253  0.114   9.335   1.00 26.17 ? 137 LEU A CG  1 
ATOM   882  C CD1 . LEU A 1 137 ? -2.739  -0.205  9.491   1.00 31.98 ? 137 LEU A CD1 1 
ATOM   883  C CD2 . LEU A 1 137 ? -1.094  1.651   9.266   1.00 32.08 ? 137 LEU A CD2 1 
ATOM   884  N N   . TRP A 1 138 ? 1.405   -2.402  8.899   1.00 20.85 ? 138 TRP A N   1 
ATOM   885  C CA  . TRP A 1 138 ? 1.814   -2.986  7.577   1.00 21.49 ? 138 TRP A CA  1 
ATOM   886  C C   . TRP A 1 138 ? 1.675   -4.471  7.637   1.00 20.22 ? 138 TRP A C   1 
ATOM   887  O O   . TRP A 1 138 ? 1.078   -5.130  6.729   1.00 20.99 ? 138 TRP A O   1 
ATOM   888  C CB  . TRP A 1 138 ? 3.208   -2.475  7.148   1.00 21.22 ? 138 TRP A CB  1 
ATOM   889  C CG  . TRP A 1 138 ? 3.436   -2.887  5.721   1.00 23.45 ? 138 TRP A CG  1 
ATOM   890  C CD1 . TRP A 1 138 ? 4.312   -3.874  5.201   1.00 28.32 ? 138 TRP A CD1 1 
ATOM   891  C CD2 . TRP A 1 138 ? 2.709   -2.373  4.554   1.00 24.64 ? 138 TRP A CD2 1 
ATOM   892  N NE1 . TRP A 1 138 ? 4.162   -3.949  3.813   1.00 23.21 ? 138 TRP A NE1 1 
ATOM   893  C CE2 . TRP A 1 138 ? 3.243   -3.073  3.371   1.00 24.70 ? 138 TRP A CE2 1 
ATOM   894  C CE3 . TRP A 1 138 ? 1.748   -1.392  4.370   1.00 26.12 ? 138 TRP A CE3 1 
ATOM   895  C CZ2 . TRP A 1 138 ? 2.744   -2.828  2.075   1.00 22.98 ? 138 TRP A CZ2 1 
ATOM   896  C CZ3 . TRP A 1 138 ? 1.286   -1.134  3.073   1.00 29.89 ? 138 TRP A CZ3 1 
ATOM   897  C CH2 . TRP A 1 138 ? 1.771   -1.836  1.953   1.00 24.54 ? 138 TRP A CH2 1 
ATOM   898  N N   . SER A 1 139 ? 2.205   -5.077  8.704   1.00 20.11 ? 139 SER A N   1 
ATOM   899  C CA  . SER A 1 139 ? 2.189   -6.520  8.861   1.00 21.99 ? 139 SER A CA  1 
ATOM   900  C C   . SER A 1 139 ? 0.766   -7.044  8.874   1.00 22.04 ? 139 SER A C   1 
ATOM   901  O O   . SER A 1 139 ? 0.484   -8.074  8.225   1.00 20.09 ? 139 SER A O   1 
ATOM   902  C CB  . SER A 1 139 ? 2.963   -6.944  10.134  1.00 21.85 ? 139 SER A CB  1 
ATOM   903  O OG  . SER A 1 139 ? 2.676   -8.300  10.451  1.00 28.06 ? 139 SER A OG  1 
ATOM   904  N N   . THR A 1 140 ? -0.174  -6.421  9.630   1.00 19.31 ? 140 THR A N   1 
ATOM   905  C CA  . THR A 1 140 ? -1.552  -6.894  9.615   1.00 20.31 ? 140 THR A CA  1 
ATOM   906  C C   . THR A 1 140 ? -2.215  -6.953  8.246   1.00 19.67 ? 140 THR A C   1 
ATOM   907  O O   . THR A 1 140 ? -2.908  -7.914  7.875   1.00 19.25 ? 140 THR A O   1 
ATOM   908  C CB  . THR A 1 140 ? -2.461  -6.000  10.539  1.00 23.66 ? 140 THR A CB  1 
ATOM   909  O OG1 . THR A 1 140 ? -1.878  -6.038  11.843  1.00 32.93 ? 140 THR A OG1 1 
ATOM   910  C CG2 . THR A 1 140 ? -3.796  -6.597  10.624  1.00 30.62 ? 140 THR A CG2 1 
ATOM   911  N N   . PHE A 1 141 ? -2.099  -5.852  7.519   1.00 17.63 ? 141 PHE A N   1 
ATOM   912  C CA  . PHE A 1 141 ? -2.680  -5.851  6.169   1.00 18.28 ? 141 PHE A CA  1 
ATOM   913  C C   . PHE A 1 141 ? -1.974  -6.774  5.144   1.00 17.12 ? 141 PHE A C   1 
ATOM   914  O O   . PHE A 1 141 ? -2.670  -7.380  4.311   1.00 17.36 ? 141 PHE A O   1 
ATOM   915  C CB  . PHE A 1 141 ? -2.805  -4.419  5.659   1.00 18.95 ? 141 PHE A CB  1 
ATOM   916  C CG  . PHE A 1 141 ? -4.028  -3.721  6.229   1.00 21.24 ? 141 PHE A CG  1 
ATOM   917  C CD1 . PHE A 1 141 ? -5.287  -3.869  5.575   1.00 21.77 ? 141 PHE A CD1 1 
ATOM   918  C CD2 . PHE A 1 141 ? -3.950  -3.009  7.454   1.00 25.65 ? 141 PHE A CD2 1 
ATOM   919  C CE1 . PHE A 1 141 ? -6.441  -3.296  6.131   1.00 25.51 ? 141 PHE A CE1 1 
ATOM   920  C CE2 . PHE A 1 141 ? -5.155  -2.464  8.018   1.00 27.40 ? 141 PHE A CE2 1 
ATOM   921  C CZ  . PHE A 1 141 ? -6.352  -2.607  7.352   1.00 28.22 ? 141 PHE A CZ  1 
ATOM   922  N N   . MET A 1 142 ? -0.640  -6.861  5.228   1.00 19.01 ? 142 MET A N   1 
ATOM   923  C CA  . MET A 1 142 ? 0.081   -7.826  4.348   1.00 19.02 ? 142 MET A CA  1 
ATOM   924  C C   . MET A 1 142 ? -0.418  -9.234  4.637   1.00 18.38 ? 142 MET A C   1 
ATOM   925  O O   . MET A 1 142 ? -0.638  -9.990  3.732   1.00 17.06 ? 142 MET A O   1 
ATOM   926  C CB  . MET A 1 142 ? 1.608   -7.779  4.572   1.00 20.02 ? 142 MET A CB  1 
ATOM   927  C CG  . MET A 1 142 ? 2.264   -6.538  4.000   1.00 23.19 ? 142 MET A CG  1 
ATOM   928  S SD  . MET A 1 142 ? 2.200   -6.547  2.145   1.00 24.23 ? 142 MET A SD  1 
ATOM   929  C CE  . MET A 1 142 ? 3.503   -7.747  1.602   1.00 21.88 ? 142 MET A CE  1 
ATOM   930  N N   . GLN A 1 143 ? -0.645  -9.593  5.894   1.00 17.02 ? 143 GLN A N   1 
ATOM   931  C CA  . GLN A 1 143 ? -1.158  -10.933 6.174   1.00 19.95 ? 143 GLN A CA  1 
ATOM   932  C C   . GLN A 1 143 ? -2.557  -11.126 5.564   1.00 19.20 ? 143 GLN A C   1 
ATOM   933  O O   . GLN A 1 143 ? -2.843  -12.189 4.975   1.00 17.18 ? 143 GLN A O   1 
ATOM   934  C CB  . GLN A 1 143 ? -1.203  -11.177 7.686   1.00 20.53 ? 143 GLN A CB  1 
ATOM   935  C CG  . GLN A 1 143 ? 0.184   -11.100 8.362   1.00 27.13 ? 143 GLN A CG  1 
ATOM   936  C CD  . GLN A 1 143 ? 0.080   -11.291 9.872   1.00 35.47 ? 143 GLN A CD  1 
ATOM   937  O OE1 . GLN A 1 143 ? -0.421  -12.296 10.304  1.00 38.85 ? 143 GLN A OE1 1 
ATOM   938  N NE2 . GLN A 1 143 ? 0.516   -10.313 10.661  1.00 40.15 ? 143 GLN A NE2 1 
ATOM   939  N N   . LYS A 1 144 ? -3.373  -10.071 5.583   1.00 19.84 ? 144 LYS A N   1 
ATOM   940  C CA  . LYS A 1 144 ? -4.709  -10.150 5.029   1.00 19.57 ? 144 LYS A CA  1 
ATOM   941  C C   . LYS A 1 144 ? -4.680  -10.298 3.520   1.00 16.84 ? 144 LYS A C   1 
ATOM   942  O O   . LYS A 1 144 ? -5.395  -11.119 2.976   1.00 17.55 ? 144 LYS A O   1 
ATOM   943  C CB  . LYS A 1 144 ? -5.528  -8.861  5.367   1.00 22.87 ? 144 LYS A CB  1 
ATOM   944  C CG  . LYS A 1 144 ? -6.987  -8.997  4.920   1.00 27.31 ? 144 LYS A CG  1 
ATOM   945  C CD  . LYS A 1 144 ? -7.772  -7.694  5.251   1.00 30.21 ? 144 LYS A CD  1 
ATOM   946  C CE  . LYS A 1 144 ? -9.267  -7.862  5.042   1.00 33.38 ? 144 LYS A CE  1 
ATOM   947  N NZ  . LYS A 1 144 ? -9.880  -6.603  5.608   1.00 38.24 ? 144 LYS A NZ  1 
ATOM   948  N N   . TRP A 1 145 ? -3.784  -9.524  2.847   1.00 16.86 ? 145 TRP A N   1 
ATOM   949  C CA  . TRP A 1 145 ? -3.700  -9.572  1.388   1.00 16.91 ? 145 TRP A CA  1 
ATOM   950  C C   . TRP A 1 145 ? -3.070  -10.860 0.877   1.00 18.02 ? 145 TRP A C   1 
ATOM   951  O O   . TRP A 1 145 ? -3.466  -11.395 -0.129  1.00 16.69 ? 145 TRP A O   1 
ATOM   952  C CB  . TRP A 1 145 ? -2.884  -8.374  0.906   1.00 16.75 ? 145 TRP A CB  1 
ATOM   953  C CG  . TRP A 1 145 ? -3.588  -7.061  1.272   1.00 17.40 ? 145 TRP A CG  1 
ATOM   954  C CD1 . TRP A 1 145 ? -4.967  -6.835  1.434   1.00 17.76 ? 145 TRP A CD1 1 
ATOM   955  C CD2 . TRP A 1 145 ? -2.964  -5.787  1.507   1.00 17.24 ? 145 TRP A CD2 1 
ATOM   956  N NE1 . TRP A 1 145 ? -5.196  -5.516  1.779   1.00 19.37 ? 145 TRP A NE1 1 
ATOM   957  C CE2 . TRP A 1 145 ? -4.047  -4.841  1.843   1.00 17.80 ? 145 TRP A CE2 1 
ATOM   958  C CE3 . TRP A 1 145 ? -1.643  -5.337  1.578   1.00 17.80 ? 145 TRP A CE3 1 
ATOM   959  C CZ2 . TRP A 1 145 ? -3.780  -3.487  2.141   1.00 19.63 ? 145 TRP A CZ2 1 
ATOM   960  C CZ3 . TRP A 1 145 ? -1.385  -3.973  1.898   1.00 18.78 ? 145 TRP A CZ3 1 
ATOM   961  C CH2 . TRP A 1 145 ? -2.417  -3.078  2.168   1.00 18.37 ? 145 TRP A CH2 1 
ATOM   962  N N   . ILE A 1 146 ? -2.118  -11.381 1.630   1.00 16.43 ? 146 ILE A N   1 
ATOM   963  C CA  . ILE A 1 146 ? -1.526  -12.703 1.274   1.00 16.29 ? 146 ILE A CA  1 
ATOM   964  C C   . ILE A 1 146 ? -2.586  -13.781 1.459   1.00 16.97 ? 146 ILE A C   1 
ATOM   965  O O   . ILE A 1 146 ? -2.663  -14.711 0.645   1.00 15.71 ? 146 ILE A O   1 
ATOM   966  C CB  . ILE A 1 146 ? -0.298  -12.987 2.194   1.00 14.57 ? 146 ILE A CB  1 
ATOM   967  C CG1 . ILE A 1 146 ? 0.846   -12.055 1.691   1.00 14.72 ? 146 ILE A CG1 1 
ATOM   968  C CG2 . ILE A 1 146 ? 0.131   -14.483 2.068   1.00 15.36 ? 146 ILE A CG2 1 
ATOM   969  C CD1 . ILE A 1 146 ? 2.068   -11.917 2.664   1.00 15.78 ? 146 ILE A CD1 1 
ATOM   970  N N   . ALA A 1 147 ? -3.337  -13.707 2.560   1.00 17.21 ? 147 ALA A N   1 
ATOM   971  C CA  . ALA A 1 147 ? -4.377  -14.750 2.786   1.00 17.84 ? 147 ALA A CA  1 
ATOM   972  C C   . ALA A 1 147 ? -5.417  -14.745 1.666   1.00 19.70 ? 147 ALA A C   1 
ATOM   973  O O   . ALA A 1 147 ? -5.870  -15.781 1.181   1.00 17.33 ? 147 ALA A O   1 
ATOM   974  C CB  . ALA A 1 147 ? -5.035  -14.623 4.160   1.00 20.36 ? 147 ALA A CB  1 
ATOM   975  N N   . TYR A 1 148 ? -5.750  -13.546 1.215   1.00 19.56 ? 148 TYR A N   1 
ATOM   976  C CA  . TYR A 1 148 ? -6.752  -13.415 0.139   1.00 18.83 ? 148 TYR A CA  1 
ATOM   977  C C   . TYR A 1 148 ? -6.147  -14.011 -1.172  1.00 18.22 ? 148 TYR A C   1 
ATOM   978  O O   . TYR A 1 148 ? -6.747  -14.773 -1.869  1.00 16.96 ? 148 TYR A O   1 
ATOM   979  C CB  . TYR A 1 148 ? -7.060  -11.951 -0.021  1.00 20.03 ? 148 TYR A CB  1 
ATOM   980  C CG  . TYR A 1 148 ? -7.938  -11.738 -1.202  1.00 24.63 ? 148 TYR A CG  1 
ATOM   981  C CD1 . TYR A 1 148 ? -9.239  -12.245 -1.225  1.00 27.77 ? 148 TYR A CD1 1 
ATOM   982  C CD2 . TYR A 1 148 ? -7.431  -11.112 -2.329  1.00 27.66 ? 148 TYR A CD2 1 
ATOM   983  C CE1 . TYR A 1 148 ? -10.021 -12.096 -2.356  1.00 29.13 ? 148 TYR A CE1 1 
ATOM   984  C CE2 . TYR A 1 148 ? -8.220  -10.930 -3.455  1.00 32.07 ? 148 TYR A CE2 1 
ATOM   985  C CZ  . TYR A 1 148 ? -9.512  -11.432 -3.450  1.00 32.73 ? 148 TYR A CZ  1 
ATOM   986  O OH  . TYR A 1 148 ? -10.278 -11.248 -4.596  1.00 38.38 ? 148 TYR A OH  1 
ATOM   987  N N   . THR A 1 149 ? -4.892  -13.646 -1.458  1.00 15.40 ? 149 THR A N   1 
ATOM   988  C CA  . THR A 1 149 ? -4.185  -14.126 -2.635  1.00 15.93 ? 149 THR A CA  1 
ATOM   989  C C   . THR A 1 149 ? -4.152  -15.677 -2.607  1.00 14.84 ? 149 THR A C   1 
ATOM   990  O O   . THR A 1 149 ? -4.430  -16.344 -3.596  1.00 16.24 ? 149 THR A O   1 
ATOM   991  C CB  . THR A 1 149 ? -2.719  -13.562 -2.664  1.00 14.43 ? 149 THR A CB  1 
ATOM   992  O OG1 . THR A 1 149 ? -2.743  -12.141 -2.860  1.00 16.65 ? 149 THR A OG1 1 
ATOM   993  C CG2 . THR A 1 149 ? -1.912  -14.133 -3.874  1.00 17.14 ? 149 THR A CG2 1 
ATOM   994  N N   . ALA A 1 150 ? -3.777  -16.206 -1.442  1.00 16.56 ? 150 ALA A N   1 
ATOM   995  C CA  . ALA A 1 150 ? -3.672  -17.677 -1.344  1.00 18.65 ? 150 ALA A CA  1 
ATOM   996  C C   . ALA A 1 150 ? -5.050  -18.365 -1.563  1.00 19.16 ? 150 ALA A C   1 
ATOM   997  O O   . ALA A 1 150 ? -5.147  -19.444 -2.159  1.00 19.97 ? 150 ALA A O   1 
ATOM   998  C CB  . ALA A 1 150 ? -3.148  -18.022 0.040   1.00 15.56 ? 150 ALA A CB  1 
ATOM   999  N N   . ALA A 1 151 ? -6.094  -17.725 -1.021  1.00 21.08 ? 151 ALA A N   1 
ATOM   1000 C CA  . ALA A 1 151 ? -7.484  -18.236 -1.159  1.00 21.72 ? 151 ALA A CA  1 
ATOM   1001 C C   . ALA A 1 151 ? -7.909  -18.266 -2.629  1.00 23.01 ? 151 ALA A C   1 
ATOM   1002 O O   . ALA A 1 151 ? -8.479  -19.272 -3.098  1.00 23.52 ? 151 ALA A O   1 
ATOM   1003 C CB  . ALA A 1 151 ? -8.463  -17.418 -0.261  1.00 22.41 ? 151 ALA A CB  1 
ATOM   1004 N N   . VAL A 1 152 ? -7.544  -17.229 -3.404  1.00 20.22 ? 152 VAL A N   1 
ATOM   1005 C CA  . VAL A 1 152 ? -7.911  -17.215 -4.791  1.00 19.84 ? 152 VAL A CA  1 
ATOM   1006 C C   . VAL A 1 152 ? -7.119  -18.301 -5.560  1.00 21.78 ? 152 VAL A C   1 
ATOM   1007 O O   . VAL A 1 152 ? -7.653  -18.976 -6.415  1.00 22.48 ? 152 VAL A O   1 
ATOM   1008 C CB  . VAL A 1 152 ? -7.652  -15.816 -5.419  1.00 21.55 ? 152 VAL A CB  1 
ATOM   1009 C CG1 . VAL A 1 152 ? -7.892  -15.880 -6.931  1.00 23.58 ? 152 VAL A CG1 1 
ATOM   1010 C CG2 . VAL A 1 152 ? -8.489  -14.715 -4.728  1.00 22.88 ? 152 VAL A CG2 1 
ATOM   1011 N N   . ILE A 1 153 ? -5.807  -18.411 -5.300  1.00 19.33 ? 153 ILE A N   1 
ATOM   1012 C CA  . ILE A 1 153 ? -4.979  -19.482 -5.874  1.00 19.61 ? 153 ILE A CA  1 
ATOM   1013 C C   . ILE A 1 153 ? -5.593  -20.875 -5.548  1.00 21.43 ? 153 ILE A C   1 
ATOM   1014 O O   . ILE A 1 153 ? -5.712  -21.714 -6.429  1.00 23.68 ? 153 ILE A O   1 
ATOM   1015 C CB  . ILE A 1 153 ? -3.530  -19.417 -5.367  1.00 20.12 ? 153 ILE A CB  1 
ATOM   1016 C CG1 . ILE A 1 153 ? -2.794  -18.147 -5.976  1.00 17.58 ? 153 ILE A CG1 1 
ATOM   1017 C CG2 . ILE A 1 153 ? -2.729  -20.611 -5.899  1.00 20.28 ? 153 ILE A CG2 1 
ATOM   1018 C CD1 . ILE A 1 153 ? -1.453  -17.799 -5.283  1.00 19.68 ? 153 ILE A CD1 1 
ATOM   1019 N N   . ASP A 1 154 ? -5.924  -21.104 -4.286  1.00 20.80 ? 154 ASP A N   1 
ATOM   1020 C CA  . ASP A 1 154 ? -6.575  -22.346 -3.888  1.00 25.90 ? 154 ASP A CA  1 
ATOM   1021 C C   . ASP A 1 154 ? -7.868  -22.616 -4.656  1.00 27.31 ? 154 ASP A C   1 
ATOM   1022 O O   . ASP A 1 154 ? -8.087  -23.759 -5.106  1.00 26.90 ? 154 ASP A O   1 
ATOM   1023 C CB  . ASP A 1 154 ? -6.893  -22.315 -2.417  1.00 26.25 ? 154 ASP A CB  1 
ATOM   1024 C CG  . ASP A 1 154 ? -5.669  -22.676 -1.571  1.00 33.34 ? 154 ASP A CG  1 
ATOM   1025 O OD1 . ASP A 1 154 ? -4.752  -23.340 -2.109  1.00 38.12 ? 154 ASP A OD1 1 
ATOM   1026 O OD2 . ASP A 1 154 ? -5.641  -22.257 -0.397  1.00 38.45 ? 154 ASP A OD2 1 
ATOM   1027 N N   . ALA A 1 155 ? -8.679  -21.586 -4.816  1.00 27.69 ? 155 ALA A N   1 
ATOM   1028 C CA  . ALA A 1 155 ? -9.919  -21.688 -5.585  1.00 30.23 ? 155 ALA A CA  1 
ATOM   1029 C C   . ALA A 1 155 ? -9.634  -22.054 -7.009  1.00 28.76 ? 155 ALA A C   1 
ATOM   1030 O O   . ALA A 1 155 ? -10.312 -22.940 -7.561  1.00 29.25 ? 155 ALA A O   1 
ATOM   1031 C CB  . ALA A 1 155 ? -10.759 -20.419 -5.484  1.00 30.19 ? 155 ALA A CB  1 
ATOM   1032 N N   . GLU A 1 156 ? -8.614  -21.443 -7.625  1.00 24.30 ? 156 GLU A N   1 
ATOM   1033 C CA  . GLU A 1 156 ? -8.229  -21.761 -8.963  1.00 24.51 ? 156 GLU A CA  1 
ATOM   1034 C C   . GLU A 1 156 ? -7.708  -23.194 -9.104  1.00 27.17 ? 156 GLU A C   1 
ATOM   1035 O O   . GLU A 1 156 ? -7.869  -23.833 -10.139 1.00 29.16 ? 156 GLU A O   1 
ATOM   1036 C CB  . GLU A 1 156 ? -7.144  -20.749 -9.457  1.00 24.94 ? 156 GLU A CB  1 
ATOM   1037 C CG  . GLU A 1 156 ? -7.616  -19.312 -9.742  1.00 28.68 ? 156 GLU A CG  1 
ATOM   1038 C CD  . GLU A 1 156 ? -8.508  -19.259 -10.982 1.00 32.30 ? 156 GLU A CD  1 
ATOM   1039 O OE1 . GLU A 1 156 ? -8.050  -18.816 -12.044 1.00 27.49 ? 156 GLU A OE1 1 
ATOM   1040 O OE2 . GLU A 1 156 ? -9.663  -19.755 -10.921 1.00 31.23 ? 156 GLU A OE2 1 
ATOM   1041 N N   . ARG A 1 157 ? -6.957  -23.677 -8.106  1.00 23.98 ? 157 ARG A N   1 
ATOM   1042 C CA  . ARG A 1 157 ? -6.548  -25.072 -8.153  1.00 21.69 ? 157 ARG A CA  1 
ATOM   1043 C C   . ARG A 1 157 ? -7.796  -25.990 -8.001  1.00 23.43 ? 157 ARG A C   1 
ATOM   1044 O O   . ARG A 1 157 ? -7.872  -26.993 -8.721  1.00 32.06 ? 157 ARG A O   1 
ATOM   1045 C CB  . ARG A 1 157 ? -5.591  -25.323 -6.997  1.00 21.96 ? 157 ARG A CB  1 
ATOM   1046 C CG  . ARG A 1 157 ? -4.230  -24.596 -7.302  1.00 21.14 ? 157 ARG A CG  1 
ATOM   1047 C CD  . ARG A 1 157 ? -3.322  -24.704 -6.058  1.00 24.25 ? 157 ARG A CD  1 
ATOM   1048 N NE  . ARG A 1 157 ? -2.049  -24.067 -6.391  1.00 22.82 ? 157 ARG A NE  1 
ATOM   1049 C CZ  . ARG A 1 157 ? -0.945  -24.155 -5.642  1.00 24.40 ? 157 ARG A CZ  1 
ATOM   1050 N NH1 . ARG A 1 157 ? -0.925  -24.874 -4.492  1.00 21.88 ? 157 ARG A NH1 1 
ATOM   1051 N NH2 . ARG A 1 157 ? 0.158   -23.583 -6.107  1.00 22.88 ? 157 ARG A NH2 1 
ATOM   1052 N N   . ASP A 1 158 ? -8.696  -25.654 -7.095  1.00 25.27 ? 158 ASP A N   1 
ATOM   1053 C CA  . ASP A 1 158 ? -9.884  -26.542 -6.805  1.00 32.78 ? 158 ASP A CA  1 
ATOM   1054 C C   . ASP A 1 158 ? -10.727 -26.679 -8.062  1.00 36.59 ? 158 ASP A C   1 
ATOM   1055 O O   . ASP A 1 158 ? -11.271 -27.748 -8.359  1.00 39.03 ? 158 ASP A O   1 
ATOM   1056 C CB  . ASP A 1 158 ? -10.723 -25.928 -5.703  1.00 30.36 ? 158 ASP A CB  1 
ATOM   1057 C CG  . ASP A 1 158 ? -10.100 -26.124 -4.307  1.00 39.77 ? 158 ASP A CG  1 
ATOM   1058 O OD1 . ASP A 1 158 ? -9.144  -26.937 -4.153  1.00 48.16 ? 158 ASP A OD1 1 
ATOM   1059 O OD2 . ASP A 1 158 ? -10.565 -25.441 -3.364  1.00 47.96 ? 158 ASP A OD2 1 
ATOM   1060 N N   . ARG A 1 159 ? -10.806 -25.605 -8.820  1.00 31.74 ? 159 ARG A N   1 
ATOM   1061 C CA  . ARG A 1 159 ? -11.518 -25.652 -10.095 1.00 38.30 ? 159 ARG A CA  1 
ATOM   1062 C C   . ARG A 1 159 ? -10.754 -26.283 -11.268 1.00 37.46 ? 159 ARG A C   1 
ATOM   1063 O O   . ARG A 1 159 ? -11.298 -26.449 -12.359 1.00 36.55 ? 159 ARG A O   1 
ATOM   1064 C CB  . ARG A 1 159 ? -12.140 -24.283 -10.398 1.00 39.43 ? 159 ARG A CB  1 
ATOM   1065 C CG  . ARG A 1 159 ? -11.341 -23.370 -11.272 1.00 41.80 ? 159 ARG A CG  1 
ATOM   1066 C CD  . ARG A 1 159 ? -12.141 -22.098 -11.548 1.00 49.24 ? 159 ARG A CD  1 
ATOM   1067 N NE  . ARG A 1 159 ? -12.295 -21.338 -10.321 1.00 53.42 ? 159 ARG A NE  1 
ATOM   1068 C CZ  . ARG A 1 159 ? -13.440 -21.119 -9.686  1.00 58.84 ? 159 ARG A CZ  1 
ATOM   1069 N NH1 . ARG A 1 159 ? -14.588 -21.570 -10.183 1.00 72.71 ? 159 ARG A NH1 1 
ATOM   1070 N NH2 . ARG A 1 159 ? -13.433 -20.421 -8.553  1.00 60.54 ? 159 ARG A NH2 1 
ATOM   1071 N N   . GLY A 1 160 ? -9.498  -26.670 -11.060 1.00 35.49 ? 160 GLY A N   1 
ATOM   1072 C CA  . GLY A 1 160 ? -8.710  -27.285 -12.129 1.00 33.30 ? 160 GLY A CA  1 
ATOM   1073 C C   . GLY A 1 160 ? -8.065  -26.325 -13.109 1.00 33.90 ? 160 GLY A C   1 
ATOM   1074 O O   . GLY A 1 160 ? -7.547  -26.772 -14.092 1.00 35.10 ? 160 GLY A O   1 
ATOM   1075 N N   . ALA A 1 161 ? -8.082  -25.012 -12.826 1.00 29.93 ? 161 ALA A N   1 
ATOM   1076 C CA  . ALA A 1 161 ? -7.498  -23.975 -13.679 1.00 29.58 ? 161 ALA A CA  1 
ATOM   1077 C C   . ALA A 1 161 ? -6.035  -23.715 -13.394 1.00 28.00 ? 161 ALA A C   1 
ATOM   1078 O O   . ALA A 1 161 ? -5.289  -23.280 -14.265 1.00 31.53 ? 161 ALA A O   1 
ATOM   1079 C CB  . ALA A 1 161 ? -8.292  -22.667 -13.522 1.00 34.00 ? 161 ALA A CB  1 
ATOM   1080 N N   . ALA A 1 162 ? -5.595  -24.038 -12.185 1.00 26.31 ? 162 ALA A N   1 
ATOM   1081 C CA  . ALA A 1 162 ? -4.142  -23.847 -11.846 1.00 25.78 ? 162 ALA A CA  1 
ATOM   1082 C C   . ALA A 1 162 ? -3.560  -25.175 -11.272 1.00 24.54 ? 162 ALA A C   1 
ATOM   1083 O O   . ALA A 1 162 ? -4.270  -25.880 -10.562 1.00 27.65 ? 162 ALA A O   1 
ATOM   1084 C CB  . ALA A 1 162 ? -4.032  -22.769 -10.799 1.00 25.78 ? 162 ALA A CB  1 
ATOM   1085 N N   . PRO A 1 163 ? -2.294  -25.491 -11.573 1.00 24.99 ? 163 PRO A N   1 
ATOM   1086 C CA  . PRO A 1 163 ? -1.646  -26.759 -11.138 1.00 27.91 ? 163 PRO A CA  1 
ATOM   1087 C C   . PRO A 1 163 ? -1.216  -26.697 -9.679  1.00 28.54 ? 163 PRO A C   1 
ATOM   1088 O O   . PRO A 1 163 ? -0.932  -25.613 -9.144  1.00 23.53 ? 163 PRO A O   1 
ATOM   1089 C CB  . PRO A 1 163 ? -0.382  -26.859 -12.035 1.00 25.46 ? 163 PRO A CB  1 
ATOM   1090 C CG  . PRO A 1 163 ? -0.076  -25.421 -12.392 1.00 28.07 ? 163 PRO A CG  1 
ATOM   1091 C CD  . PRO A 1 163 ? -1.385  -24.625 -12.346 1.00 26.09 ? 163 PRO A CD  1 
ATOM   1092 N N   . ARG A 1 164 ? -1.227  -27.826 -8.997  1.00 24.67 ? 164 ARG A N   1 
ATOM   1093 C CA  . ARG A 1 164 ? -0.823  -27.855 -7.607  1.00 25.48 ? 164 ARG A CA  1 
ATOM   1094 C C   . ARG A 1 164 ? 0.673   -27.912 -7.540  1.00 27.62 ? 164 ARG A C   1 
ATOM   1095 O O   . ARG A 1 164 ? 1.245   -28.988 -7.510  1.00 27.19 ? 164 ARG A O   1 
ATOM   1096 C CB  . ARG A 1 164 ? -1.459  -29.058 -6.838  1.00 28.80 ? 164 ARG A CB  1 
ATOM   1097 C CG  . ARG A 1 164 ? -2.915  -28.755 -6.490  1.00 36.92 ? 164 ARG A CG  1 
ATOM   1098 C CD  . ARG A 1 164 ? -3.673  -29.820 -5.677  1.00 41.85 ? 164 ARG A CD  1 
ATOM   1099 N NE  . ARG A 1 164 ? -5.143  -29.600 -5.754  1.00 49.38 ? 164 ARG A NE  1 
ATOM   1100 C CZ  . ARG A 1 164 ? -5.840  -28.614 -5.138  1.00 51.78 ? 164 ARG A CZ  1 
ATOM   1101 N NH1 . ARG A 1 164 ? -5.239  -27.694 -4.370  1.00 55.87 ? 164 ARG A NH1 1 
ATOM   1102 N NH2 . ARG A 1 164 ? -7.165  -28.535 -5.287  1.00 49.28 ? 164 ARG A NH2 1 
ATOM   1103 N N   . THR A 1 165 ? 1.327   -26.760 -7.451  1.00 23.69 ? 165 THR A N   1 
ATOM   1104 C CA  . THR A 1 165 ? 2.808   -26.704 -7.451  1.00 21.59 ? 165 THR A CA  1 
ATOM   1105 C C   . THR A 1 165 ? 3.239   -26.344 -6.033  1.00 27.58 ? 165 THR A C   1 
ATOM   1106 O O   . THR A 1 165 ? 3.087   -27.136 -5.080  1.00 28.20 ? 165 THR A O   1 
ATOM   1107 C CB  . THR A 1 165 ? 3.295   -25.665 -8.517  1.00 24.17 ? 165 THR A CB  1 
ATOM   1108 O OG1 . THR A 1 165 ? 2.591   -24.416 -8.285  1.00 19.75 ? 165 THR A OG1 1 
ATOM   1109 C CG2 . THR A 1 165 ? 2.853   -26.096 -9.919  1.00 23.94 ? 165 THR A CG2 1 
ATOM   1110 N N   . LEU A 1 166 ? 3.658   -25.104 -5.815  1.00 22.66 ? 166 LEU A N   1 
ATOM   1111 C CA  . LEU A 1 166 ? 4.101   -24.714 -4.478  1.00 21.98 ? 166 LEU A CA  1 
ATOM   1112 C C   . LEU A 1 166 ? 2.883   -24.662 -3.534  1.00 21.77 ? 166 LEU A C   1 
ATOM   1113 O O   . LEU A 1 166 ? 1.790   -24.382 -4.002  1.00 25.28 ? 166 LEU A O   1 
ATOM   1114 C CB  . LEU A 1 166 ? 4.641   -23.267 -4.548  1.00 19.42 ? 166 LEU A CB  1 
ATOM   1115 C CG  . LEU A 1 166 ? 5.959   -23.000 -5.245  1.00 23.16 ? 166 LEU A CG  1 
ATOM   1116 C CD1 . LEU A 1 166 ? 6.203   -21.489 -5.082  1.00 21.96 ? 166 LEU A CD1 1 
ATOM   1117 C CD2 . LEU A 1 166 ? 7.059   -23.833 -4.563  1.00 24.26 ? 166 LEU A CD2 1 
ATOM   1118 N N   . PRO A 1 167 ? 3.094   -24.792 -2.214  1.00 19.91 ? 167 PRO A N   1 
ATOM   1119 C CA  . PRO A 1 167 ? 2.082   -24.341 -1.176  1.00 19.55 ? 167 PRO A CA  1 
ATOM   1120 C C   . PRO A 1 167 ? 1.537   -22.941 -1.556  1.00 21.38 ? 167 PRO A C   1 
ATOM   1121 O O   . PRO A 1 167 ? 2.347   -21.998 -1.756  1.00 20.20 ? 167 PRO A O   1 
ATOM   1122 C CB  . PRO A 1 167 ? 2.934   -24.258 0.096   1.00 19.45 ? 167 PRO A CB  1 
ATOM   1123 C CG  . PRO A 1 167 ? 3.906   -25.446 -0.090  1.00 19.05 ? 167 PRO A CG  1 
ATOM   1124 C CD  . PRO A 1 167 ? 4.353   -25.196 -1.522  1.00 18.81 ? 167 PRO A CD  1 
ATOM   1125 N N   . ALA A 1 168 ? 0.201   -22.835 -1.726  1.00 21.49 ? 168 ALA A N   1 
ATOM   1126 C CA  . ALA A 1 168 ? -0.430  -21.551 -2.193  1.00 21.83 ? 168 ALA A CA  1 
ATOM   1127 C C   . ALA A 1 168 ? 0.031   -20.386 -1.299  1.00 18.70 ? 168 ALA A C   1 
ATOM   1128 O O   . ALA A 1 168 ? 0.209   -19.228 -1.784  1.00 18.31 ? 168 ALA A O   1 
ATOM   1129 C CB  . ALA A 1 168 ? -1.964  -21.638 -2.116  1.00 22.83 ? 168 ALA A CB  1 
ATOM   1130 N N   . HIS A 1 169 ? 0.104   -20.615 0.023   1.00 18.86 ? 169 HIS A N   1 
ATOM   1131 C CA  . HIS A 1 169 ? 0.373   -19.493 0.948   1.00 20.23 ? 169 HIS A CA  1 
ATOM   1132 C C   . HIS A 1 169 ? 1.797   -18.984 0.862   1.00 19.42 ? 169 HIS A C   1 
ATOM   1133 O O   . HIS A 1 169 ? 2.024   -17.780 0.910   1.00 18.43 ? 169 HIS A O   1 
ATOM   1134 C CB  . HIS A 1 169 ? -0.020  -19.894 2.380   1.00 21.00 ? 169 HIS A CB  1 
ATOM   1135 C CG  . HIS A 1 169 ? -0.127  -18.735 3.333   1.00 21.12 ? 169 HIS A CG  1 
ATOM   1136 N ND1 . HIS A 1 169 ? 0.927   -18.261 4.019   1.00 21.18 ? 169 HIS A ND1 1 
ATOM   1137 C CD2 . HIS A 1 169 ? -1.187  -17.882 3.594   1.00 19.93 ? 169 HIS A CD2 1 
ATOM   1138 C CE1 . HIS A 1 169 ? 0.547   -17.170 4.732   1.00 21.43 ? 169 HIS A CE1 1 
ATOM   1139 N NE2 . HIS A 1 169 ? -0.792  -16.995 4.515   1.00 22.60 ? 169 HIS A NE2 1 
ATOM   1140 N N   . GLU A 1 170 ? 2.758   -19.901 0.622   1.00 16.99 ? 170 GLU A N   1 
ATOM   1141 C CA  . GLU A 1 170 ? 4.146   -19.509 0.399   1.00 17.55 ? 170 GLU A CA  1 
ATOM   1142 C C   . GLU A 1 170 ? 4.302   -18.749 -0.932  1.00 15.64 ? 170 GLU A C   1 
ATOM   1143 O O   . GLU A 1 170 ? 4.991   -17.681 -0.973  1.00 14.77 ? 170 GLU A O   1 
ATOM   1144 C CB  . GLU A 1 170 ? 5.075   -20.751 0.440   1.00 18.37 ? 170 GLU A CB  1 
ATOM   1145 C CG  . GLU A 1 170 ? 4.953   -21.365 1.836   1.00 23.43 ? 170 GLU A CG  1 
ATOM   1146 C CD  . GLU A 1 170 ? 5.701   -22.720 1.996   1.00 28.99 ? 170 GLU A CD  1 
ATOM   1147 O OE1 . GLU A 1 170 ? 6.288   -23.175 0.991   1.00 22.79 ? 170 GLU A OE1 1 
ATOM   1148 O OE2 . GLU A 1 170 ? 5.600   -23.334 3.120   1.00 29.49 ? 170 GLU A OE2 1 
ATOM   1149 N N   . LEU A 1 171 ? 3.699   -19.299 -1.956  1.00 15.74 ? 171 LEU A N   1 
ATOM   1150 C CA  . LEU A 1 171 ? 3.670   -18.597 -3.265  1.00 16.19 ? 171 LEU A CA  1 
ATOM   1151 C C   . LEU A 1 171 ? 3.078   -17.179 -3.086  1.00 14.65 ? 171 LEU A C   1 
ATOM   1152 O O   . LEU A 1 171 ? 3.643   -16.150 -3.601  1.00 14.66 ? 171 LEU A O   1 
ATOM   1153 C CB  . LEU A 1 171 ? 2.879   -19.387 -4.310  1.00 16.99 ? 171 LEU A CB  1 
ATOM   1154 C CG  . LEU A 1 171 ? 2.691   -18.724 -5.686  1.00 16.96 ? 171 LEU A CG  1 
ATOM   1155 C CD1 . LEU A 1 171 ? 4.030   -18.288 -6.286  1.00 17.01 ? 171 LEU A CD1 1 
ATOM   1156 C CD2 . LEU A 1 171 ? 1.972   -19.703 -6.630  1.00 19.49 ? 171 LEU A CD2 1 
ATOM   1157 N N   . ALA A 1 172 ? 1.898   -17.131 -2.496  1.00 16.10 ? 172 ALA A N   1 
ATOM   1158 C CA  . ALA A 1 172 ? 1.246   -15.783 -2.235  1.00 16.54 ? 172 ALA A CA  1 
ATOM   1159 C C   . ALA A 1 172 ? 2.129   -14.855 -1.448  1.00 16.75 ? 172 ALA A C   1 
ATOM   1160 O O   . ALA A 1 172 ? 2.166   -13.604 -1.710  1.00 15.06 ? 172 ALA A O   1 
ATOM   1161 C CB  . ALA A 1 172 ? -0.104  -15.954 -1.498  1.00 15.78 ? 172 ALA A CB  1 
ATOM   1162 N N   . THR A 1 173 ? 2.861   -15.395 -0.460  1.00 15.66 ? 173 THR A N   1 
ATOM   1163 C CA  . THR A 1 173 ? 3.726   -14.522 0.345   1.00 15.01 ? 173 THR A CA  1 
ATOM   1164 C C   . THR A 1 173 ? 4.835   -13.875 -0.561  1.00 15.25 ? 173 THR A C   1 
ATOM   1165 O O   . THR A 1 173 ? 5.032   -12.674 -0.476  1.00 15.02 ? 173 THR A O   1 
ATOM   1166 C CB  . THR A 1 173 ? 4.406   -15.302 1.535   1.00 16.49 ? 173 THR A CB  1 
ATOM   1167 O OG1 . THR A 1 173 ? 3.345   -15.756 2.400   1.00 15.86 ? 173 THR A OG1 1 
ATOM   1168 C CG2 . THR A 1 173 ? 5.332   -14.367 2.386   1.00 17.41 ? 173 THR A CG2 1 
ATOM   1169 N N   . ALA A 1 174 ? 5.534   -14.678 -1.360  1.00 14.05 ? 174 ALA A N   1 
ATOM   1170 C CA  . ALA A 1 174 ? 6.661   -14.157 -2.153  1.00 13.37 ? 174 ALA A CA  1 
ATOM   1171 C C   . ALA A 1 174 ? 6.109   -13.160 -3.184  1.00 14.00 ? 174 ALA A C   1 
ATOM   1172 O O   . ALA A 1 174 ? 6.773   -12.172 -3.488  1.00 13.35 ? 174 ALA A O   1 
ATOM   1173 C CB  . ALA A 1 174 ? 7.391   -15.323 -2.927  1.00 12.81 ? 174 ALA A CB  1 
ATOM   1174 N N   . LEU A 1 175 ? 4.948   -13.453 -3.779  1.00 13.37 ? 175 LEU A N   1 
ATOM   1175 C CA  . LEU A 1 175 ? 4.431   -12.564 -4.856  1.00 14.10 ? 175 LEU A CA  1 
ATOM   1176 C C   . LEU A 1 175 ? 3.990   -11.227 -4.255  1.00 14.66 ? 175 LEU A C   1 
ATOM   1177 O O   . LEU A 1 175 ? 4.173   -10.196 -4.875  1.00 15.21 ? 175 LEU A O   1 
ATOM   1178 C CB  . LEU A 1 175 ? 3.209   -13.216 -5.566  1.00 13.92 ? 175 LEU A CB  1 
ATOM   1179 C CG  . LEU A 1 175 ? 3.611   -14.471 -6.435  1.00 13.78 ? 175 LEU A CG  1 
ATOM   1180 C CD1 . LEU A 1 175 ? 2.323   -15.073 -7.004  1.00 14.09 ? 175 LEU A CD1 1 
ATOM   1181 C CD2 . LEU A 1 175 ? 4.513   -14.073 -7.619  1.00 13.83 ? 175 LEU A CD2 1 
ATOM   1182 N N   . ASN A 1 176 ? 3.386   -11.236 -3.067  1.00 14.49 ? 176 ASN A N   1 
ATOM   1183 C CA  . ASN A 1 176 ? 2.990   -9.953  -2.462  1.00 14.50 ? 176 ASN A CA  1 
ATOM   1184 C C   . ASN A 1 176 ? 4.229   -9.203  -2.018  1.00 15.10 ? 176 ASN A C   1 
ATOM   1185 O O   . ASN A 1 176 ? 4.243   -8.009  -2.088  1.00 14.62 ? 176 ASN A O   1 
ATOM   1186 C CB  . ASN A 1 176 ? 2.054   -10.204 -1.227  1.00 14.73 ? 176 ASN A CB  1 
ATOM   1187 C CG  . ASN A 1 176 ? 0.605   -10.397 -1.645  1.00 19.32 ? 176 ASN A CG  1 
ATOM   1188 O OD1 . ASN A 1 176 ? -0.085  -9.402  -1.717  1.00 21.81 ? 176 ASN A OD1 1 
ATOM   1189 N ND2 . ASN A 1 176 ? 0.187   -11.603 -2.022  1.00 17.56 ? 176 ASN A ND2 1 
ATOM   1190 N N   . LEU A 1 177 ? 5.265   -9.896  -1.473  1.00 15.04 ? 177 LEU A N   1 
ATOM   1191 C CA  . LEU A 1 177 ? 6.533   -9.196  -1.133  1.00 14.73 ? 177 LEU A CA  1 
ATOM   1192 C C   . LEU A 1 177 ? 7.248   -8.649  -2.387  1.00 13.89 ? 177 LEU A C   1 
ATOM   1193 O O   . LEU A 1 177 ? 7.769   -7.502  -2.349  1.00 15.09 ? 177 LEU A O   1 
ATOM   1194 C CB  . LEU A 1 177 ? 7.523   -10.102 -0.330  1.00 14.27 ? 177 LEU A CB  1 
ATOM   1195 C CG  . LEU A 1 177 ? 7.015   -10.415 1.124   1.00 15.99 ? 177 LEU A CG  1 
ATOM   1196 C CD1 . LEU A 1 177 ? 7.955   -11.513 1.658   1.00 17.39 ? 177 LEU A CD1 1 
ATOM   1197 C CD2 . LEU A 1 177 ? 7.090   -9.186  1.994   1.00 16.12 ? 177 LEU A CD2 1 
ATOM   1198 N N   . MET A 1 178 ? 7.168   -9.376  -3.492  1.00 13.98 ? 178 MET A N   1 
ATOM   1199 C CA  . MET A 1 178 ? 7.699   -8.848  -4.733  1.00 15.41 ? 178 MET A CA  1 
ATOM   1200 C C   . MET A 1 178 ? 6.950   -7.521  -5.061  1.00 15.67 ? 178 MET A C   1 
ATOM   1201 O O   . MET A 1 178 ? 7.591   -6.498  -5.427  1.00 13.80 ? 178 MET A O   1 
ATOM   1202 C CB  . MET A 1 178 ? 7.451   -9.793  -5.913  1.00 14.49 ? 178 MET A CB  1 
ATOM   1203 C CG  . MET A 1 178 ? 7.925   -9.112  -7.253  1.00 14.44 ? 178 MET A CG  1 
ATOM   1204 S SD  . MET A 1 178 ? 7.767   -10.266 -8.622  1.00 18.35 ? 178 MET A SD  1 
ATOM   1205 C CE  . MET A 1 178 ? 5.978   -10.646 -8.617  1.00 17.22 ? 178 MET A CE  1 
ATOM   1206 N N   . ASN A 1 179 ? 5.630   -7.544  -4.981  1.00 14.68 ? 179 ASN A N   1 
ATOM   1207 C CA  . ASN A 1 179 ? 4.894   -6.312  -5.371  1.00 16.28 ? 179 ASN A CA  1 
ATOM   1208 C C   . ASN A 1 179 ? 5.200   -5.161  -4.451  1.00 16.32 ? 179 ASN A C   1 
ATOM   1209 O O   . ASN A 1 179 ? 5.358   -4.017  -4.905  1.00 16.82 ? 179 ASN A O   1 
ATOM   1210 C CB  . ASN A 1 179 ? 3.363   -6.550  -5.426  1.00 16.57 ? 179 ASN A CB  1 
ATOM   1211 C CG  . ASN A 1 179 ? 2.949   -7.396  -6.572  1.00 18.01 ? 179 ASN A CG  1 
ATOM   1212 O OD1 . ASN A 1 179 ? 3.773   -8.074  -7.248  1.00 16.43 ? 179 ASN A OD1 1 
ATOM   1213 N ND2 . ASN A 1 179 ? 1.631   -7.340  -6.876  1.00 17.07 ? 179 ASN A ND2 1 
ATOM   1214 N N   . GLU A 1 180 ? 5.246   -5.420  -3.147  1.00 14.19 ? 180 GLU A N   1 
ATOM   1215 C CA  . GLU A 1 180 ? 5.641   -4.376  -2.192  1.00 16.09 ? 180 GLU A CA  1 
ATOM   1216 C C   . GLU A 1 180 ? 6.949   -3.730  -2.639  1.00 17.77 ? 180 GLU A C   1 
ATOM   1217 O O   . GLU A 1 180 ? 7.048   -2.476  -2.798  1.00 16.97 ? 180 GLU A O   1 
ATOM   1218 C CB  . GLU A 1 180 ? 5.823   -4.978  -0.787  1.00 18.83 ? 180 GLU A CB  1 
ATOM   1219 C CG  . GLU A 1 180 ? 6.260   -3.942  0.248   1.00 19.50 ? 180 GLU A CG  1 
ATOM   1220 C CD  . GLU A 1 180 ? 6.712   -4.581  1.557   1.00 23.31 ? 180 GLU A CD  1 
ATOM   1221 O OE1 . GLU A 1 180 ? 5.959   -5.375  2.121   1.00 21.07 ? 180 GLU A OE1 1 
ATOM   1222 O OE2 . GLU A 1 180 ? 7.818   -4.242  2.035   1.00 27.76 ? 180 GLU A OE2 1 
ATOM   1223 N N   . ARG A 1 181 ? 7.994   -4.559  -2.824  1.00 14.73 ? 181 ARG A N   1 
ATOM   1224 C CA  . ARG A 1 181 ? 9.306   -3.959  -3.063  1.00 15.38 ? 181 ARG A CA  1 
ATOM   1225 C C   . ARG A 1 181 ? 9.351   -3.281  -4.428  1.00 15.68 ? 181 ARG A C   1 
ATOM   1226 O O   . ARG A 1 181 ? 10.012  -2.216  -4.579  1.00 16.72 ? 181 ARG A O   1 
ATOM   1227 C CB  . ARG A 1 181 ? 10.349  -5.115  -3.010  1.00 16.04 ? 181 ARG A CB  1 
ATOM   1228 C CG  . ARG A 1 181 ? 11.811  -4.620  -3.112  1.00 16.98 ? 181 ARG A CG  1 
ATOM   1229 C CD  . ARG A 1 181 ? 12.143  -3.721  -1.919  1.00 20.24 ? 181 ARG A CD  1 
ATOM   1230 N NE  . ARG A 1 181 ? 13.500  -3.315  -2.146  1.00 25.04 ? 181 ARG A NE  1 
ATOM   1231 C CZ  . ARG A 1 181 ? 13.859  -2.140  -2.655  1.00 31.66 ? 181 ARG A CZ  1 
ATOM   1232 N NH1 . ARG A 1 181 ? 12.967  -1.231  -2.946  1.00 32.35 ? 181 ARG A NH1 1 
ATOM   1233 N NH2 . ARG A 1 181 ? 15.147  -1.904  -2.846  1.00 39.30 ? 181 ARG A NH2 1 
ATOM   1234 N N   . THR A 1 182 ? 8.739   -3.911  -5.435  1.00 14.34 ? 182 THR A N   1 
ATOM   1235 C CA  . THR A 1 182 ? 8.938   -3.463  -6.836  1.00 15.53 ? 182 THR A CA  1 
ATOM   1236 C C   . THR A 1 182 ? 8.069   -2.220  -7.042  1.00 17.17 ? 182 THR A C   1 
ATOM   1237 O O   . THR A 1 182 ? 8.502   -1.280  -7.641  1.00 16.32 ? 182 THR A O   1 
ATOM   1238 C CB  . THR A 1 182 ? 8.535   -4.626  -7.817  1.00 17.01 ? 182 THR A CB  1 
ATOM   1239 O OG1 . THR A 1 182 ? 9.374   -5.808  -7.507  1.00 17.91 ? 182 THR A OG1 1 
ATOM   1240 C CG2 . THR A 1 182 ? 8.726   -4.194  -9.276  1.00 16.39 ? 182 THR A CG2 1 
ATOM   1241 N N   . LEU A 1 183 ? 6.798   -2.240  -6.584  1.00 15.97 ? 183 LEU A N   1 
ATOM   1242 C CA  . LEU A 1 183 ? 5.996   -1.009  -6.712  1.00 17.22 ? 183 LEU A CA  1 
ATOM   1243 C C   . LEU A 1 183 ? 6.666   0.140   -6.034  1.00 18.17 ? 183 LEU A C   1 
ATOM   1244 O O   . LEU A 1 183 ? 6.772   1.266   -6.636  1.00 18.21 ? 183 LEU A O   1 
ATOM   1245 C CB  . LEU A 1 183 ? 4.562   -1.164  -6.121  1.00 17.36 ? 183 LEU A CB  1 
ATOM   1246 C CG  . LEU A 1 183 ? 3.689   -2.086  -6.975  1.00 16.89 ? 183 LEU A CG  1 
ATOM   1247 C CD1 . LEU A 1 183 ? 2.414   -2.293  -6.130  1.00 19.18 ? 183 LEU A CD1 1 
ATOM   1248 C CD2 . LEU A 1 183 ? 3.330   -1.517  -8.370  1.00 20.12 ? 183 LEU A CD2 1 
ATOM   1249 N N   . PHE A 1 184 ? 7.132   -0.092  -4.793  1.00 16.65 ? 184 PHE A N   1 
ATOM   1250 C CA  . PHE A 1 184 ? 7.640   1.041   -4.028  1.00 21.18 ? 184 PHE A CA  1 
ATOM   1251 C C   . PHE A 1 184 ? 9.016   1.572   -4.591  1.00 20.87 ? 184 PHE A C   1 
ATOM   1252 O O   . PHE A 1 184 ? 9.245   2.799   -4.666  1.00 20.56 ? 184 PHE A O   1 
ATOM   1253 C CB  . PHE A 1 184 ? 7.668   0.703   -2.506  1.00 22.42 ? 184 PHE A CB  1 
ATOM   1254 C CG  . PHE A 1 184 ? 6.245   0.450   -1.904  1.00 29.97 ? 184 PHE A CG  1 
ATOM   1255 C CD1 . PHE A 1 184 ? 5.071   0.625   -2.676  1.00 29.38 ? 184 PHE A CD1 1 
ATOM   1256 C CD2 . PHE A 1 184 ? 6.086   -0.053  -0.604  1.00 30.17 ? 184 PHE A CD2 1 
ATOM   1257 C CE1 . PHE A 1 184 ? 3.781   0.338   -2.183  1.00 33.87 ? 184 PHE A CE1 1 
ATOM   1258 C CE2 . PHE A 1 184 ? 4.795   -0.296  -0.099  1.00 26.65 ? 184 PHE A CE2 1 
ATOM   1259 C CZ  . PHE A 1 184 ? 3.657   -0.140  -0.875  1.00 30.54 ? 184 PHE A CZ  1 
ATOM   1260 N N   . ALA A 1 185 ? 9.853   0.694   -5.124  1.00 19.22 ? 185 ALA A N   1 
ATOM   1261 C CA  . ALA A 1 185 ? 11.044  1.155   -5.892  1.00 19.74 ? 185 ALA A CA  1 
ATOM   1262 C C   . ALA A 1 185 ? 10.655  1.967   -7.137  1.00 19.61 ? 185 ALA A C   1 
ATOM   1263 O O   . ALA A 1 185 ? 11.307  2.957   -7.437  1.00 20.25 ? 185 ALA A O   1 
ATOM   1264 C CB  . ALA A 1 185 ? 11.837  -0.057  -6.402  1.00 18.97 ? 185 ALA A CB  1 
ATOM   1265 N N   . SER A 1 186 ? 9.598   1.555   -7.836  1.00 18.05 ? 186 SER A N   1 
ATOM   1266 C CA  . SER A 1 186 ? 9.189   2.236   -9.075  1.00 16.90 ? 186 SER A CA  1 
ATOM   1267 C C   . SER A 1 186 ? 8.704   3.629   -8.673  1.00 18.35 ? 186 SER A C   1 
ATOM   1268 O O   . SER A 1 186 ? 9.044   4.636   -9.383  1.00 20.75 ? 186 SER A O   1 
ATOM   1269 C CB  . SER A 1 186 ? 8.048   1.465   -9.855  1.00 18.21 ? 186 SER A CB  1 
ATOM   1270 O OG  . SER A 1 186 ? 8.642   0.286   -10.367 1.00 25.88 ? 186 SER A OG  1 
ATOM   1271 N N   . PHE A 1 187 ? 7.856   3.699   -7.645  1.00 18.01 ? 187 PHE A N   1 
ATOM   1272 C CA  . PHE A 1 187 ? 7.282   5.020   -7.239  1.00 20.30 ? 187 PHE A CA  1 
ATOM   1273 C C   . PHE A 1 187 ? 8.379   5.947   -6.766  1.00 25.29 ? 187 PHE A C   1 
ATOM   1274 O O   . PHE A 1 187 ? 8.264   7.167   -6.967  1.00 27.23 ? 187 PHE A O   1 
ATOM   1275 C CB  . PHE A 1 187 ? 6.300   4.816   -6.090  1.00 21.03 ? 187 PHE A CB  1 
ATOM   1276 C CG  . PHE A 1 187 ? 5.088   4.018   -6.484  1.00 21.22 ? 187 PHE A CG  1 
ATOM   1277 C CD1 . PHE A 1 187 ? 4.688   3.922   -7.815  1.00 23.72 ? 187 PHE A CD1 1 
ATOM   1278 C CD2 . PHE A 1 187 ? 4.292   3.446   -5.490  1.00 25.26 ? 187 PHE A CD2 1 
ATOM   1279 C CE1 . PHE A 1 187 ? 3.520   3.197   -8.144  1.00 24.55 ? 187 PHE A CE1 1 
ATOM   1280 C CE2 . PHE A 1 187 ? 3.130   2.760   -5.801  1.00 24.22 ? 187 PHE A CE2 1 
ATOM   1281 C CZ  . PHE A 1 187 ? 2.768   2.606   -7.139  1.00 23.16 ? 187 PHE A CZ  1 
ATOM   1282 N N   . ALA A 1 188 ? 9.397   5.423   -6.104  1.00 24.01 ? 188 ALA A N   1 
ATOM   1283 C CA  . ALA A 1 188 ? 10.477  6.307   -5.576  1.00 26.05 ? 188 ALA A CA  1 
ATOM   1284 C C   . ALA A 1 188 ? 11.522  6.620   -6.619  1.00 28.37 ? 188 ALA A C   1 
ATOM   1285 O O   . ALA A 1 188 ? 12.426  7.412   -6.365  1.00 34.82 ? 188 ALA A O   1 
ATOM   1286 C CB  . ALA A 1 188 ? 11.085  5.698   -4.311  1.00 28.78 ? 188 ALA A CB  1 
ATOM   1287 N N   . GLY A 1 189 ? 11.437  5.998   -7.776  1.00 27.10 ? 189 GLY A N   1 
ATOM   1288 C CA  . GLY A 1 189 ? 12.427  6.164   -8.845  1.00 28.76 ? 189 GLY A CA  1 
ATOM   1289 C C   . GLY A 1 189 ? 13.794  5.651   -8.388  1.00 31.85 ? 189 GLY A C   1 
ATOM   1290 O O   . GLY A 1 189 ? 14.847  6.213   -8.790  1.00 29.17 ? 189 GLY A O   1 
ATOM   1291 N N   . GLU A 1 190 ? 13.803  4.603   -7.549  1.00 24.89 ? 190 GLU A N   1 
ATOM   1292 C CA  . GLU A 1 190 ? 15.081  3.999   -7.082  1.00 24.93 ? 190 GLU A CA  1 
ATOM   1293 C C   . GLU A 1 190 ? 15.930  3.465   -8.227  1.00 24.91 ? 190 GLU A C   1 
ATOM   1294 O O   . GLU A 1 190 ? 15.454  3.141   -9.295  1.00 23.72 ? 190 GLU A O   1 
ATOM   1295 C CB  . GLU A 1 190 ? 14.833  2.819   -6.131  1.00 24.07 ? 190 GLU A CB  1 
ATOM   1296 C CG  . GLU A 1 190 ? 14.196  3.219   -4.835  1.00 28.21 ? 190 GLU A CG  1 
ATOM   1297 C CD  . GLU A 1 190 ? 14.169  2.078   -3.831  1.00 33.49 ? 190 GLU A CD  1 
ATOM   1298 O OE1 . GLU A 1 190 ? 14.744  1.004   -4.100  1.00 33.52 ? 190 GLU A OE1 1 
ATOM   1299 O OE2 . GLU A 1 190 ? 13.612  2.304   -2.744  1.00 42.60 ? 190 GLU A OE2 1 
ATOM   1300 N N   . GLN A 1 191 ? 17.240  3.321   -7.991  1.00 24.13 ? 191 GLN A N   1 
ATOM   1301 C CA  . GLN A 1 191 ? 18.117  2.734   -8.969  1.00 27.29 ? 191 GLN A CA  1 
ATOM   1302 C C   . GLN A 1 191 ? 18.642  1.460   -8.290  1.00 28.46 ? 191 GLN A C   1 
ATOM   1303 O O   . GLN A 1 191 ? 19.355  1.527   -7.244  1.00 29.60 ? 191 GLN A O   1 
ATOM   1304 C CB  . GLN A 1 191 ? 19.242  3.743   -9.269  1.00 32.51 ? 191 GLN A CB  1 
ATOM   1305 C CG  . GLN A 1 191 ? 20.243  3.286   -10.286 1.00 43.75 ? 191 GLN A CG  1 
ATOM   1306 C CD  . GLN A 1 191 ? 19.699  3.534   -11.673 1.00 54.22 ? 191 GLN A CD  1 
ATOM   1307 O OE1 . GLN A 1 191 ? 18.848  2.785   -12.153 1.00 56.71 ? 191 GLN A OE1 1 
ATOM   1308 N NE2 . GLN A 1 191 ? 20.147  4.619   -12.308 1.00 51.53 ? 191 GLN A NE2 1 
ATOM   1309 N N   . PRO A 1 192 ? 18.256  0.262   -8.795  1.00 25.90 ? 192 PRO A N   1 
ATOM   1310 C CA  . PRO A 1 192 ? 17.412  -0.067  -9.939  1.00 23.49 ? 192 PRO A CA  1 
ATOM   1311 C C   . PRO A 1 192 ? 15.874  -0.049  -9.637  1.00 20.97 ? 192 PRO A C   1 
ATOM   1312 O O   . PRO A 1 192 ? 15.430  -0.291  -8.481  1.00 22.21 ? 192 PRO A O   1 
ATOM   1313 C CB  . PRO A 1 192 ? 17.845  -1.535  -10.228 1.00 24.57 ? 192 PRO A CB  1 
ATOM   1314 C CG  . PRO A 1 192 ? 17.926  -2.091  -8.830  1.00 27.68 ? 192 PRO A CG  1 
ATOM   1315 C CD  . PRO A 1 192 ? 18.622  -0.965  -8.025  1.00 26.28 ? 192 PRO A CD  1 
ATOM   1316 N N   . SER A 1 193 ? 15.062  0.126   -10.701 1.00 20.19 ? 193 SER A N   1 
ATOM   1317 C CA  . SER A 1 193 ? 13.614  -0.011  -10.537 1.00 17.49 ? 193 SER A CA  1 
ATOM   1318 C C   . SER A 1 193 ? 13.033  -0.232  -11.906 1.00 19.63 ? 193 SER A C   1 
ATOM   1319 O O   . SER A 1 193 ? 13.694  0.084   -12.901 1.00 22.32 ? 193 SER A O   1 
ATOM   1320 C CB  . SER A 1 193 ? 12.936  1.196   -9.851  1.00 21.63 ? 193 SER A CB  1 
ATOM   1321 O OG  . SER A 1 193 ? 13.259  2.379   -10.605 1.00 21.50 ? 193 SER A OG  1 
ATOM   1322 N N   . VAL A 1 194 ? 11.853  -0.813  -11.971 1.00 17.55 ? 194 VAL A N   1 
ATOM   1323 C CA  . VAL A 1 194 ? 11.132  -1.002  -13.240 1.00 17.17 ? 194 VAL A CA  1 
ATOM   1324 C C   . VAL A 1 194 ? 10.462  0.374   -13.427 1.00 18.83 ? 194 VAL A C   1 
ATOM   1325 O O   . VAL A 1 194 ? 9.903   0.913   -12.463 1.00 18.56 ? 194 VAL A O   1 
ATOM   1326 C CB  . VAL A 1 194 ? 10.019  -2.049  -13.023 1.00 16.45 ? 194 VAL A CB  1 
ATOM   1327 C CG1 . VAL A 1 194 ? 9.218   -2.215  -14.303 1.00 16.75 ? 194 VAL A CG1 1 
ATOM   1328 C CG2 . VAL A 1 194 ? 10.633  -3.456  -12.746 1.00 19.37 ? 194 VAL A CG2 1 
ATOM   1329 N N   . PRO A 1 195 ? 10.445  0.933   -14.642 1.00 19.49 ? 195 PRO A N   1 
ATOM   1330 C CA  . PRO A 1 195 ? 9.751   2.220   -14.826 1.00 19.85 ? 195 PRO A CA  1 
ATOM   1331 C C   . PRO A 1 195 ? 8.278   2.099   -14.450 1.00 18.73 ? 195 PRO A C   1 
ATOM   1332 O O   . PRO A 1 195 ? 7.644   1.079   -14.710 1.00 17.36 ? 195 PRO A O   1 
ATOM   1333 C CB  . PRO A 1 195 ? 9.805   2.459   -16.368 1.00 22.93 ? 195 PRO A CB  1 
ATOM   1334 C CG  . PRO A 1 195 ? 10.931  1.603   -16.819 1.00 27.13 ? 195 PRO A CG  1 
ATOM   1335 C CD  . PRO A 1 195 ? 11.101  0.435   -15.889 1.00 22.92 ? 195 PRO A CD  1 
ATOM   1336 N N   . GLU A 1 196 ? 7.722   3.156   -13.883 1.00 17.57 ? 196 GLU A N   1 
ATOM   1337 C CA  . GLU A 1 196 ? 6.371   3.065   -13.403 1.00 19.00 ? 196 GLU A CA  1 
ATOM   1338 C C   . GLU A 1 196 ? 5.377   2.704   -14.498 1.00 16.80 ? 196 GLU A C   1 
ATOM   1339 O O   . GLU A 1 196 ? 4.379   1.980   -14.260 1.00 18.55 ? 196 GLU A O   1 
ATOM   1340 C CB  . GLU A 1 196 ? 6.049   4.407   -12.698 1.00 25.24 ? 196 GLU A CB  1 
ATOM   1341 C CG  . GLU A 1 196 ? 4.605   4.509   -12.232 1.00 30.29 ? 196 GLU A CG  1 
ATOM   1342 C CD  . GLU A 1 196 ? 4.375   5.795   -11.413 1.00 35.22 ? 196 GLU A CD  1 
ATOM   1343 O OE1 . GLU A 1 196 ? 5.362   6.462   -11.053 1.00 41.68 ? 196 GLU A OE1 1 
ATOM   1344 O OE2 . GLU A 1 196 ? 3.217   6.098   -11.099 1.00 48.39 ? 196 GLU A OE2 1 
ATOM   1345 N N   . ALA A 1 197 ? 5.620   3.163   -15.763 1.00 19.18 ? 197 ALA A N   1 
ATOM   1346 C CA  . ALA A 1 197 ? 4.724   2.798   -16.906 1.00 19.46 ? 197 ALA A CA  1 
ATOM   1347 C C   . ALA A 1 197 ? 4.821   1.329   -17.323 1.00 19.01 ? 197 ALA A C   1 
ATOM   1348 O O   . ALA A 1 197 ? 4.092   0.894   -18.202 1.00 22.54 ? 197 ALA A O   1 
ATOM   1349 C CB  . ALA A 1 197 ? 5.022   3.689   -18.137 1.00 21.29 ? 197 ALA A CB  1 
ATOM   1350 N N   . ARG A 1 198 ? 5.775   0.568   -16.751 1.00 16.54 ? 198 ARG A N   1 
ATOM   1351 C CA  . ARG A 1 198 ? 6.004   -0.858  -17.133 1.00 16.00 ? 198 ARG A CA  1 
ATOM   1352 C C   . ARG A 1 198 ? 5.807   -1.796  -15.950 1.00 15.54 ? 198 ARG A C   1 
ATOM   1353 O O   . ARG A 1 198 ? 5.753   -3.017  -16.143 1.00 16.23 ? 198 ARG A O   1 
ATOM   1354 C CB  . ARG A 1 198 ? 7.441   -1.102  -17.604 1.00 18.13 ? 198 ARG A CB  1 
ATOM   1355 C CG  . ARG A 1 198 ? 7.702   -0.358  -18.932 1.00 19.14 ? 198 ARG A CG  1 
ATOM   1356 C CD  . ARG A 1 198 ? 6.920   -1.017  -20.110 1.00 21.71 ? 198 ARG A CD  1 
ATOM   1357 N NE  . ARG A 1 198 ? 7.111   -2.494  -20.049 1.00 27.56 ? 198 ARG A NE  1 
ATOM   1358 C CZ  . ARG A 1 198 ? 6.177   -3.361  -20.435 1.00 29.02 ? 198 ARG A CZ  1 
ATOM   1359 N NH1 . ARG A 1 198 ? 5.051   -2.890  -20.972 1.00 30.14 ? 198 ARG A NH1 1 
ATOM   1360 N NH2 . ARG A 1 198 ? 6.328   -4.686  -20.308 1.00 26.33 ? 198 ARG A NH2 1 
ATOM   1361 N N   . VAL A 1 199 ? 5.561   -1.230  -14.791 1.00 15.35 ? 199 VAL A N   1 
ATOM   1362 C CA  . VAL A 1 199 ? 5.643   -2.130  -13.589 1.00 16.94 ? 199 VAL A CA  1 
ATOM   1363 C C   . VAL A 1 199 ? 4.390   -2.999  -13.502 1.00 17.16 ? 199 VAL A C   1 
ATOM   1364 O O   . VAL A 1 199 ? 4.459   -4.161  -13.117 1.00 15.50 ? 199 VAL A O   1 
ATOM   1365 C CB  . VAL A 1 199 ? 6.007   -1.315  -12.292 1.00 18.40 ? 199 VAL A CB  1 
ATOM   1366 C CG1 . VAL A 1 199 ? 4.865   -0.447  -11.868 1.00 18.60 ? 199 VAL A CG1 1 
ATOM   1367 C CG2 . VAL A 1 199 ? 6.431   -2.299  -11.139 1.00 18.57 ? 199 VAL A CG2 1 
ATOM   1368 N N   . LEU A 1 200 ? 3.214   -2.426  -13.854 1.00 17.07 ? 200 LEU A N   1 
ATOM   1369 C CA  . LEU A 1 200 ? 2.007   -3.279  -13.740 1.00 18.38 ? 200 LEU A CA  1 
ATOM   1370 C C   . LEU A 1 200 ? 2.114   -4.524  -14.610 1.00 18.24 ? 200 LEU A C   1 
ATOM   1371 O O   . LEU A 1 200 ? 1.907   -5.647  -14.118 1.00 19.76 ? 200 LEU A O   1 
ATOM   1372 C CB  . LEU A 1 200 ? 0.731   -2.422  -14.040 1.00 18.04 ? 200 LEU A CB  1 
ATOM   1373 C CG  . LEU A 1 200 ? -0.580  -3.151  -13.825 1.00 19.23 ? 200 LEU A CG  1 
ATOM   1374 C CD1 . LEU A 1 200 ? -0.687  -3.640  -12.386 1.00 20.27 ? 200 LEU A CD1 1 
ATOM   1375 C CD2 . LEU A 1 200 ? -1.698  -2.128  -14.192 1.00 21.60 ? 200 LEU A CD2 1 
ATOM   1376 N N   . ASP A 1 201 ? 2.456   -4.378  -15.909 1.00 17.66 ? 201 ASP A N   1 
ATOM   1377 C CA  . ASP A 1 201 ? 2.614   -5.499  -16.831 1.00 19.60 ? 201 ASP A CA  1 
ATOM   1378 C C   . ASP A 1 201 ? 3.697   -6.492  -16.361 1.00 17.30 ? 201 ASP A C   1 
ATOM   1379 O O   . ASP A 1 201 ? 3.574   -7.681  -16.544 1.00 16.98 ? 201 ASP A O   1 
ATOM   1380 C CB  . ASP A 1 201 ? 3.126   -5.021  -18.203 1.00 23.70 ? 201 ASP A CB  1 
ATOM   1381 C CG  . ASP A 1 201 ? 1.998   -4.506  -19.189 1.00 35.48 ? 201 ASP A CG  1 
ATOM   1382 O OD1 . ASP A 1 201 ? 0.785   -4.582  -18.909 1.00 30.58 ? 201 ASP A OD1 1 
ATOM   1383 O OD2 . ASP A 1 201 ? 2.377   -4.050  -20.315 1.00 41.48 ? 201 ASP A OD2 1 
ATOM   1384 N N   . THR A 1 202 ? 4.751   -5.957  -15.776 1.00 16.79 ? 202 THR A N   1 
ATOM   1385 C CA  . THR A 1 202 ? 5.891   -6.832  -15.323 1.00 15.05 ? 202 THR A CA  1 
ATOM   1386 C C   . THR A 1 202 ? 5.379   -7.768  -14.217 1.00 13.51 ? 202 THR A C   1 
ATOM   1387 O O   . THR A 1 202 ? 5.561   -8.992  -14.228 1.00 15.46 ? 202 THR A O   1 
ATOM   1388 C CB  . THR A 1 202 ? 6.996   -5.915  -14.773 1.00 15.22 ? 202 THR A CB  1 
ATOM   1389 O OG1 . THR A 1 202 ? 7.473   -5.100  -15.917 1.00 16.87 ? 202 THR A OG1 1 
ATOM   1390 C CG2 . THR A 1 202 ? 8.215   -6.805  -14.283 1.00 17.29 ? 202 THR A CG2 1 
ATOM   1391 N N   . LEU A 1 203 ? 4.714   -7.177  -13.239 1.00 13.85 ? 203 LEU A N   1 
ATOM   1392 C CA  . LEU A 1 203 ? 4.150   -7.916  -12.097 1.00 14.62 ? 203 LEU A CA  1 
ATOM   1393 C C   . LEU A 1 203 ? 3.062   -8.883  -12.512 1.00 15.96 ? 203 LEU A C   1 
ATOM   1394 O O   . LEU A 1 203 ? 3.059   -10.064 -12.074 1.00 15.01 ? 203 LEU A O   1 
ATOM   1395 C CB  . LEU A 1 203 ? 3.652   -6.954  -11.011 1.00 14.60 ? 203 LEU A CB  1 
ATOM   1396 C CG  . LEU A 1 203 ? 4.740   -6.031  -10.437 1.00 16.22 ? 203 LEU A CG  1 
ATOM   1397 C CD1 . LEU A 1 203 ? 4.081   -5.085  -9.437  1.00 15.23 ? 203 LEU A CD1 1 
ATOM   1398 C CD2 . LEU A 1 203 ? 5.851   -6.847  -9.706  1.00 14.65 ? 203 LEU A CD2 1 
ATOM   1399 N N   . VAL A 1 204 ? 2.188   -8.448  -13.412 1.00 16.16 ? 204 VAL A N   1 
ATOM   1400 C CA  . VAL A 1 204 ? 1.079   -9.357  -13.817 1.00 15.37 ? 204 VAL A CA  1 
ATOM   1401 C C   . VAL A 1 204 ? 1.691   -10.585 -14.512 1.00 17.09 ? 204 VAL A C   1 
ATOM   1402 O O   . VAL A 1 204 ? 1.301   -11.730 -14.273 1.00 17.51 ? 204 VAL A O   1 
ATOM   1403 C CB  . VAL A 1 204 ? 0.074   -8.655  -14.750 1.00 17.42 ? 204 VAL A CB  1 
ATOM   1404 C CG1 . VAL A 1 204 ? -0.856  -9.717  -15.408 1.00 16.81 ? 204 VAL A CG1 1 
ATOM   1405 C CG2 . VAL A 1 204 ? -0.740  -7.566  -13.990 1.00 17.21 ? 204 VAL A CG2 1 
ATOM   1406 N N   . HIS A 1 205 ? 2.730   -10.369 -15.322 1.00 14.96 ? 205 HIS A N   1 
ATOM   1407 C CA  . HIS A 1 205 ? 3.366   -11.511 -16.019 1.00 16.28 ? 205 HIS A CA  1 
ATOM   1408 C C   . HIS A 1 205 ? 3.909   -12.534 -15.023 1.00 16.00 ? 205 HIS A C   1 
ATOM   1409 O O   . HIS A 1 205 ? 3.675   -13.750 -15.178 1.00 16.79 ? 205 HIS A O   1 
ATOM   1410 C CB  . HIS A 1 205 ? 4.513   -11.053 -16.907 1.00 15.95 ? 205 HIS A CB  1 
ATOM   1411 C CG  . HIS A 1 205 ? 5.360   -12.204 -17.458 1.00 18.90 ? 205 HIS A CG  1 
ATOM   1412 N ND1 . HIS A 1 205 ? 5.001   -12.927 -18.604 1.00 18.66 ? 205 HIS A ND1 1 
ATOM   1413 C CD2 . HIS A 1 205 ? 6.510   -12.784 -16.970 1.00 18.09 ? 205 HIS A CD2 1 
ATOM   1414 C CE1 . HIS A 1 205 ? 5.932   -13.876 -18.849 1.00 22.81 ? 205 HIS A CE1 1 
ATOM   1415 N NE2 . HIS A 1 205 ? 6.844   -13.845 -17.829 1.00 19.88 ? 205 HIS A NE2 1 
ATOM   1416 N N   . ILE A 1 206 ? 4.637   -12.046 -14.016 1.00 15.92 ? 206 ILE A N   1 
ATOM   1417 C CA  . ILE A 1 206 ? 5.258   -12.974 -13.050 1.00 16.09 ? 206 ILE A CA  1 
ATOM   1418 C C   . ILE A 1 206 ? 4.165   -13.680 -12.233 1.00 16.19 ? 206 ILE A C   1 
ATOM   1419 O O   . ILE A 1 206 ? 4.319   -14.884 -11.945 1.00 16.32 ? 206 ILE A O   1 
ATOM   1420 C CB  . ILE A 1 206 ? 6.229   -12.199 -12.133 1.00 16.70 ? 206 ILE A CB  1 
ATOM   1421 C CG1 . ILE A 1 206 ? 7.369   -11.759 -13.072 1.00 16.13 ? 206 ILE A CG1 1 
ATOM   1422 C CG2 . ILE A 1 206 ? 6.851   -13.105 -11.025 1.00 14.70 ? 206 ILE A CG2 1 
ATOM   1423 C CD1 . ILE A 1 206 ? 8.219   -10.644 -12.443 1.00 16.77 ? 206 ILE A CD1 1 
ATOM   1424 N N   . TRP A 1 207 ? 3.097   -12.963 -11.843 1.00 15.77 ? 207 TRP A N   1 
ATOM   1425 C CA  . TRP A 1 207 ? 1.967   -13.599 -11.081 1.00 15.69 ? 207 TRP A CA  1 
ATOM   1426 C C   . TRP A 1 207 ? 1.301   -14.676 -11.911 1.00 19.30 ? 207 TRP A C   1 
ATOM   1427 O O   . TRP A 1 207 ? 1.148   -15.826 -11.470 1.00 16.69 ? 207 TRP A O   1 
ATOM   1428 C CB  . TRP A 1 207 ? 0.897   -12.577 -10.679 1.00 15.48 ? 207 TRP A CB  1 
ATOM   1429 C CG  . TRP A 1 207 ? 1.300   -11.779 -9.454  1.00 14.80 ? 207 TRP A CG  1 
ATOM   1430 C CD1 . TRP A 1 207 ? 2.440   -10.991 -9.248  1.00 15.20 ? 207 TRP A CD1 1 
ATOM   1431 C CD2 . TRP A 1 207 ? 0.516   -11.653 -8.250  1.00 15.90 ? 207 TRP A CD2 1 
ATOM   1432 N NE1 . TRP A 1 207 ? 2.417   -10.431 -8.006  1.00 16.71 ? 207 TRP A NE1 1 
ATOM   1433 C CE2 . TRP A 1 207 ? 1.259   -10.784 -7.357  1.00 16.73 ? 207 TRP A CE2 1 
ATOM   1434 C CE3 . TRP A 1 207 ? -0.718  -12.223 -7.809  1.00 16.71 ? 207 TRP A CE3 1 
ATOM   1435 C CZ2 . TRP A 1 207 ? 0.789   -10.465 -6.047  1.00 18.39 ? 207 TRP A CZ2 1 
ATOM   1436 C CZ3 . TRP A 1 207 ? -1.198  -11.837 -6.533  1.00 16.08 ? 207 TRP A CZ3 1 
ATOM   1437 C CH2 . TRP A 1 207 ? -0.453  -11.028 -5.674  1.00 17.59 ? 207 TRP A CH2 1 
ATOM   1438 N N   . VAL A 1 208 ? 0.972   -14.355 -13.164 1.00 18.62 ? 208 VAL A N   1 
ATOM   1439 C CA  . VAL A 1 208 ? 0.249   -15.341 -13.972 1.00 18.65 ? 208 VAL A CA  1 
ATOM   1440 C C   . VAL A 1 208 ? 1.080   -16.571 -14.347 1.00 17.81 ? 208 VAL A C   1 
ATOM   1441 O O   . VAL A 1 208 ? 0.627   -17.737 -14.236 1.00 18.86 ? 208 VAL A O   1 
ATOM   1442 C CB  . VAL A 1 208 ? -0.381  -14.653 -15.214 1.00 21.21 ? 208 VAL A CB  1 
ATOM   1443 C CG1 . VAL A 1 208 ? -1.022  -15.694 -16.118 1.00 31.07 ? 208 VAL A CG1 1 
ATOM   1444 C CG2 . VAL A 1 208 ? -1.442  -13.614 -14.683 1.00 22.24 ? 208 VAL A CG2 1 
ATOM   1445 N N   . THR A 1 209 ? 2.332   -16.347 -14.726 1.00 17.20 ? 209 THR A N   1 
ATOM   1446 C CA  . THR A 1 209 ? 3.154   -17.502 -15.039 1.00 18.86 ? 209 THR A CA  1 
ATOM   1447 C C   . THR A 1 209 ? 3.440   -18.336 -13.800 1.00 19.16 ? 209 THR A C   1 
ATOM   1448 O O   . THR A 1 209 ? 3.451   -19.585 -13.908 1.00 19.00 ? 209 THR A O   1 
ATOM   1449 C CB  . THR A 1 209 ? 4.488   -17.108 -15.709 1.00 18.57 ? 209 THR A CB  1 
ATOM   1450 O OG1 . THR A 1 209 ? 5.204   -16.179 -14.874 1.00 19.27 ? 209 THR A OG1 1 
ATOM   1451 C CG2 . THR A 1 209 ? 4.237   -16.520 -17.114 1.00 20.08 ? 209 THR A CG2 1 
ATOM   1452 N N   . SER A 1 210 ? 3.622   -17.707 -12.617 1.00 17.40 ? 210 SER A N   1 
ATOM   1453 C CA  . SER A 1 210 ? 3.973   -18.518 -11.464 1.00 16.53 ? 210 SER A CA  1 
ATOM   1454 C C   . SER A 1 210 ? 2.733   -19.209 -10.871 1.00 18.68 ? 210 SER A C   1 
ATOM   1455 O O   . SER A 1 210 ? 2.828   -20.327 -10.259 1.00 18.03 ? 210 SER A O   1 
ATOM   1456 C CB  . SER A 1 210 ? 4.721   -17.693 -10.420 1.00 17.64 ? 210 SER A CB  1 
ATOM   1457 O OG  . SER A 1 210 ? 3.879   -16.793 -9.775  1.00 19.11 ? 210 SER A OG  1 
ATOM   1458 N N   . ILE A 1 211 ? 1.547   -18.625 -11.089 1.00 16.07 ? 211 ILE A N   1 
ATOM   1459 C CA  . ILE A 1 211 ? 0.317   -19.233 -10.511 1.00 16.85 ? 211 ILE A CA  1 
ATOM   1460 C C   . ILE A 1 211 ? -0.156  -20.382 -11.463 1.00 20.75 ? 211 ILE A C   1 
ATOM   1461 O O   . ILE A 1 211 ? -0.581  -21.428 -10.968 1.00 18.67 ? 211 ILE A O   1 
ATOM   1462 C CB  . ILE A 1 211 ? -0.786  -18.179 -10.272 1.00 17.83 ? 211 ILE A CB  1 
ATOM   1463 C CG1 . ILE A 1 211 ? -0.326  -17.322 -9.072  1.00 14.27 ? 211 ILE A CG1 1 
ATOM   1464 C CG2 . ILE A 1 211 ? -2.171  -18.831 -9.961  1.00 17.38 ? 211 ILE A CG2 1 
ATOM   1465 C CD1 . ILE A 1 211 ? -1.149  -16.060 -8.932  1.00 18.48 ? 211 ILE A CD1 1 
ATOM   1466 N N   . TYR A 1 212 ? -0.054  -20.180 -12.765 1.00 20.02 ? 212 TYR A N   1 
ATOM   1467 C CA  . TYR A 1 212 ? -0.694  -21.117 -13.718 1.00 23.52 ? 212 TYR A CA  1 
ATOM   1468 C C   . TYR A 1 212 ? 0.318   -22.039 -14.370 1.00 25.95 ? 212 TYR A C   1 
ATOM   1469 O O   . TYR A 1 212 ? -0.086  -23.028 -14.975 1.00 23.51 ? 212 TYR A O   1 
ATOM   1470 C CB  . TYR A 1 212 ? -1.520  -20.333 -14.783 1.00 20.72 ? 212 TYR A CB  1 
ATOM   1471 C CG  . TYR A 1 212 ? -2.692  -19.628 -14.171 1.00 22.66 ? 212 TYR A CG  1 
ATOM   1472 C CD1 . TYR A 1 212 ? -3.894  -20.327 -13.779 1.00 22.69 ? 212 TYR A CD1 1 
ATOM   1473 C CD2 . TYR A 1 212 ? -2.608  -18.255 -13.887 1.00 23.67 ? 212 TYR A CD2 1 
ATOM   1474 C CE1 . TYR A 1 212 ? -4.909  -19.686 -13.126 1.00 20.63 ? 212 TYR A CE1 1 
ATOM   1475 C CE2 . TYR A 1 212 ? -3.668  -17.618 -13.286 1.00 22.36 ? 212 TYR A CE2 1 
ATOM   1476 C CZ  . TYR A 1 212 ? -4.822  -18.322 -12.963 1.00 21.54 ? 212 TYR A CZ  1 
ATOM   1477 O OH  . TYR A 1 212 ? -5.775  -17.667 -12.312 1.00 25.34 ? 212 TYR A OH  1 
ATOM   1478 N N   . GLY A 1 213 ? 1.632   -21.778 -14.192 1.00 24.92 ? 213 GLY A N   1 
ATOM   1479 C CA  . GLY A 1 213 ? 2.726   -22.482 -14.915 1.00 25.64 ? 213 GLY A CA  1 
ATOM   1480 C C   . GLY A 1 213 ? 3.085   -23.807 -14.196 1.00 28.74 ? 213 GLY A C   1 
ATOM   1481 O O   . GLY A 1 213 ? 3.056   -23.880 -12.952 1.00 25.40 ? 213 GLY A O   1 
ATOM   1482 N N   . GLU A 1 214 ? 3.345   -24.885 -14.949 1.00 32.61 ? 214 GLU A N   1 
ATOM   1483 C CA  . GLU A 1 214 ? 3.370   -26.268 -14.319 1.00 37.58 ? 214 GLU A CA  1 
ATOM   1484 C C   . GLU A 1 214 ? 4.810   -26.572 -14.036 1.00 42.00 ? 214 GLU A C   1 
ATOM   1485 O O   . GLU A 1 214 ? 5.672   -26.093 -14.789 1.00 42.84 ? 214 GLU A O   1 
ATOM   1486 C CB  . GLU A 1 214 ? 2.701   -27.344 -15.221 1.00 44.30 ? 214 GLU A CB  1 
ATOM   1487 C CG  . GLU A 1 214 ? 2.149   -28.580 -14.475 1.00 47.70 ? 214 GLU A CG  1 
HETATM 1488 O O1  . P93 B 2 .   ? 0.233   -5.668  -5.185  1.00 24.37 ? 301 P93 A O1  1 
HETATM 1489 C C5  . P93 B 2 .   ? 0.134   -6.142  -4.032  1.00 21.06 ? 301 P93 A C5  1 
HETATM 1490 N N1  . P93 B 2 .   ? 0.704   -5.582  -2.944  1.00 24.80 ? 301 P93 A N1  1 
HETATM 1491 C C9  . P93 B 2 .   ? 0.490   -6.154  -1.629  1.00 24.59 ? 301 P93 A C9  1 
HETATM 1492 C C8  . P93 B 2 .   ? 1.106   -5.062  -0.735  1.00 27.64 ? 301 P93 A C8  1 
HETATM 1493 C C7  . P93 B 2 .   ? 1.693   -3.928  -1.526  1.00 27.91 ? 301 P93 A C7  1 
HETATM 1494 C C6  . P93 B 2 .   ? 1.518   -4.347  -2.977  1.00 22.58 ? 301 P93 A C6  1 
HETATM 1495 N N   . P93 B 2 .   ? -0.676  -7.169  -3.838  1.00 21.10 ? 301 P93 A N   1 
HETATM 1496 C C4  . P93 B 2 .   ? -1.459  -7.635  -4.955  1.00 22.23 ? 301 P93 A C4  1 
HETATM 1497 C C3  . P93 B 2 .   ? -2.688  -8.343  -4.535  1.00 25.41 ? 301 P93 A C3  1 
HETATM 1498 C C   . P93 B 2 .   ? -3.003  -8.742  -3.238  1.00 27.85 ? 301 P93 A C   1 
HETATM 1499 C C2  . P93 B 2 .   ? -3.678  -8.683  -5.394  1.00 29.74 ? 301 P93 A C2  1 
HETATM 1500 O O   . P93 B 2 .   ? -4.612  -9.337  -4.589  1.00 36.78 ? 301 P93 A O   1 
HETATM 1501 C C1  . P93 B 2 .   ? -4.238  -9.348  -3.294  1.00 27.61 ? 301 P93 A C1  1 
HETATM 1502 O O   . HOH C 3 .   ? -3.923  -21.716 1.371   1.00 34.39 ? 401 HOH A O   1 
HETATM 1503 O O   . HOH C 3 .   ? 16.064  -0.533  -5.711  1.00 26.41 ? 402 HOH A O   1 
HETATM 1504 O O   . HOH C 3 .   ? -3.937  1.796   -13.815 1.00 23.45 ? 403 HOH A O   1 
HETATM 1505 O O   . HOH C 3 .   ? -2.635  14.136  21.920  1.00 35.09 ? 404 HOH A O   1 
HETATM 1506 O O   . HOH C 3 .   ? -6.021  -18.000 2.626   1.00 22.85 ? 405 HOH A O   1 
HETATM 1507 O O   . HOH C 3 .   ? 2.578   0.167   -14.991 1.00 19.54 ? 406 HOH A O   1 
HETATM 1508 O O   . HOH C 3 .   ? -4.307  -9.590  9.429   1.00 31.49 ? 407 HOH A O   1 
HETATM 1509 O O   . HOH C 3 .   ? -5.489  -28.186 -9.841  1.00 37.52 ? 408 HOH A O   1 
HETATM 1510 O O   . HOH C 3 .   ? -10.078 -20.747 -1.486  1.00 34.14 ? 409 HOH A O   1 
HETATM 1511 O O   . HOH C 3 .   ? 4.026   -22.240 5.037   0.50 28.85 ? 410 HOH A O   1 
HETATM 1512 O O   . HOH C 3 .   ? 1.366   10.982  -0.465  1.00 26.15 ? 411 HOH A O   1 
HETATM 1513 O O   . HOH C 3 .   ? 5.853   -4.538  8.938   1.00 36.51 ? 412 HOH A O   1 
HETATM 1514 O O   . HOH C 3 .   ? -0.783  -22.867 -8.653  1.00 22.92 ? 413 HOH A O   1 
HETATM 1515 O O   . HOH C 3 .   ? -7.833  -12.119 3.796   1.00 31.96 ? 414 HOH A O   1 
HETATM 1516 O O   . HOH C 3 .   ? 10.658  -1.421  -9.531  1.00 20.71 ? 415 HOH A O   1 
HETATM 1517 O O   . HOH C 3 .   ? 8.906   8.658   7.734   1.00 32.57 ? 416 HOH A O   1 
HETATM 1518 O O   . HOH C 3 .   ? -1.561  -14.538 5.759   1.00 23.09 ? 417 HOH A O   1 
HETATM 1519 O O   . HOH C 3 .   ? -6.942  -0.037  10.185  1.00 37.53 ? 418 HOH A O   1 
HETATM 1520 O O   . HOH C 3 .   ? 8.081   4.319   -2.625  1.00 29.70 ? 419 HOH A O   1 
HETATM 1521 O O   . HOH C 3 .   ? 1.577   -8.498  -18.326 1.00 27.13 ? 420 HOH A O   1 
HETATM 1522 O O   . HOH C 3 .   ? -4.484  22.194  23.431  1.00 24.41 ? 421 HOH A O   1 
HETATM 1523 O O   . HOH C 3 .   ? -7.264  -5.515  -16.327 1.00 32.40 ? 422 HOH A O   1 
HETATM 1524 O O   . HOH C 3 .   ? 10.856  2.099   -1.882  1.00 39.87 ? 423 HOH A O   1 
HETATM 1525 O O   . HOH C 3 .   ? -0.927  -0.356  14.283  1.00 41.51 ? 424 HOH A O   1 
HETATM 1526 O O   . HOH C 3 .   ? -1.231  -25.273 -1.026  1.00 33.08 ? 425 HOH A O   1 
HETATM 1527 O O   . HOH C 3 .   ? 5.472   -26.246 3.162   1.00 34.48 ? 426 HOH A O   1 
HETATM 1528 O O   . HOH C 3 .   ? 7.317   5.496   -16.334 1.00 22.78 ? 427 HOH A O   1 
HETATM 1529 O O   . HOH C 3 .   ? 9.842   -2.871  0.384   1.00 29.24 ? 428 HOH A O   1 
HETATM 1530 O O   . HOH C 3 .   ? 2.680   -1.715  -17.167 1.00 20.47 ? 429 HOH A O   1 
HETATM 1531 O O   . HOH C 3 .   ? 1.476   10.629  -5.335  1.00 30.24 ? 430 HOH A O   1 
HETATM 1532 O O   . HOH C 3 .   ? -5.126  27.250  17.449  1.00 28.32 ? 431 HOH A O   1 
HETATM 1533 O O   . HOH C 3 .   ? 2.413   12.158  -2.909  1.00 39.60 ? 432 HOH A O   1 
HETATM 1534 O O   . HOH C 3 .   ? -1.675  30.063  20.769  1.00 31.90 ? 433 HOH A O   1 
HETATM 1535 O O   . HOH C 3 .   ? 0.432   -27.515 -1.367  1.00 40.09 ? 434 HOH A O   1 
HETATM 1536 O O   . HOH C 3 .   ? 0.423   1.465   -15.995 1.00 28.67 ? 435 HOH A O   1 
# 
